data_7XZZ
#
_entry.id   7XZZ
#
loop_
_entity.id
_entity.type
_entity.pdbx_description
1 polymer 'Histone H3.1'
2 polymer 'Histone H4'
3 polymer 'Histone H2A type 1-B/E'
4 polymer 'Histone H2B type 1-J'
5 polymer 'DNA (169-MER)'
6 polymer 'DNA (169-MER)'
7 polymer 'Cellular tumor antigen p53'
#
loop_
_entity_poly.entity_id
_entity_poly.type
_entity_poly.pdbx_seq_one_letter_code
_entity_poly.pdbx_strand_id
1 'polypeptide(L)'
;GSHMARTKQTARKSTGGKAPRKQLATKAARKSAPATGGVKKPHRYRPGTVALREIRRYQKSTELLIRKLPFQRLVREIAQ
DFKTDLRFQSSAVMALQEACEAYLVGLFEDTNLCAIHAKRVTIMPKDIQLARRIRGERA
;
A,E
2 'polypeptide(L)'
;GSHMSGRGKGGKGLGKGGAKRHRKVLRDNIQGITKPAIRRLARRGGVKRISGLIYEETRGVLKVFLENVIRDAVTYTEHA
KRKTVTAMDVVYALKRQGRTLYGFGG
;
B,F
3 'polypeptide(L)'
;GSHMSGRGKQGGKARAKAKTRSSRAGLQFPVGRVHRLLRKGNYSERVGAGAPVYLAAVLEYLTAEILELAGNAARDNKKT
RIIPRHLQLAIRNDEELNKLLGRVTIAQGGVLPNIQAVLLPKKTESHHKAKGK
;
C,G
4 'polypeptide(L)'
;GSHMPEPAKSAPAPKKGSKKAVTKAQKKDGKKRKRSRKESYSIYVYKVLKQVHPDTGISSKAMGIMNSFVNDIFERIAGE
ASRLAHYNKRSTITSREIQTAVRLLLPGELAKHAVSEGTKAVTKYTSAK
;
D,H
5 'polydeoxyribonucleotide'
;(DC)(DT)(DG)(DA)(DG)(DA)(DA)(DT)(DC)(DC)(DG)(DG)(DT)(DG)(DC)(DC)(DG)(DA)(DG)(DG)
(DC)(DC)(DG)(DC)(DT)(DC)(DA)(DA)(DT)(DT)(DG)(DG)(DT)(DC)(DG)(DT)(DA)(DG)(DA)(DC)
(DA)(DG)(DC)(DT)(DC)(DT)(DA)(DG)(DC)(DA)(DC)(DC)(DG)(DC)(DT)(DT)(DA)(DA)(DA)(DC)
(DG)(DC)(DA)(DC)(DG)(DT)(DA)(DC)(DG)(DC)(DG)(DC)(DT)(DG)(DT)(DC)(DC)(DC)(DC)(DC)
(DG)(DC)(DG)(DT)(DT)(DT)(DT)(DA)(DA)(DC)(DC)(DG)(DC)(DC)(DA)(DA)(DG)(DG)(DG)(DG)
(DA)(DT)(DT)(DA)(DC)(DT)(DC)(DC)(DC)(DT)(DA)(DG)(DT)(DC)(DT)(DC)(DC)(DA)(DG)(DG)
(DC)(DA)(DC)(DG)(DT)(DG)(DT)(DC)(DA)(DG)(DA)(DT)(DA)(DT)(DA)(DG)(DG)(DG)(DC)(DA)
(DT)(DG)(DT)(DC)(DC)(DG)(DG)(DG)(DC)(DA)(DT)(DG)(DT)(DC)(DC)(DC)(DG)(DA)(DA)(DA)
(DT)(DT)(DC)(DA)(DT)(DA)(DG)(DA)(DT)
;
I
6 'polydeoxyribonucleotide'
;(DA)(DT)(DC)(DT)(DA)(DT)(DG)(DA)(DA)(DT)(DT)(DT)(DC)(DG)(DG)(DG)(DA)(DC)(DA)(DT)
(DG)(DC)(DC)(DC)(DG)(DG)(DA)(DC)(DA)(DT)(DG)(DC)(DC)(DC)(DT)(DA)(DT)(DA)(DT)(DC)
(DT)(DG)(DA)(DC)(DA)(DC)(DG)(DT)(DG)(DC)(DC)(DT)(DG)(DG)(DA)(DG)(DA)(DC)(DT)(DA)
(DG)(DG)(DG)(DA)(DG)(DT)(DA)(DA)(DT)(DC)(DC)(DC)(DC)(DT)(DT)(DG)(DG)(DC)(DG)(DG)
(DT)(DT)(DA)(DA)(DA)(DA)(DC)(DG)(DC)(DG)(DG)(DG)(DG)(DG)(DA)(DC)(DA)(DG)(DC)(DG)
(DC)(DG)(DT)(DA)(DC)(DG)(DT)(DG)(DC)(DG)(DT)(DT)(DT)(DA)(DA)(DG)(DC)(DG)(DG)(DT)
(DG)(DC)(DT)(DA)(DG)(DA)(DG)(DC)(DT)(DG)(DT)(DC)(DT)(DA)(DC)(DG)(DA)(DC)(DC)(DA)
(DA)(DT)(DT)(DG)(DA)(DG)(DC)(DG)(DG)(DC)(DC)(DT)(DC)(DG)(DG)(DC)(DA)(DC)(DC)(DG)
(DG)(DA)(DT)(DT)(DC)(DT)(DC)(DA)(DG)
;
J
7 'polypeptide(L)'
;GSMEEPQSDPSVEPPLSQETFSDLWKLLPENNVLSPLPSQAMDDLMLSPDDIEQWFTEDPGPDEAPRMPEAAPPVAPAPA
APTPAAPAPAPSWPLSSSVPSQKTYQGSYGFRLGFLHSGTAKSVTCTYSPALNKMFCQLAKTCPVQLWVDSTPPPGTRVR
AMAIYKQSQHMTEVVRRCPHHERCSDSDGLAPPQHLIRVEGNLRVEYLDDRNTFRHSVVVPYEPPEVGSDCTTIHYNYMC
NSSCMGGMNRRPILTIITLEDSSGNLLGRNSFEVRVCACPGRDRRTEEENLRKKGEPHHELPPGSTKRALPNNTSSSPQP
KKKPLDGEYFTLQIRGRERFEMFRELNEALELKDAQAGKEPGGSRAHSSHLKSKKGQSTSRHKKLMFKTEGPDSD
;
K,L,M,N
#
# COMPACT_ATOMS: atom_id res chain seq x y z
N PRO A 42 -6.87 19.18 6.31
CA PRO A 42 -6.58 18.22 5.23
C PRO A 42 -6.21 16.84 5.77
N HIS A 43 -5.41 16.10 5.01
CA HIS A 43 -5.02 14.76 5.41
C HIS A 43 -3.75 14.81 6.25
N ARG A 44 -3.66 13.93 7.24
CA ARG A 44 -2.50 13.85 8.11
C ARG A 44 -2.25 12.40 8.50
N TYR A 45 -1.01 11.96 8.32
CA TYR A 45 -0.64 10.60 8.66
C TYR A 45 -0.51 10.42 10.16
N ARG A 46 -0.82 9.21 10.62
CA ARG A 46 -0.74 8.90 12.04
C ARG A 46 0.73 8.87 12.47
N PRO A 47 1.05 9.27 13.71
CA PRO A 47 2.43 9.14 14.17
C PRO A 47 2.93 7.70 14.12
N GLY A 48 4.01 7.48 13.39
CA GLY A 48 4.61 6.15 13.31
C GLY A 48 4.62 5.53 11.92
N THR A 49 3.58 5.77 11.12
CA THR A 49 3.53 5.21 9.78
C THR A 49 4.64 5.74 8.87
N VAL A 50 4.89 7.06 8.88
CA VAL A 50 5.88 7.62 7.98
C VAL A 50 7.28 7.29 8.48
N ALA A 51 7.48 7.24 9.80
CA ALA A 51 8.77 6.81 10.34
C ALA A 51 9.11 5.41 9.84
N LEU A 52 8.17 4.47 9.97
CA LEU A 52 8.38 3.11 9.48
C LEU A 52 8.60 3.09 7.98
N ARG A 53 7.82 3.86 7.22
CA ARG A 53 8.03 3.94 5.77
C ARG A 53 9.44 4.39 5.45
N GLU A 54 9.96 5.38 6.18
CA GLU A 54 11.32 5.87 5.94
C GLU A 54 12.34 4.80 6.33
N ILE A 55 12.08 4.07 7.41
CA ILE A 55 13.00 2.99 7.80
C ILE A 55 13.09 1.96 6.69
N ARG A 56 11.93 1.51 6.19
CA ARG A 56 11.91 0.53 5.10
C ARG A 56 12.61 1.09 3.87
N ARG A 57 12.31 2.34 3.52
CA ARG A 57 12.92 2.98 2.35
C ARG A 57 14.43 2.97 2.43
N TYR A 58 14.99 3.42 3.56
CA TYR A 58 16.44 3.56 3.62
C TYR A 58 17.13 2.24 3.94
N GLN A 59 16.43 1.24 4.47
CA GLN A 59 17.04 -0.06 4.63
C GLN A 59 16.99 -0.88 3.35
N LYS A 60 16.08 -0.54 2.43
CA LYS A 60 16.00 -1.24 1.15
C LYS A 60 17.09 -0.80 0.17
N SER A 61 17.54 0.45 0.26
CA SER A 61 18.45 1.03 -0.71
C SER A 61 19.85 1.12 -0.11
N THR A 62 20.80 1.67 -0.90
CA THR A 62 22.19 1.65 -0.51
C THR A 62 22.90 3.00 -0.59
N GLU A 63 22.22 4.07 -0.97
CA GLU A 63 22.90 5.35 -1.10
C GLU A 63 23.33 5.88 0.28
N LEU A 64 24.45 6.61 0.27
CA LEU A 64 24.99 7.21 1.49
C LEU A 64 24.03 8.26 2.04
N LEU A 65 23.97 8.37 3.37
CA LEU A 65 23.02 9.25 4.03
C LEU A 65 23.66 10.50 4.61
N ILE A 66 24.98 10.52 4.76
CA ILE A 66 25.68 11.71 5.24
C ILE A 66 26.15 12.52 4.05
N ARG A 67 25.99 13.84 4.14
CA ARG A 67 26.41 14.70 3.05
C ARG A 67 27.92 14.69 2.87
N LYS A 68 28.35 14.63 1.62
CA LYS A 68 29.78 14.52 1.30
C LYS A 68 30.57 15.71 1.82
N LEU A 69 30.18 16.93 1.42
CA LEU A 69 30.99 18.11 1.71
C LEU A 69 31.12 18.40 3.20
N PRO A 70 30.05 18.39 4.01
CA PRO A 70 30.26 18.61 5.45
C PRO A 70 31.08 17.51 6.11
N PHE A 71 30.93 16.26 5.68
CA PHE A 71 31.76 15.20 6.25
C PHE A 71 33.24 15.45 5.94
N GLN A 72 33.54 15.80 4.68
CA GLN A 72 34.91 16.11 4.32
C GLN A 72 35.45 17.28 5.13
N ARG A 73 34.63 18.33 5.28
CA ARG A 73 35.05 19.49 6.05
C ARG A 73 35.36 19.12 7.50
N LEU A 74 34.51 18.31 8.12
CA LEU A 74 34.75 17.86 9.50
C LEU A 74 36.06 17.08 9.58
N VAL A 75 36.25 16.14 8.66
CA VAL A 75 37.46 15.31 8.64
C VAL A 75 38.70 16.20 8.51
N ARG A 76 38.64 17.17 7.62
CA ARG A 76 39.79 18.06 7.42
C ARG A 76 40.04 18.91 8.64
N GLU A 77 38.97 19.41 9.27
CA GLU A 77 39.08 20.21 10.50
C GLU A 77 39.79 19.43 11.58
N ILE A 78 39.34 18.20 11.83
CA ILE A 78 39.98 17.39 12.87
C ILE A 78 41.43 17.14 12.49
N ALA A 79 41.70 16.88 11.20
CA ALA A 79 43.04 16.61 10.74
C ALA A 79 44.04 17.75 10.98
N GLN A 80 43.60 19.01 10.93
CA GLN A 80 44.58 20.11 11.08
C GLN A 80 45.30 19.97 12.43
N ASP A 81 44.59 19.48 13.47
CA ASP A 81 45.14 19.35 14.81
C ASP A 81 45.98 18.08 14.95
N PHE A 82 46.04 17.25 13.92
CA PHE A 82 46.93 16.09 13.96
C PHE A 82 48.16 16.31 13.10
N LYS A 83 47.98 16.78 11.87
CA LYS A 83 49.10 17.09 11.00
C LYS A 83 48.67 18.20 10.04
N THR A 84 49.57 19.13 9.77
CA THR A 84 49.27 20.30 8.96
C THR A 84 49.06 19.93 7.49
N ASP A 85 48.37 20.83 6.78
CA ASP A 85 48.18 20.85 5.32
C ASP A 85 48.11 19.46 4.70
N LEU A 86 47.26 18.62 5.27
CA LEU A 86 47.02 17.29 4.74
C LEU A 86 46.20 17.36 3.44
N ARG A 87 46.51 16.45 2.52
CA ARG A 87 45.70 16.22 1.34
C ARG A 87 45.07 14.83 1.45
N PHE A 88 43.83 14.73 0.97
CA PHE A 88 43.03 13.51 1.12
C PHE A 88 42.54 13.05 -0.25
N GLN A 89 42.71 11.76 -0.52
CA GLN A 89 42.18 11.17 -1.74
C GLN A 89 40.66 11.07 -1.67
N SER A 90 40.03 11.13 -2.85
CA SER A 90 38.58 10.94 -2.93
C SER A 90 38.16 9.61 -2.32
N SER A 91 38.84 8.53 -2.71
CA SER A 91 38.44 7.24 -2.16
C SER A 91 38.73 7.17 -0.66
N ALA A 92 39.62 8.03 -0.16
CA ALA A 92 39.87 8.06 1.28
C ALA A 92 38.70 8.69 2.03
N VAL A 93 38.14 9.77 1.50
CA VAL A 93 37.00 10.39 2.15
C VAL A 93 35.79 9.46 2.05
N MET A 94 35.62 8.83 0.88
CA MET A 94 34.52 7.87 0.75
C MET A 94 34.69 6.70 1.72
N ALA A 95 35.94 6.28 1.96
CA ALA A 95 36.18 5.20 2.92
C ALA A 95 35.78 5.64 4.32
N LEU A 96 36.20 6.84 4.74
CA LEU A 96 35.81 7.34 6.06
C LEU A 96 34.30 7.45 6.17
N GLN A 97 33.63 7.84 5.09
CA GLN A 97 32.18 8.02 5.18
C GLN A 97 31.47 6.68 5.26
N GLU A 98 31.88 5.70 4.45
CA GLU A 98 31.31 4.36 4.55
C GLU A 98 31.50 3.78 5.95
N ALA A 99 32.71 3.91 6.50
CA ALA A 99 32.99 3.38 7.84
C ALA A 99 32.14 4.08 8.88
N CYS A 100 32.04 5.42 8.79
CA CYS A 100 31.28 6.17 9.77
C CYS A 100 29.80 5.81 9.72
N GLU A 101 29.24 5.71 8.50
CA GLU A 101 27.83 5.42 8.42
C GLU A 101 27.53 4.01 8.90
N ALA A 102 28.38 3.04 8.55
CA ALA A 102 28.20 1.69 9.07
C ALA A 102 28.28 1.66 10.60
N TYR A 103 29.24 2.39 11.17
CA TYR A 103 29.38 2.40 12.62
C TYR A 103 28.17 3.01 13.30
N LEU A 104 27.69 4.15 12.80
CA LEU A 104 26.53 4.80 13.40
C LEU A 104 25.27 3.96 13.22
N VAL A 105 25.06 3.37 12.04
CA VAL A 105 23.88 2.51 11.85
C VAL A 105 23.92 1.34 12.83
N GLY A 106 25.06 0.68 12.97
CA GLY A 106 25.14 -0.42 13.93
C GLY A 106 24.91 0.03 15.36
N LEU A 107 25.50 1.18 15.74
CA LEU A 107 25.29 1.70 17.08
C LEU A 107 23.83 2.04 17.32
N PHE A 108 23.14 2.55 16.29
CA PHE A 108 21.73 2.86 16.44
C PHE A 108 20.88 1.61 16.52
N GLU A 109 21.30 0.55 15.83
CA GLU A 109 20.64 -0.74 15.98
C GLU A 109 20.73 -1.22 17.43
N ASP A 110 21.94 -1.18 17.99
CA ASP A 110 22.11 -1.65 19.36
C ASP A 110 21.35 -0.76 20.34
N THR A 111 21.43 0.57 20.15
CA THR A 111 20.67 1.50 20.96
C THR A 111 19.18 1.21 20.92
N ASN A 112 18.64 0.96 19.72
CA ASN A 112 17.23 0.62 19.62
C ASN A 112 16.90 -0.66 20.38
N LEU A 113 17.77 -1.67 20.26
CA LEU A 113 17.54 -2.90 21.01
C LEU A 113 17.56 -2.67 22.52
N CYS A 114 18.46 -1.82 23.01
CA CYS A 114 18.48 -1.54 24.44
C CYS A 114 17.25 -0.75 24.88
N ALA A 115 16.82 0.23 24.09
CA ALA A 115 15.62 0.99 24.40
C ALA A 115 14.39 0.10 24.44
N ILE A 116 14.19 -0.75 23.41
CA ILE A 116 13.05 -1.64 23.40
C ILE A 116 13.10 -2.60 24.57
N HIS A 117 14.31 -3.06 24.93
CA HIS A 117 14.45 -3.92 26.10
C HIS A 117 13.85 -3.28 27.35
N ALA A 118 13.97 -1.97 27.49
CA ALA A 118 13.43 -1.24 28.63
C ALA A 118 11.96 -0.85 28.42
N LYS A 119 11.26 -1.53 27.51
CA LYS A 119 9.85 -1.26 27.22
C LYS A 119 9.63 0.18 26.77
N ARG A 120 10.64 0.75 26.12
CA ARG A 120 10.56 2.08 25.53
C ARG A 120 10.69 1.99 24.01
N VAL A 121 10.36 3.10 23.35
CA VAL A 121 10.56 3.25 21.92
C VAL A 121 11.52 4.39 21.61
N THR A 122 11.45 5.48 22.36
CA THR A 122 12.31 6.63 22.13
C THR A 122 13.72 6.36 22.68
N ILE A 123 14.72 6.62 21.86
CA ILE A 123 16.12 6.47 22.25
C ILE A 123 16.54 7.71 23.04
N MET A 124 17.35 7.49 24.07
CA MET A 124 17.84 8.50 25.00
C MET A 124 19.36 8.55 24.97
N PRO A 125 19.96 9.66 25.42
CA PRO A 125 21.43 9.68 25.54
C PRO A 125 21.95 8.55 26.40
N LYS A 126 21.24 8.22 27.47
CA LYS A 126 21.66 7.13 28.35
C LYS A 126 21.66 5.80 27.59
N ASP A 127 20.80 5.67 26.58
CA ASP A 127 20.79 4.49 25.74
C ASP A 127 22.09 4.39 24.94
N ILE A 128 22.50 5.50 24.32
CA ILE A 128 23.77 5.52 23.58
C ILE A 128 24.91 5.16 24.52
N GLN A 129 24.92 5.75 25.72
CA GLN A 129 26.02 5.51 26.64
C GLN A 129 26.05 4.06 27.11
N LEU A 130 24.87 3.46 27.33
CA LEU A 130 24.83 2.05 27.70
C LEU A 130 25.34 1.17 26.56
N ALA A 131 24.89 1.44 25.34
CA ALA A 131 25.32 0.63 24.20
C ALA A 131 26.83 0.69 24.03
N ARG A 132 27.41 1.89 24.16
CA ARG A 132 28.85 2.02 23.97
C ARG A 132 29.63 1.42 25.12
N ARG A 133 29.10 1.52 26.35
CA ARG A 133 29.76 0.90 27.49
C ARG A 133 29.76 -0.62 27.37
N ILE A 134 28.62 -1.21 26.95
CA ILE A 134 28.55 -2.66 26.86
C ILE A 134 29.36 -3.17 25.67
N ARG A 135 29.44 -2.39 24.59
CA ARG A 135 30.30 -2.76 23.47
C ARG A 135 31.77 -2.74 23.88
N GLY A 136 32.10 -2.01 24.94
CA GLY A 136 33.45 -1.97 25.47
C GLY A 136 34.34 -0.85 24.99
N GLU A 137 33.81 0.15 24.28
CA GLU A 137 34.61 1.32 23.92
C GLU A 137 34.46 2.46 24.90
N ARG A 138 33.45 2.44 25.77
CA ARG A 138 33.24 3.51 26.74
C ARG A 138 33.68 3.09 28.13
N VAL B 25 42.34 27.54 8.05
CA VAL B 25 41.99 26.57 9.07
C VAL B 25 40.47 26.49 9.23
N LEU B 26 39.91 25.32 8.92
CA LEU B 26 38.48 25.13 9.05
C LEU B 26 38.06 25.17 10.52
N ARG B 27 36.95 25.85 10.79
CA ARG B 27 36.49 26.07 12.15
C ARG B 27 34.99 25.84 12.21
N ASP B 28 34.56 25.13 13.27
CA ASP B 28 33.16 24.81 13.51
C ASP B 28 32.52 24.08 12.33
N ASN B 29 33.20 23.04 11.84
CA ASN B 29 32.64 22.15 10.83
C ASN B 29 31.79 21.05 11.44
N ILE B 30 31.82 20.89 12.77
CA ILE B 30 31.00 19.90 13.44
C ILE B 30 29.52 20.19 13.22
N GLN B 31 29.15 21.44 12.95
CA GLN B 31 27.75 21.78 12.73
C GLN B 31 27.26 21.32 11.36
N GLY B 32 28.15 20.87 10.48
CA GLY B 32 27.74 20.32 9.21
C GLY B 32 27.08 18.96 9.28
N ILE B 33 27.28 18.22 10.37
CA ILE B 33 26.56 16.96 10.56
C ILE B 33 25.16 17.28 11.07
N THR B 34 24.21 17.40 10.15
CA THR B 34 22.92 17.98 10.47
C THR B 34 22.04 17.01 11.25
N LYS B 35 21.02 17.57 11.90
CA LYS B 35 20.02 16.78 12.60
C LYS B 35 19.31 15.77 11.69
N PRO B 36 18.84 16.12 10.49
CA PRO B 36 18.18 15.11 9.66
C PRO B 36 19.11 14.00 9.20
N ALA B 37 20.41 14.26 9.09
CA ALA B 37 21.33 13.20 8.69
C ALA B 37 21.42 12.16 9.80
N ILE B 38 21.52 12.61 11.05
CA ILE B 38 21.58 11.70 12.18
C ILE B 38 20.26 10.94 12.29
N ARG B 39 19.14 11.64 12.04
CA ARG B 39 17.84 10.98 12.00
C ARG B 39 17.81 9.88 10.94
N ARG B 40 18.34 10.15 9.74
CA ARG B 40 18.35 9.14 8.69
C ARG B 40 19.21 7.93 9.10
N LEU B 41 20.37 8.20 9.68
CA LEU B 41 21.22 7.12 10.20
C LEU B 41 20.46 6.29 11.22
N ALA B 42 19.68 6.93 12.09
CA ALA B 42 18.91 6.19 13.08
C ALA B 42 17.81 5.37 12.43
N ARG B 43 17.16 5.93 11.41
CA ARG B 43 16.17 5.19 10.64
C ARG B 43 16.78 3.93 10.03
N ARG B 44 17.96 4.04 9.42
CA ARG B 44 18.63 2.86 8.88
C ARG B 44 18.97 1.87 9.98
N GLY B 45 19.24 2.36 11.19
CA GLY B 45 19.47 1.49 12.32
C GLY B 45 18.22 0.95 12.98
N GLY B 46 17.05 1.30 12.48
CA GLY B 46 15.79 0.80 13.01
C GLY B 46 15.17 1.64 14.10
N VAL B 47 15.62 2.87 14.29
CA VAL B 47 15.10 3.73 15.34
C VAL B 47 13.85 4.44 14.83
N LYS B 48 12.78 4.39 15.62
CA LYS B 48 11.50 4.96 15.22
C LYS B 48 11.30 6.38 15.72
N ARG B 49 11.82 6.71 16.90
CA ARG B 49 11.65 8.03 17.49
C ARG B 49 12.96 8.46 18.13
N ILE B 50 13.31 9.73 17.98
CA ILE B 50 14.61 10.25 18.38
C ILE B 50 14.41 11.49 19.23
N SER B 51 14.94 11.45 20.44
CA SER B 51 14.92 12.60 21.33
C SER B 51 15.78 13.73 20.77
N GLY B 52 15.37 14.97 21.07
CA GLY B 52 16.12 16.14 20.67
C GLY B 52 17.51 16.16 21.28
N LEU B 53 17.66 15.52 22.44
CA LEU B 53 18.94 15.52 23.13
C LEU B 53 19.94 14.52 22.57
N ILE B 54 19.51 13.64 21.67
CA ILE B 54 20.35 12.60 21.07
C ILE B 54 21.54 13.18 20.29
N TYR B 55 21.30 14.27 19.57
CA TYR B 55 22.23 14.79 18.58
C TYR B 55 23.61 15.14 19.14
N GLU B 56 23.70 15.90 20.24
CA GLU B 56 25.04 16.19 20.74
C GLU B 56 25.81 14.91 21.11
N GLU B 57 25.16 13.93 21.74
CA GLU B 57 25.91 12.72 22.09
C GLU B 57 26.39 12.03 20.82
N THR B 58 25.51 11.95 19.82
CA THR B 58 25.89 11.27 18.57
C THR B 58 27.08 12.00 17.95
N ARG B 59 27.06 13.34 18.00
CA ARG B 59 28.13 14.11 17.39
C ARG B 59 29.43 13.82 18.12
N GLY B 60 29.38 13.76 19.44
CA GLY B 60 30.57 13.47 20.23
C GLY B 60 31.13 12.11 19.85
N VAL B 61 30.24 11.11 19.77
CA VAL B 61 30.68 9.75 19.45
C VAL B 61 31.36 9.76 18.08
N LEU B 62 30.75 10.46 17.12
CA LEU B 62 31.28 10.50 15.75
C LEU B 62 32.66 11.10 15.81
N LYS B 63 32.80 12.19 16.58
CA LYS B 63 34.07 12.91 16.68
C LYS B 63 35.12 11.97 17.21
N VAL B 64 34.77 11.19 18.24
CA VAL B 64 35.71 10.27 18.87
C VAL B 64 36.22 9.28 17.83
N PHE B 65 35.27 8.73 17.06
CA PHE B 65 35.64 7.76 16.04
C PHE B 65 36.67 8.41 15.14
N LEU B 66 36.38 9.63 14.68
CA LEU B 66 37.26 10.27 13.71
C LEU B 66 38.66 10.48 14.30
N GLU B 67 38.74 10.91 15.56
CA GLU B 67 40.08 11.24 16.12
C GLU B 67 40.94 9.97 16.18
N ASN B 68 40.34 8.81 16.46
CA ASN B 68 41.09 7.56 16.50
C ASN B 68 41.45 7.08 15.09
N VAL B 69 40.47 7.03 14.19
CA VAL B 69 40.74 6.51 12.85
C VAL B 69 41.76 7.38 12.15
N ILE B 70 41.58 8.70 12.21
CA ILE B 70 42.44 9.60 11.45
C ILE B 70 43.84 9.56 12.03
N ARG B 71 43.95 9.46 13.35
CA ARG B 71 45.26 9.35 13.99
C ARG B 71 46.02 8.16 13.44
N ASP B 72 45.35 7.02 13.32
CA ASP B 72 46.08 5.87 12.76
C ASP B 72 46.41 6.12 11.29
N ALA B 73 45.45 6.66 10.52
CA ALA B 73 45.69 6.86 9.10
C ALA B 73 46.89 7.77 8.88
N VAL B 74 46.92 8.89 9.61
CA VAL B 74 47.99 9.87 9.44
C VAL B 74 49.31 9.29 9.93
N THR B 75 49.27 8.46 10.98
CA THR B 75 50.49 7.82 11.44
C THR B 75 51.09 6.98 10.33
N TYR B 76 50.24 6.17 9.67
CA TYR B 76 50.73 5.36 8.55
C TYR B 76 51.26 6.26 7.44
N THR B 77 50.54 7.34 7.13
CA THR B 77 50.96 8.25 6.07
C THR B 77 52.35 8.81 6.39
N GLU B 78 52.58 9.18 7.64
CA GLU B 78 53.87 9.80 7.97
C GLU B 78 54.97 8.77 7.93
N HIS B 79 54.68 7.53 8.36
CA HIS B 79 55.70 6.50 8.29
C HIS B 79 56.10 6.24 6.85
N ALA B 80 55.13 6.29 5.94
CA ALA B 80 55.39 6.05 4.52
C ALA B 80 56.05 7.23 3.81
N LYS B 81 56.44 8.27 4.56
CA LYS B 81 57.01 9.49 3.99
C LYS B 81 56.10 10.12 2.95
N ARG B 82 54.80 10.13 3.22
CA ARG B 82 53.82 10.76 2.35
C ARG B 82 53.12 11.90 3.08
N LYS B 83 52.54 12.81 2.30
CA LYS B 83 51.72 13.89 2.84
C LYS B 83 50.25 13.76 2.46
N THR B 84 49.89 12.73 1.72
CA THR B 84 48.51 12.49 1.31
C THR B 84 48.05 11.17 1.90
N VAL B 85 46.97 11.22 2.68
CA VAL B 85 46.38 10.01 3.25
C VAL B 85 45.77 9.21 2.10
N THR B 86 46.16 7.94 2.00
CA THR B 86 45.68 7.09 0.92
C THR B 86 44.51 6.24 1.41
N ALA B 87 43.73 5.72 0.46
CA ALA B 87 42.65 4.80 0.80
C ALA B 87 43.16 3.57 1.53
N MET B 88 44.34 3.07 1.15
CA MET B 88 44.87 1.88 1.81
C MET B 88 45.21 2.18 3.27
N ASP B 89 45.73 3.37 3.55
CA ASP B 89 46.00 3.75 4.93
C ASP B 89 44.75 3.67 5.79
N VAL B 90 43.64 4.22 5.28
CA VAL B 90 42.38 4.22 6.03
C VAL B 90 41.85 2.80 6.21
N VAL B 91 41.85 2.01 5.13
CA VAL B 91 41.37 0.64 5.23
C VAL B 91 42.18 -0.16 6.24
N TYR B 92 43.50 0.00 6.21
CA TYR B 92 44.38 -0.67 7.18
C TYR B 92 44.12 -0.18 8.60
N ALA B 93 43.92 1.13 8.78
CA ALA B 93 43.60 1.66 10.09
C ALA B 93 42.33 1.01 10.62
N LEU B 94 41.31 0.92 9.77
CA LEU B 94 40.03 0.35 10.18
C LEU B 94 40.22 -1.12 10.55
N LYS B 95 40.99 -1.84 9.74
CA LYS B 95 41.27 -3.25 10.02
C LYS B 95 41.93 -3.41 11.38
N ARG B 96 42.95 -2.59 11.67
CA ARG B 96 43.69 -2.73 12.92
C ARG B 96 42.86 -2.26 14.10
N GLN B 97 41.76 -1.56 13.84
CA GLN B 97 40.78 -1.23 14.87
C GLN B 97 39.63 -2.23 14.92
N GLY B 98 39.76 -3.36 14.23
CA GLY B 98 38.73 -4.38 14.23
C GLY B 98 37.53 -4.10 13.36
N ARG B 99 37.39 -2.88 12.85
CA ARG B 99 36.28 -2.52 11.97
C ARG B 99 36.72 -2.57 10.50
N THR B 100 37.19 -3.75 10.09
CA THR B 100 37.65 -3.94 8.72
C THR B 100 36.57 -3.56 7.71
N LEU B 101 36.97 -2.79 6.70
CA LEU B 101 36.05 -2.30 5.68
C LEU B 101 36.43 -2.90 4.34
N TYR B 102 35.44 -3.45 3.63
CA TYR B 102 35.62 -4.01 2.30
C TYR B 102 35.26 -2.99 1.24
N GLY B 103 36.01 -2.97 0.15
CA GLY B 103 35.66 -2.19 -1.02
C GLY B 103 36.67 -1.14 -1.45
N PHE B 104 37.75 -0.92 -0.71
CA PHE B 104 38.73 0.10 -1.06
C PHE B 104 40.14 -0.47 -1.09
N GLY B 105 40.25 -1.78 -1.19
CA GLY B 105 41.54 -2.44 -1.26
C GLY B 105 41.73 -3.42 -0.13
N GLY B 106 42.52 -4.46 -0.39
CA GLY B 106 42.80 -5.48 0.59
C GLY B 106 44.26 -5.53 1.03
N ARG C 15 92.18 -9.40 22.20
CA ARG C 15 90.73 -9.26 22.04
C ARG C 15 90.16 -8.29 23.08
N ALA C 16 89.26 -7.41 22.63
CA ALA C 16 88.66 -6.43 23.51
C ALA C 16 87.73 -7.11 24.52
N LYS C 17 87.59 -6.48 25.68
CA LYS C 17 86.71 -7.01 26.72
C LYS C 17 85.26 -7.02 26.24
N ALA C 18 84.57 -8.13 26.51
CA ALA C 18 83.20 -8.28 26.04
C ALA C 18 82.24 -7.49 26.93
N LYS C 19 81.44 -6.64 26.30
CA LYS C 19 80.39 -5.89 26.99
C LYS C 19 79.14 -5.93 26.13
N THR C 20 77.98 -6.04 26.77
CA THR C 20 76.73 -6.29 26.07
C THR C 20 76.10 -5.00 25.57
N ARG C 21 75.25 -5.14 24.54
CA ARG C 21 74.57 -3.99 23.96
C ARG C 21 73.59 -3.37 24.94
N SER C 22 72.98 -4.19 25.80
CA SER C 22 72.08 -3.64 26.82
C SER C 22 72.82 -2.69 27.74
N SER C 23 74.04 -3.05 28.14
CA SER C 23 74.85 -2.18 28.98
C SER C 23 75.26 -0.92 28.23
N ARG C 24 75.61 -1.07 26.94
CA ARG C 24 75.95 0.08 26.12
C ARG C 24 74.76 1.03 25.98
N ALA C 25 73.54 0.51 26.03
CA ALA C 25 72.34 1.32 25.87
C ALA C 25 71.75 1.78 27.20
N GLY C 26 72.30 1.32 28.32
CA GLY C 26 71.76 1.70 29.62
C GLY C 26 70.44 1.04 29.94
N LEU C 27 70.19 -0.14 29.38
CA LEU C 27 68.95 -0.86 29.55
C LEU C 27 69.19 -2.15 30.34
N GLN C 28 68.11 -2.70 30.88
CA GLN C 28 68.20 -3.97 31.59
C GLN C 28 67.75 -5.16 30.75
N PHE C 29 66.80 -4.96 29.84
CA PHE C 29 66.37 -6.09 29.04
C PHE C 29 67.45 -6.48 28.03
N PRO C 30 67.55 -7.77 27.70
CA PRO C 30 68.67 -8.27 26.90
C PRO C 30 68.50 -7.92 25.43
N VAL C 31 69.37 -7.05 24.92
CA VAL C 31 69.33 -6.68 23.52
C VAL C 31 69.57 -7.90 22.64
N GLY C 32 70.56 -8.71 22.99
CA GLY C 32 70.84 -9.90 22.21
C GLY C 32 69.65 -10.84 22.11
N ARG C 33 68.99 -11.12 23.24
CA ARG C 33 67.84 -12.03 23.21
C ARG C 33 66.68 -11.48 22.41
N VAL C 34 66.34 -10.21 22.60
CA VAL C 34 65.25 -9.61 21.82
C VAL C 34 65.60 -9.63 20.33
N HIS C 35 66.86 -9.36 19.99
CA HIS C 35 67.30 -9.43 18.60
C HIS C 35 67.12 -10.84 18.04
N ARG C 36 67.53 -11.85 18.81
CA ARG C 36 67.38 -13.23 18.36
C ARG C 36 65.91 -13.60 18.17
N LEU C 37 65.05 -13.16 19.10
CA LEU C 37 63.63 -13.48 18.98
C LEU C 37 63.00 -12.78 17.78
N LEU C 38 63.47 -11.57 17.46
CA LEU C 38 63.00 -10.91 16.25
C LEU C 38 63.46 -11.65 15.01
N ARG C 39 64.73 -12.09 15.00
CA ARG C 39 65.26 -12.84 13.87
C ARG C 39 64.52 -14.15 13.66
N LYS C 40 64.16 -14.83 14.74
CA LYS C 40 63.59 -16.17 14.68
C LYS C 40 62.07 -16.15 14.80
N GLY C 41 61.45 -14.97 14.90
CA GLY C 41 60.01 -14.88 14.97
C GLY C 41 59.30 -14.87 13.63
N ASN C 42 60.04 -15.10 12.54
CA ASN C 42 59.51 -15.09 11.18
C ASN C 42 58.77 -13.80 10.88
N TYR C 43 59.40 -12.67 11.22
CA TYR C 43 58.87 -11.36 10.92
C TYR C 43 59.46 -10.74 9.67
N SER C 44 60.77 -10.93 9.45
CA SER C 44 61.44 -10.47 8.24
C SER C 44 62.75 -11.21 8.11
N GLU C 45 63.31 -11.18 6.89
CA GLU C 45 64.64 -11.75 6.68
C GLU C 45 65.74 -10.87 7.25
N ARG C 46 65.51 -9.56 7.34
CA ARG C 46 66.52 -8.63 7.82
C ARG C 46 65.98 -7.78 8.96
N VAL C 47 66.85 -7.53 9.94
CA VAL C 47 66.51 -6.74 11.12
C VAL C 47 67.65 -5.77 11.43
N GLY C 48 67.31 -4.51 11.65
CA GLY C 48 68.30 -3.50 11.97
C GLY C 48 68.80 -3.63 13.40
N ALA C 49 69.94 -2.97 13.65
CA ALA C 49 70.56 -3.01 14.96
C ALA C 49 69.78 -2.20 15.98
N GLY C 50 69.13 -1.11 15.56
CA GLY C 50 68.41 -0.24 16.45
C GLY C 50 67.01 -0.67 16.82
N ALA C 51 66.40 -1.56 16.00
CA ALA C 51 65.05 -2.03 16.31
C ALA C 51 65.00 -2.76 17.65
N PRO C 52 65.89 -3.70 17.97
CA PRO C 52 65.79 -4.36 19.28
C PRO C 52 66.14 -3.43 20.42
N VAL C 53 66.97 -2.41 20.19
CA VAL C 53 67.27 -1.44 21.24
C VAL C 53 66.01 -0.65 21.57
N TYR C 54 65.35 -0.14 20.54
CA TYR C 54 64.10 0.61 20.73
C TYR C 54 63.06 -0.25 21.44
N LEU C 55 62.85 -1.49 20.94
CA LEU C 55 61.87 -2.40 21.53
C LEU C 55 62.20 -2.66 22.99
N ALA C 56 63.47 -2.92 23.31
CA ALA C 56 63.85 -3.17 24.69
C ALA C 56 63.53 -1.94 25.54
N ALA C 57 63.77 -0.74 25.00
CA ALA C 57 63.49 0.47 25.76
C ALA C 57 62.00 0.63 26.05
N VAL C 58 61.15 0.35 25.05
CA VAL C 58 59.71 0.48 25.29
C VAL C 58 59.26 -0.56 26.32
N LEU C 59 59.73 -1.82 26.18
CA LEU C 59 59.34 -2.85 27.14
C LEU C 59 59.79 -2.52 28.54
N GLU C 60 61.02 -2.00 28.70
CA GLU C 60 61.52 -1.63 30.03
C GLU C 60 60.67 -0.51 30.60
N TYR C 61 60.36 0.50 29.78
CA TYR C 61 59.52 1.59 30.25
C TYR C 61 58.17 1.09 30.75
N LEU C 62 57.50 0.24 29.96
CA LEU C 62 56.18 -0.20 30.40
C LEU C 62 56.28 -1.01 31.68
N THR C 63 57.30 -1.87 31.77
CA THR C 63 57.54 -2.61 33.01
C THR C 63 57.77 -1.69 34.20
N ALA C 64 58.56 -0.62 34.03
CA ALA C 64 58.83 0.27 35.15
C ALA C 64 57.57 0.97 35.63
N GLU C 65 56.73 1.44 34.71
CA GLU C 65 55.48 2.10 35.14
C GLU C 65 54.51 1.12 35.80
N ILE C 66 54.31 -0.06 35.21
CA ILE C 66 53.40 -1.01 35.85
C ILE C 66 53.93 -1.43 37.22
N LEU C 67 55.23 -1.68 37.35
CA LEU C 67 55.79 -2.07 38.63
C LEU C 67 55.72 -0.95 39.64
N GLU C 68 55.93 0.30 39.20
CA GLU C 68 55.77 1.47 40.06
C GLU C 68 54.36 1.52 40.65
N LEU C 69 53.35 1.45 39.79
CA LEU C 69 51.98 1.52 40.28
C LEU C 69 51.64 0.33 41.17
N ALA C 70 52.11 -0.87 40.82
CA ALA C 70 51.83 -2.04 41.63
C ALA C 70 52.49 -1.92 43.00
N GLY C 71 53.72 -1.39 43.04
CA GLY C 71 54.36 -1.11 44.32
C GLY C 71 53.58 -0.11 45.15
N ASN C 72 53.12 0.98 44.52
CA ASN C 72 52.28 1.92 45.23
C ASN C 72 51.08 1.23 45.85
N ALA C 73 50.38 0.41 45.07
CA ALA C 73 49.20 -0.29 45.60
C ALA C 73 49.61 -1.23 46.74
N ALA C 74 50.75 -1.92 46.59
CA ALA C 74 51.21 -2.84 47.62
C ALA C 74 51.48 -2.12 48.94
N ARG C 75 52.13 -0.95 48.87
CA ARG C 75 52.38 -0.19 50.10
C ARG C 75 51.09 0.36 50.67
N ASP C 76 50.15 0.78 49.80
CA ASP C 76 48.85 1.21 50.27
C ASP C 76 48.14 0.09 51.05
N ASN C 77 48.42 -1.16 50.69
CA ASN C 77 47.88 -2.32 51.38
C ASN C 77 48.83 -2.85 52.45
N LYS C 78 49.91 -2.12 52.73
CA LYS C 78 50.94 -2.52 53.70
C LYS C 78 51.52 -3.89 53.35
N LYS C 79 51.72 -4.13 52.06
CA LYS C 79 52.39 -5.33 51.58
C LYS C 79 53.70 -4.96 50.90
N THR C 80 54.74 -5.74 51.17
CA THR C 80 56.05 -5.55 50.58
C THR C 80 56.31 -6.43 49.36
N ARG C 81 55.49 -7.45 49.13
CA ARG C 81 55.63 -8.34 47.98
C ARG C 81 54.51 -8.11 47.00
N ILE C 82 54.85 -7.91 45.74
CA ILE C 82 53.88 -7.71 44.67
C ILE C 82 53.16 -9.03 44.42
N ILE C 83 51.84 -9.00 44.43
CA ILE C 83 51.01 -10.16 44.14
C ILE C 83 50.15 -9.83 42.92
N PRO C 84 49.53 -10.81 42.27
CA PRO C 84 48.69 -10.50 41.11
C PRO C 84 47.60 -9.48 41.38
N ARG C 85 47.02 -9.48 42.59
CA ARG C 85 46.01 -8.48 42.94
C ARG C 85 46.54 -7.07 42.76
N HIS C 86 47.76 -6.81 43.22
CA HIS C 86 48.35 -5.48 43.07
C HIS C 86 48.59 -5.14 41.61
N LEU C 87 48.96 -6.13 40.79
CA LEU C 87 49.14 -5.87 39.37
C LEU C 87 47.82 -5.51 38.70
N GLN C 88 46.75 -6.22 39.05
CA GLN C 88 45.44 -5.94 38.48
C GLN C 88 44.95 -4.56 38.90
N LEU C 89 45.10 -4.24 40.18
CA LEU C 89 44.73 -2.90 40.66
C LEU C 89 45.51 -1.83 39.93
N ALA C 90 46.84 -2.00 39.81
CA ALA C 90 47.66 -1.02 39.12
C ALA C 90 47.22 -0.84 37.67
N ILE C 91 46.89 -1.94 37.01
CA ILE C 91 46.53 -1.86 35.56
C ILE C 91 45.20 -1.12 35.44
N ARG C 92 44.22 -1.50 36.25
CA ARG C 92 42.88 -0.94 36.10
C ARG C 92 42.79 0.49 36.63
N ASN C 93 43.67 0.88 37.55
CA ASN C 93 43.64 2.24 38.10
C ASN C 93 44.34 3.25 37.21
N ASP C 94 44.93 2.82 36.10
CA ASP C 94 45.58 3.72 35.16
C ASP C 94 44.82 3.71 33.84
N GLU C 95 44.36 4.90 33.44
CA GLU C 95 43.51 5.01 32.24
C GLU C 95 44.24 4.49 31.01
N GLU C 96 45.54 4.81 30.88
CA GLU C 96 46.27 4.46 29.68
C GLU C 96 46.66 2.98 29.70
N LEU C 97 47.06 2.47 30.86
CA LEU C 97 47.32 1.03 30.96
C LEU C 97 46.02 0.24 30.79
N ASN C 98 44.91 0.73 31.37
CA ASN C 98 43.63 0.05 31.20
C ASN C 98 43.21 0.02 29.74
N LYS C 99 43.43 1.12 29.01
CA LYS C 99 43.16 1.12 27.58
C LYS C 99 44.04 0.13 26.85
N LEU C 100 45.36 0.17 27.10
CA LEU C 100 46.28 -0.74 26.44
C LEU C 100 45.94 -2.20 26.72
N LEU C 101 45.50 -2.51 27.94
CA LEU C 101 45.16 -3.87 28.34
C LEU C 101 43.66 -4.05 28.51
N GLY C 102 42.88 -3.42 27.62
CA GLY C 102 41.43 -3.50 27.73
C GLY C 102 40.89 -4.91 27.57
N ARG C 103 41.56 -5.74 26.77
CA ARG C 103 41.12 -7.10 26.53
C ARG C 103 41.99 -8.15 27.22
N VAL C 104 42.52 -7.85 28.39
CA VAL C 104 43.41 -8.76 29.12
C VAL C 104 42.80 -9.05 30.48
N THR C 105 42.72 -10.33 30.84
CA THR C 105 42.29 -10.76 32.17
C THR C 105 43.49 -11.24 32.96
N ILE C 106 43.68 -10.66 34.14
CA ILE C 106 44.77 -11.04 35.05
C ILE C 106 44.27 -12.14 35.97
N ALA C 107 44.98 -13.27 35.97
CA ALA C 107 44.63 -14.36 36.87
C ALA C 107 44.90 -13.96 38.31
N GLN C 108 43.98 -14.35 39.20
CA GLN C 108 44.06 -14.01 40.62
C GLN C 108 44.09 -12.49 40.83
N GLY C 109 43.56 -11.75 39.87
CA GLY C 109 43.56 -10.30 39.94
C GLY C 109 42.31 -9.70 40.58
N GLY C 110 41.19 -10.41 40.50
CA GLY C 110 39.95 -9.85 40.98
C GLY C 110 39.48 -8.69 40.10
N VAL C 111 38.63 -7.86 40.68
CA VAL C 111 38.08 -6.69 40.01
C VAL C 111 38.22 -5.48 40.93
N LEU C 112 38.04 -4.29 40.35
CA LEU C 112 38.08 -3.06 41.12
C LEU C 112 36.84 -2.97 42.02
N PRO C 113 37.01 -2.57 43.28
CA PRO C 113 35.83 -2.30 44.12
C PRO C 113 35.02 -1.13 43.56
N ASN C 114 33.75 -1.37 43.25
CA ASN C 114 32.90 -0.33 42.67
C ASN C 114 31.43 -0.71 42.80
N ILE C 115 30.65 0.18 43.42
CA ILE C 115 29.22 -0.01 43.59
C ILE C 115 28.50 1.14 42.89
N GLN C 116 27.55 0.78 42.03
CA GLN C 116 26.73 1.80 41.37
C GLN C 116 25.92 2.58 42.40
N ALA C 117 25.74 3.87 42.14
CA ALA C 117 25.07 4.71 43.17
C ALA C 117 23.64 4.22 43.43
N VAL C 118 22.96 3.67 42.42
CA VAL C 118 21.56 3.33 42.63
C VAL C 118 21.43 2.17 43.61
N LEU C 119 22.51 1.41 43.82
CA LEU C 119 22.44 0.25 44.70
C LEU C 119 22.64 0.61 46.17
N LEU C 120 23.15 1.80 46.46
CA LEU C 120 23.42 2.17 47.83
C LEU C 120 22.10 2.46 48.57
N PRO C 121 22.06 2.22 49.88
CA PRO C 121 20.83 2.48 50.64
C PRO C 121 20.53 3.97 50.71
N LYS C 122 19.28 4.27 51.04
CA LYS C 122 18.78 5.64 51.05
C LYS C 122 18.15 5.93 52.41
N LYS C 123 18.22 7.19 52.82
CA LYS C 123 17.69 7.61 54.10
C LYS C 123 16.27 8.13 53.96
N LYS D 34 68.35 -31.66 35.38
CA LYS D 34 68.66 -30.63 34.40
C LYS D 34 67.75 -30.74 33.18
N ARG D 35 66.82 -29.81 33.05
CA ARG D 35 65.88 -29.79 31.94
C ARG D 35 66.40 -28.92 30.81
N SER D 36 65.58 -28.78 29.77
CA SER D 36 65.95 -28.01 28.60
C SER D 36 66.04 -26.52 28.92
N ARG D 37 66.73 -25.77 28.07
CA ARG D 37 66.91 -24.34 28.26
C ARG D 37 65.58 -23.63 28.05
N LYS D 38 65.06 -23.02 29.11
CA LYS D 38 63.80 -22.28 29.05
C LYS D 38 64.10 -20.81 29.34
N GLU D 39 63.87 -19.96 28.34
CA GLU D 39 64.18 -18.54 28.48
C GLU D 39 63.05 -17.79 29.17
N SER D 40 63.40 -16.77 29.94
CA SER D 40 62.42 -15.89 30.56
C SER D 40 63.08 -14.55 30.83
N TYR D 41 62.23 -13.57 31.19
CA TYR D 41 62.68 -12.22 31.50
C TYR D 41 62.82 -11.98 33.00
N SER D 42 62.82 -13.05 33.81
CA SER D 42 62.74 -12.90 35.27
C SER D 42 63.86 -12.01 35.81
N ILE D 43 65.10 -12.26 35.39
CA ILE D 43 66.21 -11.49 35.96
C ILE D 43 66.13 -10.04 35.51
N TYR D 44 65.63 -9.79 34.31
CA TYR D 44 65.52 -8.41 33.83
C TYR D 44 64.38 -7.67 34.52
N VAL D 45 63.26 -8.36 34.73
CA VAL D 45 62.16 -7.76 35.50
C VAL D 45 62.66 -7.43 36.89
N TYR D 46 63.46 -8.31 37.49
CA TYR D 46 63.95 -8.04 38.83
C TYR D 46 64.91 -6.87 38.85
N LYS D 47 65.79 -6.75 37.84
CA LYS D 47 66.69 -5.61 37.77
C LYS D 47 65.95 -4.29 37.63
N VAL D 48 64.94 -4.25 36.74
CA VAL D 48 64.14 -3.02 36.62
C VAL D 48 63.41 -2.72 37.93
N LEU D 49 62.81 -3.74 38.55
CA LEU D 49 62.14 -3.55 39.83
C LEU D 49 63.08 -2.97 40.88
N LYS D 50 64.30 -3.50 40.98
CA LYS D 50 65.27 -2.97 41.92
C LYS D 50 65.70 -1.55 41.56
N GLN D 51 65.68 -1.19 40.27
CA GLN D 51 65.93 0.20 39.91
C GLN D 51 64.80 1.11 40.41
N VAL D 52 63.56 0.68 40.21
CA VAL D 52 62.42 1.56 40.53
C VAL D 52 61.97 1.38 41.98
N HIS D 53 62.14 0.19 42.54
CA HIS D 53 61.74 -0.10 43.92
C HIS D 53 62.79 -1.00 44.56
N PRO D 54 63.87 -0.42 45.10
CA PRO D 54 64.95 -1.23 45.66
C PRO D 54 64.52 -2.20 46.75
N ASP D 55 63.52 -1.86 47.55
CA ASP D 55 63.11 -2.70 48.67
C ASP D 55 61.82 -3.47 48.42
N THR D 56 61.45 -3.70 47.17
CA THR D 56 60.24 -4.43 46.84
C THR D 56 60.60 -5.74 46.14
N GLY D 57 59.91 -6.82 46.51
CA GLY D 57 60.11 -8.12 45.91
C GLY D 57 59.07 -8.44 44.87
N ILE D 58 59.00 -9.73 44.52
CA ILE D 58 58.07 -10.19 43.49
C ILE D 58 57.73 -11.66 43.77
N SER D 59 56.45 -11.99 43.66
CA SER D 59 56.02 -13.38 43.82
C SER D 59 56.14 -14.11 42.48
N SER D 60 56.11 -15.44 42.54
CA SER D 60 56.21 -16.21 41.31
C SER D 60 55.00 -15.99 40.41
N LYS D 61 53.79 -15.99 40.97
CA LYS D 61 52.60 -15.73 40.16
C LYS D 61 52.69 -14.36 39.50
N ALA D 62 53.09 -13.35 40.27
CA ALA D 62 53.20 -12.00 39.73
C ALA D 62 54.29 -11.91 38.67
N MET D 63 55.42 -12.60 38.89
CA MET D 63 56.47 -12.62 37.89
C MET D 63 55.99 -13.29 36.61
N GLY D 64 55.19 -14.35 36.75
CA GLY D 64 54.58 -14.98 35.60
C GLY D 64 53.65 -14.04 34.86
N ILE D 65 52.91 -13.22 35.60
CA ILE D 65 52.03 -12.24 34.97
C ILE D 65 52.86 -11.20 34.22
N MET D 66 53.98 -10.80 34.80
CA MET D 66 54.86 -9.84 34.13
C MET D 66 55.44 -10.43 32.85
N ASN D 67 55.82 -11.71 32.90
CA ASN D 67 56.35 -12.37 31.71
C ASN D 67 55.29 -12.48 30.62
N SER D 68 54.07 -12.89 30.98
CA SER D 68 52.98 -12.88 30.03
C SER D 68 52.77 -11.51 29.41
N PHE D 69 52.78 -10.46 30.24
CA PHE D 69 52.61 -9.09 29.74
C PHE D 69 53.69 -8.72 28.73
N VAL D 70 54.96 -8.89 29.12
CA VAL D 70 56.06 -8.52 28.24
C VAL D 70 56.01 -9.31 26.94
N ASN D 71 55.77 -10.63 27.00
CA ASN D 71 55.67 -11.42 25.78
C ASN D 71 54.52 -10.95 24.90
N ASP D 72 53.36 -10.65 25.50
CA ASP D 72 52.22 -10.16 24.72
C ASP D 72 52.58 -8.87 24.00
N ILE D 73 53.19 -7.94 24.72
CA ILE D 73 53.54 -6.63 24.09
C ILE D 73 54.54 -6.92 22.98
N PHE D 74 55.56 -7.72 23.27
CA PHE D 74 56.53 -8.11 22.24
C PHE D 74 55.83 -8.60 20.98
N GLU D 75 54.92 -9.57 21.13
CA GLU D 75 54.21 -10.10 19.97
C GLU D 75 53.45 -9.01 19.23
N ARG D 76 52.72 -8.16 19.96
CA ARG D 76 51.96 -7.09 19.31
C ARG D 76 52.87 -6.16 18.53
N ILE D 77 53.96 -5.69 19.15
CA ILE D 77 54.81 -4.71 18.49
C ILE D 77 55.53 -5.33 17.30
N ALA D 78 56.12 -6.52 17.49
CA ALA D 78 56.85 -7.15 16.39
C ALA D 78 55.92 -7.47 15.22
N GLY D 79 54.70 -7.95 15.51
CA GLY D 79 53.77 -8.26 14.44
C GLY D 79 53.32 -7.03 13.69
N GLU D 80 52.97 -5.96 14.42
CA GLU D 80 52.57 -4.73 13.75
C GLU D 80 53.71 -4.15 12.94
N ALA D 81 54.94 -4.19 13.46
CA ALA D 81 56.07 -3.67 12.70
C ALA D 81 56.32 -4.49 11.42
N SER D 82 56.20 -5.82 11.52
CA SER D 82 56.36 -6.65 10.33
C SER D 82 55.31 -6.31 9.29
N ARG D 83 54.06 -6.16 9.74
CA ARG D 83 52.97 -5.82 8.82
C ARG D 83 53.18 -4.45 8.19
N LEU D 84 53.56 -3.46 9.01
CA LEU D 84 53.88 -2.14 8.49
C LEU D 84 54.95 -2.21 7.40
N ALA D 85 56.05 -2.92 7.68
CA ALA D 85 57.13 -3.05 6.71
C ALA D 85 56.66 -3.74 5.43
N HIS D 86 55.86 -4.80 5.56
CA HIS D 86 55.33 -5.49 4.39
C HIS D 86 54.47 -4.56 3.55
N TYR D 87 53.55 -3.83 4.18
CA TYR D 87 52.66 -2.91 3.48
C TYR D 87 53.42 -1.92 2.62
N ASN D 88 54.63 -1.53 3.03
CA ASN D 88 55.40 -0.51 2.33
C ASN D 88 56.49 -1.11 1.46
N LYS D 89 56.41 -2.40 1.16
CA LYS D 89 57.40 -3.09 0.32
C LYS D 89 58.81 -2.92 0.88
N ARG D 90 58.94 -3.03 2.20
CA ARG D 90 60.22 -2.92 2.89
C ARG D 90 60.68 -4.29 3.35
N SER D 91 61.95 -4.59 3.04
CA SER D 91 62.51 -5.90 3.35
C SER D 91 63.39 -5.89 4.59
N THR D 92 63.63 -4.73 5.19
CA THR D 92 64.52 -4.60 6.34
C THR D 92 63.72 -4.09 7.53
N ILE D 93 63.94 -4.69 8.69
CA ILE D 93 63.38 -4.20 9.94
C ILE D 93 64.30 -3.11 10.49
N THR D 94 63.76 -1.91 10.63
CA THR D 94 64.43 -0.72 11.12
C THR D 94 63.78 -0.24 12.41
N SER D 95 64.18 0.96 12.84
CA SER D 95 63.65 1.55 14.06
C SER D 95 62.42 2.42 13.81
N ARG D 96 62.25 2.91 12.57
CA ARG D 96 61.09 3.73 12.26
C ARG D 96 59.77 2.95 12.33
N GLU D 97 59.73 1.75 11.76
CA GLU D 97 58.51 0.95 11.90
C GLU D 97 58.24 0.56 13.35
N ILE D 98 59.28 0.21 14.11
CA ILE D 98 59.07 -0.11 15.52
C ILE D 98 58.48 1.10 16.25
N GLN D 99 59.02 2.29 16.02
CA GLN D 99 58.55 3.48 16.72
C GLN D 99 57.11 3.77 16.33
N THR D 100 56.81 3.69 15.03
CA THR D 100 55.45 3.96 14.57
C THR D 100 54.47 2.94 15.13
N ALA D 101 54.85 1.66 15.16
CA ALA D 101 54.01 0.64 15.78
C ALA D 101 53.74 0.95 17.25
N VAL D 102 54.78 1.37 17.99
CA VAL D 102 54.62 1.76 19.39
C VAL D 102 53.62 2.90 19.50
N ARG D 103 53.73 3.88 18.60
CA ARG D 103 52.80 5.01 18.64
C ARG D 103 51.37 4.57 18.34
N LEU D 104 51.20 3.59 17.46
CA LEU D 104 49.86 3.07 17.17
C LEU D 104 49.28 2.33 18.37
N LEU D 105 50.11 1.53 19.06
CA LEU D 105 49.59 0.63 20.09
C LEU D 105 49.51 1.32 21.45
N LEU D 106 50.42 2.26 21.71
CA LEU D 106 50.49 2.86 23.04
C LEU D 106 49.68 4.15 23.08
N PRO D 107 49.10 4.50 24.23
CA PRO D 107 48.35 5.76 24.32
C PRO D 107 49.27 6.97 24.26
N GLY D 108 48.66 8.14 24.35
CA GLY D 108 49.35 9.37 23.95
C GLY D 108 50.63 9.63 24.73
N GLU D 109 50.48 9.96 26.02
CA GLU D 109 51.67 10.33 26.80
C GLU D 109 52.62 9.15 26.93
N LEU D 110 52.08 7.93 26.98
CA LEU D 110 52.91 6.74 27.03
C LEU D 110 53.75 6.62 25.77
N ALA D 111 53.13 6.91 24.62
CA ALA D 111 53.85 6.88 23.35
C ALA D 111 54.93 7.94 23.31
N LYS D 112 54.62 9.15 23.76
CA LYS D 112 55.64 10.20 23.74
C LYS D 112 56.82 9.82 24.61
N HIS D 113 56.57 9.30 25.83
CA HIS D 113 57.68 8.94 26.70
C HIS D 113 58.50 7.80 26.12
N ALA D 114 57.82 6.76 25.59
CA ALA D 114 58.54 5.65 24.99
C ALA D 114 59.37 6.08 23.79
N VAL D 115 58.80 6.90 22.91
CA VAL D 115 59.54 7.40 21.76
C VAL D 115 60.77 8.20 22.21
N SER D 116 60.61 9.06 23.22
CA SER D 116 61.75 9.83 23.72
C SER D 116 62.85 8.92 24.23
N GLU D 117 62.48 7.92 25.04
CA GLU D 117 63.45 6.99 25.58
C GLU D 117 64.14 6.20 24.47
N GLY D 118 63.37 5.72 23.49
CA GLY D 118 63.96 4.95 22.43
C GLY D 118 64.95 5.78 21.61
N THR D 119 64.58 7.02 21.27
CA THR D 119 65.48 7.83 20.47
C THR D 119 66.77 8.13 21.23
N LYS D 120 66.65 8.58 22.50
CA LYS D 120 67.88 8.81 23.27
C LYS D 120 68.73 7.55 23.35
N ALA D 121 68.11 6.39 23.61
CA ALA D 121 68.86 5.16 23.75
C ALA D 121 69.55 4.77 22.43
N VAL D 122 68.85 4.90 21.31
CA VAL D 122 69.42 4.51 20.03
C VAL D 122 70.56 5.45 19.64
N THR D 123 70.41 6.75 19.89
CA THR D 123 71.50 7.67 19.54
C THR D 123 72.70 7.45 20.44
N LYS D 124 72.46 7.15 21.72
CA LYS D 124 73.58 6.84 22.60
C LYS D 124 74.28 5.56 22.16
N TYR D 125 73.51 4.55 21.75
CA TYR D 125 74.14 3.32 21.29
C TYR D 125 74.98 3.60 20.05
N THR D 126 74.44 4.39 19.11
CA THR D 126 75.15 4.67 17.87
C THR D 126 76.43 5.45 18.16
N SER D 127 76.44 6.24 19.22
CA SER D 127 77.66 6.94 19.61
C SER D 127 78.78 5.95 19.92
N ALA D 128 78.43 4.79 20.47
CA ALA D 128 79.38 3.71 20.69
C ALA D 128 79.61 2.99 19.37
N LYS E 41 12.87 -11.56 69.93
CA LYS E 41 12.98 -12.08 68.57
C LYS E 41 14.44 -12.10 68.12
N PRO E 42 14.81 -13.12 67.34
CA PRO E 42 16.18 -13.20 66.84
C PRO E 42 16.47 -12.06 65.86
N HIS E 43 17.75 -11.72 65.73
CA HIS E 43 18.14 -10.62 64.86
C HIS E 43 18.03 -11.04 63.41
N ARG E 44 17.64 -10.08 62.56
CA ARG E 44 17.52 -10.31 61.12
C ARG E 44 17.77 -9.01 60.39
N TYR E 45 18.71 -9.02 59.44
CA TYR E 45 19.00 -7.85 58.64
C TYR E 45 17.94 -7.66 57.56
N ARG E 46 17.68 -6.40 57.23
CA ARG E 46 16.73 -6.09 56.18
C ARG E 46 17.31 -6.55 54.84
N PRO E 47 16.45 -6.89 53.85
CA PRO E 47 16.97 -7.31 52.54
C PRO E 47 17.93 -6.32 51.92
N GLY E 48 19.14 -6.79 51.62
CA GLY E 48 20.18 -5.98 51.00
C GLY E 48 21.43 -5.79 51.81
N THR E 49 21.35 -5.58 53.13
CA THR E 49 22.54 -5.35 53.93
C THR E 49 23.53 -6.51 53.80
N VAL E 50 23.02 -7.74 53.87
CA VAL E 50 23.89 -8.90 53.81
C VAL E 50 24.37 -9.07 52.37
N ALA E 51 23.52 -8.75 51.39
CA ALA E 51 23.94 -8.78 49.99
C ALA E 51 25.14 -7.88 49.76
N LEU E 52 25.07 -6.63 50.23
CA LEU E 52 26.21 -5.73 50.09
C LEU E 52 27.43 -6.30 50.82
N ARG E 53 27.24 -6.83 52.03
CA ARG E 53 28.39 -7.43 52.72
C ARG E 53 29.07 -8.53 51.89
N GLU E 54 28.29 -9.40 51.26
CA GLU E 54 28.99 -10.44 50.48
C GLU E 54 29.63 -9.80 49.23
N ILE E 55 29.00 -8.78 48.66
CA ILE E 55 29.60 -8.09 47.52
C ILE E 55 30.96 -7.54 47.90
N ARG E 56 31.04 -6.83 49.02
CA ARG E 56 32.31 -6.27 49.47
C ARG E 56 33.32 -7.37 49.73
N ARG E 57 32.90 -8.43 50.43
CA ARG E 57 33.79 -9.55 50.74
C ARG E 57 34.39 -10.16 49.47
N TYR E 58 33.55 -10.51 48.50
CA TYR E 58 34.06 -11.22 47.33
C TYR E 58 34.72 -10.30 46.32
N GLN E 59 34.45 -8.98 46.37
CA GLN E 59 35.18 -8.07 45.51
C GLN E 59 36.54 -7.68 46.10
N LYS E 60 36.73 -7.87 47.42
CA LYS E 60 38.03 -7.57 48.00
C LYS E 60 39.06 -8.65 47.70
N SER E 61 38.63 -9.91 47.58
CA SER E 61 39.53 -11.03 47.47
C SER E 61 39.60 -11.57 46.05
N THR E 62 40.47 -12.57 45.85
CA THR E 62 40.69 -13.15 44.54
C THR E 62 40.61 -14.67 44.53
N GLU E 63 40.33 -15.30 45.67
CA GLU E 63 40.24 -16.75 45.71
C GLU E 63 39.03 -17.23 44.93
N LEU E 64 39.16 -18.40 44.32
CA LEU E 64 38.17 -18.90 43.37
C LEU E 64 36.84 -19.23 44.05
N LEU E 65 35.74 -18.98 43.33
CA LEU E 65 34.40 -19.07 43.88
C LEU E 65 33.62 -20.29 43.39
N ILE E 66 34.02 -20.89 42.28
CA ILE E 66 33.37 -22.09 41.75
C ILE E 66 34.16 -23.31 42.18
N ARG E 67 33.45 -24.40 42.48
CA ARG E 67 34.09 -25.61 42.97
C ARG E 67 34.92 -26.28 41.87
N LYS E 68 36.11 -26.75 42.26
CA LYS E 68 37.06 -27.32 41.31
C LYS E 68 36.56 -28.62 40.69
N LEU E 69 36.23 -29.63 41.50
CA LEU E 69 35.90 -30.96 41.03
C LEU E 69 34.62 -31.05 40.19
N PRO E 70 33.51 -30.42 40.57
CA PRO E 70 32.34 -30.48 39.67
C PRO E 70 32.61 -29.83 38.32
N PHE E 71 33.36 -28.72 38.32
CA PHE E 71 33.73 -28.09 37.06
C PHE E 71 34.59 -29.03 36.24
N GLN E 72 35.56 -29.68 36.90
CA GLN E 72 36.43 -30.64 36.24
C GLN E 72 35.63 -31.78 35.60
N ARG E 73 34.66 -32.32 36.34
CA ARG E 73 33.82 -33.37 35.77
C ARG E 73 33.05 -32.85 34.56
N LEU E 74 32.52 -31.62 34.64
CA LEU E 74 31.83 -31.04 33.51
C LEU E 74 32.75 -30.91 32.29
N VAL E 75 33.94 -30.36 32.49
CA VAL E 75 34.87 -30.18 31.37
C VAL E 75 35.20 -31.52 30.73
N ARG E 76 35.47 -32.56 31.54
CA ARG E 76 35.78 -33.83 30.89
C ARG E 76 34.56 -34.39 30.17
N GLU E 77 33.36 -34.24 30.74
CA GLU E 77 32.14 -34.71 30.10
C GLU E 77 31.93 -34.01 28.76
N ILE E 78 32.01 -32.68 28.75
CA ILE E 78 31.83 -31.92 27.52
C ILE E 78 32.87 -32.34 26.50
N ALA E 79 34.12 -32.50 26.95
CA ALA E 79 35.21 -32.90 26.06
C ALA E 79 35.00 -34.25 25.40
N GLN E 80 34.45 -35.27 26.09
CA GLN E 80 34.31 -36.53 25.33
C GLN E 80 33.38 -36.38 24.15
N ASP E 81 32.52 -35.36 24.13
CA ASP E 81 31.66 -35.10 22.99
C ASP E 81 32.42 -34.54 21.80
N PHE E 82 33.69 -34.17 21.98
CA PHE E 82 34.59 -33.83 20.89
C PHE E 82 35.62 -34.90 20.62
N LYS E 83 36.25 -35.44 21.66
CA LYS E 83 37.22 -36.53 21.51
C LYS E 83 37.16 -37.40 22.76
N THR E 84 37.01 -38.70 22.56
CA THR E 84 36.89 -39.64 23.67
C THR E 84 38.25 -39.90 24.33
N ASP E 85 38.20 -40.23 25.61
CA ASP E 85 39.37 -40.71 26.36
C ASP E 85 40.40 -39.59 26.49
N LEU E 86 39.93 -38.34 26.37
CA LEU E 86 40.80 -37.19 26.49
C LEU E 86 41.27 -37.01 27.93
N ARG E 87 42.50 -36.53 28.08
CA ARG E 87 43.06 -36.18 29.38
C ARG E 87 43.20 -34.67 29.51
N PHE E 88 43.36 -34.22 30.75
CA PHE E 88 43.52 -32.79 31.06
C PHE E 88 44.65 -32.61 32.05
N GLN E 89 45.54 -31.65 31.76
CA GLN E 89 46.51 -31.22 32.75
C GLN E 89 45.82 -30.44 33.87
N SER E 90 46.35 -30.56 35.10
CA SER E 90 45.80 -29.81 36.21
C SER E 90 45.82 -28.31 35.92
N SER E 91 46.96 -27.79 35.47
CA SER E 91 47.02 -26.36 35.21
C SER E 91 46.11 -25.97 34.05
N ALA E 92 45.74 -26.93 33.20
CA ALA E 92 44.81 -26.64 32.12
C ALA E 92 43.41 -26.41 32.66
N VAL E 93 42.98 -27.24 33.61
CA VAL E 93 41.66 -27.07 34.20
C VAL E 93 41.64 -25.80 35.04
N MET E 94 42.73 -25.52 35.76
CA MET E 94 42.75 -24.28 36.55
C MET E 94 42.71 -23.06 35.63
N ALA E 95 43.37 -23.13 34.47
CA ALA E 95 43.30 -22.03 33.52
C ALA E 95 41.87 -21.85 33.01
N LEU E 96 41.23 -22.96 32.62
CA LEU E 96 39.85 -22.89 32.15
C LEU E 96 38.94 -22.31 33.22
N GLN E 97 39.20 -22.65 34.50
CA GLN E 97 38.34 -22.17 35.58
C GLN E 97 38.54 -20.68 35.81
N GLU E 98 39.79 -20.23 35.81
CA GLU E 98 40.08 -18.80 35.93
C GLU E 98 39.41 -18.02 34.80
N ALA E 99 39.52 -18.54 33.58
CA ALA E 99 38.92 -17.88 32.43
C ALA E 99 37.40 -17.82 32.58
N CYS E 100 36.80 -18.91 33.03
CA CYS E 100 35.35 -18.97 33.17
C CYS E 100 34.88 -17.97 34.21
N GLU E 101 35.55 -17.90 35.36
CA GLU E 101 35.09 -16.98 36.39
C GLU E 101 35.28 -15.54 35.96
N ALA E 102 36.40 -15.21 35.30
CA ALA E 102 36.58 -13.85 34.80
C ALA E 102 35.50 -13.50 33.77
N TYR E 103 35.17 -14.44 32.89
CA TYR E 103 34.14 -14.21 31.88
C TYR E 103 32.78 -13.97 32.53
N LEU E 104 32.42 -14.81 33.49
CA LEU E 104 31.14 -14.67 34.16
C LEU E 104 31.06 -13.39 34.96
N VAL E 105 32.13 -13.02 35.67
CA VAL E 105 32.13 -11.77 36.42
C VAL E 105 31.92 -10.58 35.49
N GLY E 106 32.64 -10.53 34.35
CA GLY E 106 32.42 -9.44 33.42
C GLY E 106 31.02 -9.42 32.85
N LEU E 107 30.48 -10.59 32.49
CA LEU E 107 29.12 -10.66 31.97
C LEU E 107 28.12 -10.18 33.00
N PHE E 108 28.34 -10.52 34.28
CA PHE E 108 27.44 -10.09 35.33
C PHE E 108 27.56 -8.59 35.61
N GLU E 109 28.76 -8.03 35.44
CA GLU E 109 28.92 -6.58 35.50
C GLU E 109 28.06 -5.91 34.43
N ASP E 110 28.16 -6.40 33.20
CA ASP E 110 27.41 -5.77 32.11
C ASP E 110 25.91 -5.96 32.32
N THR E 111 25.50 -7.16 32.73
CA THR E 111 24.10 -7.42 33.06
C THR E 111 23.59 -6.46 34.12
N ASN E 112 24.38 -6.24 35.17
CA ASN E 112 23.96 -5.31 36.22
C ASN E 112 23.81 -3.90 35.66
N LEU E 113 24.75 -3.46 34.81
CA LEU E 113 24.62 -2.13 34.22
C LEU E 113 23.37 -2.03 33.36
N CYS E 114 23.03 -3.08 32.62
CA CYS E 114 21.81 -3.04 31.80
C CYS E 114 20.56 -3.01 32.68
N ALA E 115 20.55 -3.78 33.76
CA ALA E 115 19.43 -3.77 34.70
C ALA E 115 19.25 -2.39 35.30
N ILE E 116 20.34 -1.78 35.78
CA ILE E 116 20.27 -0.44 36.37
C ILE E 116 19.78 0.56 35.34
N HIS E 117 20.21 0.41 34.08
CA HIS E 117 19.71 1.28 33.02
C HIS E 117 18.19 1.26 32.93
N ALA E 118 17.58 0.10 33.15
CA ALA E 118 16.13 -0.06 33.10
C ALA E 118 15.47 0.24 34.45
N LYS E 119 16.12 1.04 35.30
CA LYS E 119 15.64 1.40 36.64
C LYS E 119 15.21 0.17 37.44
N ARG E 120 15.87 -0.95 37.18
CA ARG E 120 15.66 -2.20 37.89
C ARG E 120 16.91 -2.55 38.70
N VAL E 121 16.75 -3.53 39.59
CA VAL E 121 17.85 -4.05 40.39
C VAL E 121 18.05 -5.55 40.16
N THR E 122 16.97 -6.32 40.19
CA THR E 122 17.06 -7.76 40.01
C THR E 122 17.28 -8.11 38.54
N ILE E 123 18.33 -8.90 38.29
CA ILE E 123 18.68 -9.33 36.94
C ILE E 123 17.84 -10.55 36.58
N MET E 124 17.43 -10.63 35.31
CA MET E 124 16.59 -11.68 34.74
C MET E 124 17.18 -12.15 33.41
N PRO E 125 16.73 -13.32 32.91
CA PRO E 125 17.33 -13.86 31.66
C PRO E 125 17.34 -12.89 30.49
N LYS E 126 16.30 -12.08 30.30
CA LYS E 126 16.32 -11.13 29.18
C LYS E 126 17.46 -10.14 29.33
N ASP E 127 17.88 -9.84 30.56
CA ASP E 127 19.03 -8.98 30.78
C ASP E 127 20.31 -9.65 30.28
N ILE E 128 20.48 -10.93 30.62
CA ILE E 128 21.63 -11.69 30.12
C ILE E 128 21.63 -11.71 28.60
N GLN E 129 20.45 -11.94 28.01
CA GLN E 129 20.36 -12.05 26.56
C GLN E 129 20.66 -10.71 25.89
N LEU E 130 20.24 -9.61 26.50
CA LEU E 130 20.58 -8.30 25.96
C LEU E 130 22.08 -8.05 26.05
N ALA E 131 22.67 -8.35 27.21
CA ALA E 131 24.10 -8.12 27.39
C ALA E 131 24.90 -8.90 26.37
N ARG E 132 24.55 -10.17 26.14
CA ARG E 132 25.31 -10.98 25.19
C ARG E 132 25.02 -10.58 23.74
N ARG E 133 23.79 -10.16 23.45
CA ARG E 133 23.45 -9.67 22.12
C ARG E 133 24.22 -8.40 21.76
N ILE E 134 24.34 -7.47 22.71
CA ILE E 134 25.01 -6.22 22.42
C ILE E 134 26.52 -6.43 22.33
N ARG E 135 27.06 -7.37 23.10
CA ARG E 135 28.48 -7.73 23.02
C ARG E 135 28.84 -8.37 21.68
N GLY E 136 27.86 -8.91 20.95
CA GLY E 136 28.13 -9.57 19.68
C GLY E 136 28.36 -11.05 19.80
N GLU E 137 27.97 -11.67 20.92
CA GLU E 137 28.10 -13.11 21.10
C GLU E 137 26.89 -13.89 20.57
N ARG E 138 25.82 -13.20 20.18
CA ARG E 138 24.62 -13.87 19.69
C ARG E 138 24.35 -13.50 18.23
N ARG F 27 25.26 -35.49 30.71
CA ARG F 27 24.85 -36.14 31.96
C ARG F 27 24.36 -35.13 32.97
N ASP F 28 24.52 -35.46 34.25
CA ASP F 28 23.98 -34.65 35.36
C ASP F 28 25.00 -33.64 35.88
N ASN F 29 26.24 -33.66 35.36
CA ASN F 29 27.31 -32.91 36.00
C ASN F 29 27.11 -31.41 35.91
N ILE F 30 26.20 -30.94 35.04
CA ILE F 30 25.94 -29.51 34.98
C ILE F 30 25.40 -29.01 36.33
N GLN F 31 24.80 -29.91 37.12
CA GLN F 31 24.29 -29.55 38.43
C GLN F 31 25.39 -29.36 39.46
N GLY F 32 26.64 -29.73 39.12
CA GLY F 32 27.75 -29.48 40.03
C GLY F 32 28.15 -28.02 40.14
N ILE F 33 27.82 -27.21 39.15
CA ILE F 33 27.92 -25.76 39.30
C ILE F 33 26.63 -25.33 39.99
N THR F 34 26.67 -25.32 41.32
CA THR F 34 25.48 -25.23 42.14
C THR F 34 24.94 -23.80 42.19
N LYS F 35 23.69 -23.69 42.66
CA LYS F 35 23.06 -22.38 42.84
C LYS F 35 23.91 -21.41 43.63
N PRO F 36 24.52 -21.78 44.76
CA PRO F 36 25.37 -20.80 45.46
C PRO F 36 26.60 -20.42 44.67
N ALA F 37 27.10 -21.30 43.79
CA ALA F 37 28.24 -20.92 42.98
C ALA F 37 27.87 -19.82 41.98
N ILE F 38 26.71 -19.97 41.32
CA ILE F 38 26.29 -18.93 40.37
C ILE F 38 26.02 -17.64 41.13
N ARG F 39 25.42 -17.75 42.32
CA ARG F 39 25.23 -16.56 43.15
C ARG F 39 26.57 -15.89 43.47
N ARG F 40 27.59 -16.66 43.86
CA ARG F 40 28.88 -16.04 44.19
C ARG F 40 29.53 -15.37 42.99
N LEU F 41 29.54 -16.05 41.83
CA LEU F 41 30.06 -15.41 40.61
C LEU F 41 29.29 -14.13 40.29
N ALA F 42 27.97 -14.15 40.46
CA ALA F 42 27.18 -12.95 40.17
C ALA F 42 27.51 -11.84 41.16
N ARG F 43 27.70 -12.19 42.43
CA ARG F 43 28.10 -11.21 43.42
C ARG F 43 29.42 -10.55 43.03
N ARG F 44 30.42 -11.33 42.60
CA ARG F 44 31.64 -10.68 42.14
C ARG F 44 31.37 -9.81 40.92
N GLY F 45 30.31 -10.13 40.16
CA GLY F 45 29.88 -9.26 39.08
C GLY F 45 29.11 -8.05 39.54
N GLY F 46 28.82 -7.93 40.83
CA GLY F 46 28.25 -6.72 41.39
C GLY F 46 26.74 -6.64 41.47
N VAL F 47 26.02 -7.74 41.26
CA VAL F 47 24.57 -7.73 41.29
C VAL F 47 24.11 -7.95 42.73
N LYS F 48 23.02 -7.29 43.10
CA LYS F 48 22.49 -7.39 44.45
C LYS F 48 21.38 -8.41 44.58
N ARG F 49 20.60 -8.65 43.54
CA ARG F 49 19.48 -9.59 43.58
C ARG F 49 19.50 -10.43 42.31
N ILE F 50 19.12 -11.71 42.45
CA ILE F 50 19.26 -12.69 41.39
C ILE F 50 17.93 -13.43 41.24
N SER F 51 17.32 -13.34 40.06
CA SER F 51 16.08 -14.05 39.80
C SER F 51 16.30 -15.56 39.75
N GLY F 52 15.25 -16.31 40.08
CA GLY F 52 15.31 -17.76 40.00
C GLY F 52 15.57 -18.28 38.61
N LEU F 53 15.19 -17.53 37.58
CA LEU F 53 15.37 -17.93 36.19
C LEU F 53 16.78 -17.68 35.69
N ILE F 54 17.61 -17.00 36.50
CA ILE F 54 18.99 -16.68 36.15
C ILE F 54 19.87 -17.91 36.02
N TYR F 55 19.72 -18.86 36.94
CA TYR F 55 20.68 -19.97 37.07
C TYR F 55 20.80 -20.82 35.81
N GLU F 56 19.67 -21.28 35.25
CA GLU F 56 19.77 -22.04 34.01
C GLU F 56 20.37 -21.22 32.89
N GLU F 57 20.04 -19.92 32.81
CA GLU F 57 20.61 -19.10 31.75
C GLU F 57 22.12 -19.06 31.89
N THR F 58 22.60 -18.85 33.12
CA THR F 58 24.03 -18.77 33.35
C THR F 58 24.68 -20.09 32.95
N ARG F 59 24.01 -21.19 33.27
CA ARG F 59 24.57 -22.51 32.97
C ARG F 59 24.73 -22.66 31.48
N GLY F 60 23.70 -22.27 30.73
CA GLY F 60 23.75 -22.38 29.27
C GLY F 60 24.90 -21.56 28.73
N VAL F 61 25.02 -20.30 29.19
CA VAL F 61 26.07 -19.42 28.68
C VAL F 61 27.43 -20.04 28.97
N LEU F 62 27.61 -20.54 30.20
CA LEU F 62 28.89 -21.11 30.58
C LEU F 62 29.18 -22.31 29.69
N LYS F 63 28.16 -23.15 29.47
CA LYS F 63 28.38 -24.37 28.70
C LYS F 63 28.82 -24.02 27.28
N VAL F 64 28.15 -23.06 26.64
CA VAL F 64 28.48 -22.67 25.26
C VAL F 64 29.93 -22.20 25.21
N PHE F 65 30.29 -21.36 26.18
CA PHE F 65 31.65 -20.86 26.22
C PHE F 65 32.59 -22.06 26.22
N LEU F 66 32.30 -23.03 27.09
CA LEU F 66 33.19 -24.18 27.21
C LEU F 66 33.27 -24.93 25.89
N GLU F 67 32.15 -25.10 25.21
CA GLU F 67 32.16 -25.88 23.94
C GLU F 67 33.16 -25.22 22.99
N ASN F 68 33.11 -23.90 22.86
CA ASN F 68 33.99 -23.19 21.93
C ASN F 68 35.45 -23.25 22.38
N VAL F 69 35.71 -23.04 23.68
CA VAL F 69 37.08 -23.08 24.17
C VAL F 69 37.65 -24.47 24.02
N ILE F 70 36.93 -25.48 24.47
CA ILE F 70 37.47 -26.83 24.52
C ILE F 70 37.70 -27.32 23.10
N ARG F 71 36.80 -26.95 22.18
CA ARG F 71 36.97 -27.28 20.78
C ARG F 71 38.31 -26.77 20.30
N ASP F 72 38.59 -25.48 20.53
CA ASP F 72 39.87 -24.96 20.04
C ASP F 72 41.04 -25.66 20.73
N ALA F 73 40.93 -25.85 22.05
CA ALA F 73 42.03 -26.48 22.79
C ALA F 73 42.32 -27.88 22.25
N VAL F 74 41.28 -28.68 22.03
CA VAL F 74 41.48 -30.05 21.61
C VAL F 74 42.02 -30.05 20.20
N THR F 75 41.59 -29.10 19.37
CA THR F 75 42.11 -29.00 18.01
C THR F 75 43.62 -28.77 18.06
N TYR F 76 44.07 -27.85 18.92
CA TYR F 76 45.50 -27.62 19.08
C TYR F 76 46.20 -28.88 19.58
N THR F 77 45.61 -29.55 20.56
CA THR F 77 46.21 -30.77 21.12
C THR F 77 46.38 -31.83 20.04
N GLU F 78 45.38 -32.00 19.17
CA GLU F 78 45.45 -33.05 18.16
C GLU F 78 46.47 -32.68 17.09
N HIS F 79 46.56 -31.39 16.74
CA HIS F 79 47.54 -30.98 15.75
C HIS F 79 48.96 -31.29 16.22
N ALA F 80 49.19 -31.19 17.53
CA ALA F 80 50.50 -31.50 18.11
C ALA F 80 50.74 -33.00 18.28
N LYS F 81 49.79 -33.84 17.85
CA LYS F 81 49.86 -35.28 18.03
C LYS F 81 50.02 -35.67 19.50
N ARG F 82 49.24 -35.02 20.36
CA ARG F 82 49.21 -35.32 21.79
C ARG F 82 47.84 -35.88 22.17
N LYS F 83 47.80 -36.54 23.32
CA LYS F 83 46.56 -37.08 23.85
C LYS F 83 46.06 -36.37 25.10
N THR F 84 46.83 -35.42 25.63
CA THR F 84 46.43 -34.65 26.80
C THR F 84 46.42 -33.16 26.48
N VAL F 85 45.29 -32.52 26.77
CA VAL F 85 45.17 -31.08 26.62
C VAL F 85 46.00 -30.42 27.71
N THR F 86 46.90 -29.52 27.30
CA THR F 86 47.80 -28.86 28.21
C THR F 86 47.30 -27.46 28.56
N ALA F 87 47.91 -26.87 29.60
CA ALA F 87 47.62 -25.49 29.94
C ALA F 87 47.93 -24.56 28.78
N MET F 88 49.00 -24.84 28.04
CA MET F 88 49.37 -23.99 26.91
C MET F 88 48.31 -24.07 25.81
N ASP F 89 47.74 -25.26 25.60
CA ASP F 89 46.65 -25.41 24.63
C ASP F 89 45.51 -24.46 24.98
N VAL F 90 45.17 -24.40 26.27
CA VAL F 90 44.11 -23.54 26.76
C VAL F 90 44.50 -22.07 26.57
N VAL F 91 45.74 -21.73 26.89
CA VAL F 91 46.19 -20.35 26.72
C VAL F 91 46.04 -19.91 25.26
N TYR F 92 46.43 -20.77 24.31
CA TYR F 92 46.24 -20.42 22.90
C TYR F 92 44.76 -20.30 22.55
N ALA F 93 43.93 -21.22 23.05
CA ALA F 93 42.50 -21.14 22.77
C ALA F 93 41.91 -19.83 23.28
N LEU F 94 42.26 -19.45 24.51
CA LEU F 94 41.74 -18.21 25.08
C LEU F 94 42.23 -17.00 24.31
N LYS F 95 43.52 -17.00 23.95
CA LYS F 95 44.08 -15.89 23.20
C LYS F 95 43.34 -15.72 21.88
N ARG F 96 43.10 -16.82 21.16
CA ARG F 96 42.46 -16.72 19.86
C ARG F 96 40.97 -16.40 20.01
N GLN F 97 40.37 -16.77 21.15
CA GLN F 97 38.98 -16.41 21.40
C GLN F 97 38.82 -14.91 21.61
N GLY F 98 39.90 -14.18 21.84
CA GLY F 98 39.87 -12.75 22.02
C GLY F 98 40.04 -12.28 23.45
N ARG F 99 40.34 -13.19 24.37
CA ARG F 99 40.61 -12.83 25.76
C ARG F 99 41.90 -13.53 26.21
N THR F 100 42.98 -12.76 26.29
CA THR F 100 44.29 -13.27 26.66
C THR F 100 44.34 -13.50 28.16
N LEU F 101 44.82 -14.68 28.56
CA LEU F 101 44.94 -15.04 29.96
C LEU F 101 46.41 -15.05 30.36
N TYR F 102 46.73 -14.31 31.40
CA TYR F 102 48.09 -14.21 31.92
C TYR F 102 48.24 -15.14 33.12
N GLY F 103 49.41 -15.77 33.24
CA GLY F 103 49.75 -16.53 34.43
C GLY F 103 49.97 -18.02 34.22
N PHE F 104 49.77 -18.52 33.00
CA PHE F 104 49.88 -19.95 32.74
C PHE F 104 50.88 -20.25 31.63
N GLY F 105 51.78 -19.31 31.34
CA GLY F 105 52.82 -19.53 30.35
C GLY F 105 52.58 -18.69 29.09
N GLY F 106 53.61 -18.66 28.26
CA GLY F 106 53.54 -17.93 27.00
C GLY F 106 54.06 -16.50 27.10
N LYS G 17 55.74 -28.13 -23.94
CA LYS G 17 54.46 -27.76 -23.36
C LYS G 17 54.55 -27.69 -21.83
N ALA G 18 53.85 -26.72 -21.25
CA ALA G 18 53.80 -26.52 -19.81
C ALA G 18 52.37 -26.67 -19.33
N LYS G 19 52.18 -27.47 -18.29
CA LYS G 19 50.85 -27.70 -17.71
C LYS G 19 50.93 -27.40 -16.22
N THR G 20 49.94 -26.66 -15.72
CA THR G 20 50.03 -26.12 -14.37
C THR G 20 49.43 -27.08 -13.34
N ARG G 21 49.81 -26.86 -12.08
CA ARG G 21 49.32 -27.68 -10.97
C ARG G 21 47.81 -27.55 -10.80
N SER G 22 47.25 -26.36 -11.01
CA SER G 22 45.80 -26.22 -10.95
C SER G 22 45.12 -27.09 -12.00
N SER G 23 45.69 -27.16 -13.19
CA SER G 23 45.12 -28.00 -14.24
C SER G 23 45.18 -29.47 -13.87
N ARG G 24 46.30 -29.93 -13.30
CA ARG G 24 46.40 -31.30 -12.83
C ARG G 24 45.42 -31.56 -11.68
N ALA G 25 45.08 -30.52 -10.92
CA ALA G 25 44.19 -30.73 -9.78
C ALA G 25 42.72 -30.48 -10.12
N GLY G 26 42.42 -29.94 -11.28
CA GLY G 26 41.04 -29.68 -11.64
C GLY G 26 40.42 -28.53 -10.87
N LEU G 27 41.22 -27.57 -10.44
CA LEU G 27 40.76 -26.42 -9.66
C LEU G 27 40.93 -25.14 -10.48
N GLN G 28 40.27 -24.07 -10.01
CA GLN G 28 40.25 -22.81 -10.73
C GLN G 28 41.23 -21.77 -10.20
N PHE G 29 41.43 -21.69 -8.88
CA PHE G 29 42.39 -20.73 -8.37
C PHE G 29 43.82 -21.19 -8.66
N PRO G 30 44.73 -20.24 -8.90
CA PRO G 30 46.09 -20.57 -9.38
C PRO G 30 46.99 -21.04 -8.25
N VAL G 31 47.46 -22.28 -8.37
CA VAL G 31 48.39 -22.84 -7.39
C VAL G 31 49.67 -22.02 -7.33
N GLY G 32 50.20 -21.67 -8.50
CA GLY G 32 51.42 -20.86 -8.54
C GLY G 32 51.30 -19.53 -7.82
N ARG G 33 50.22 -18.78 -8.08
CA ARG G 33 50.08 -17.48 -7.42
C ARG G 33 49.94 -17.61 -5.91
N VAL G 34 49.10 -18.52 -5.43
CA VAL G 34 48.97 -18.72 -3.99
C VAL G 34 50.31 -19.13 -3.39
N HIS G 35 51.05 -20.00 -4.08
CA HIS G 35 52.35 -20.43 -3.62
C HIS G 35 53.31 -19.26 -3.49
N ARG G 36 53.35 -18.40 -4.52
CA ARG G 36 54.25 -17.25 -4.49
C ARG G 36 53.87 -16.29 -3.36
N LEU G 37 52.56 -16.08 -3.16
CA LEU G 37 52.12 -15.18 -2.11
C LEU G 37 52.44 -15.73 -0.72
N LEU G 38 52.40 -17.06 -0.57
CA LEU G 38 52.84 -17.67 0.69
C LEU G 38 54.34 -17.52 0.87
N ARG G 39 55.11 -17.77 -0.18
CA ARG G 39 56.57 -17.66 -0.10
C ARG G 39 57.03 -16.24 0.21
N LYS G 40 56.34 -15.23 -0.31
CA LYS G 40 56.73 -13.84 -0.10
C LYS G 40 56.02 -13.14 1.04
N GLY G 41 55.20 -13.84 1.81
CA GLY G 41 54.50 -13.17 2.89
C GLY G 41 55.23 -13.12 4.22
N ASN G 42 56.48 -13.59 4.25
CA ASN G 42 57.29 -13.67 5.48
C ASN G 42 56.55 -14.46 6.56
N TYR G 43 56.03 -15.62 6.14
CA TYR G 43 55.29 -16.51 7.03
C TYR G 43 56.13 -17.69 7.53
N SER G 44 56.94 -18.29 6.67
CA SER G 44 57.82 -19.37 7.09
C SER G 44 58.95 -19.51 6.08
N GLU G 45 60.03 -20.14 6.52
CA GLU G 45 61.20 -20.31 5.65
C GLU G 45 61.01 -21.39 4.59
N ARG G 46 60.15 -22.38 4.84
CA ARG G 46 59.77 -23.37 3.84
C ARG G 46 58.26 -23.51 3.81
N VAL G 47 57.75 -23.90 2.62
CA VAL G 47 56.33 -24.17 2.40
C VAL G 47 56.22 -25.48 1.63
N GLY G 48 55.37 -26.38 2.11
CA GLY G 48 55.18 -27.66 1.44
C GLY G 48 54.42 -27.51 0.14
N ALA G 49 54.54 -28.55 -0.70
CA ALA G 49 53.91 -28.51 -2.01
C ALA G 49 52.39 -28.60 -1.92
N GLY G 50 51.87 -29.28 -0.90
CA GLY G 50 50.44 -29.44 -0.78
C GLY G 50 49.72 -28.28 -0.12
N ALA G 51 50.45 -27.48 0.65
CA ALA G 51 49.81 -26.38 1.39
C ALA G 51 49.14 -25.37 0.47
N PRO G 52 49.78 -24.87 -0.60
CA PRO G 52 49.06 -23.92 -1.46
C PRO G 52 47.94 -24.56 -2.24
N VAL G 53 48.03 -25.86 -2.52
CA VAL G 53 46.92 -26.54 -3.19
C VAL G 53 45.71 -26.56 -2.27
N TYR G 54 45.92 -26.96 -1.01
CA TYR G 54 44.84 -26.99 -0.03
C TYR G 54 44.23 -25.61 0.14
N LEU G 55 45.07 -24.59 0.36
CA LEU G 55 44.57 -23.23 0.54
C LEU G 55 43.80 -22.74 -0.68
N ALA G 56 44.34 -22.97 -1.88
CA ALA G 56 43.62 -22.52 -3.06
C ALA G 56 42.28 -23.22 -3.16
N ALA G 57 42.24 -24.53 -2.83
CA ALA G 57 41.01 -25.31 -2.90
C ALA G 57 39.95 -24.78 -1.94
N VAL G 58 40.37 -24.43 -0.72
CA VAL G 58 39.42 -23.91 0.24
C VAL G 58 38.87 -22.59 -0.31
N LEU G 59 39.74 -21.76 -0.89
CA LEU G 59 39.26 -20.49 -1.44
C LEU G 59 38.23 -20.72 -2.56
N GLU G 60 38.45 -21.70 -3.44
CA GLU G 60 37.42 -21.98 -4.48
C GLU G 60 36.11 -22.33 -3.79
N TYR G 61 36.18 -23.26 -2.86
CA TYR G 61 34.96 -23.69 -2.18
C TYR G 61 34.21 -22.51 -1.57
N LEU G 62 34.91 -21.65 -0.83
CA LEU G 62 34.21 -20.54 -0.17
C LEU G 62 33.64 -19.56 -1.20
N THR G 63 34.41 -19.27 -2.26
CA THR G 63 33.92 -18.41 -3.33
C THR G 63 32.68 -19.00 -3.98
N ALA G 64 32.68 -20.32 -4.22
CA ALA G 64 31.53 -20.94 -4.85
C ALA G 64 30.31 -20.82 -3.96
N GLU G 65 30.50 -20.98 -2.65
CA GLU G 65 29.36 -20.90 -1.73
C GLU G 65 28.78 -19.49 -1.71
N ILE G 66 29.66 -18.48 -1.57
CA ILE G 66 29.19 -17.09 -1.55
C ILE G 66 28.54 -16.70 -2.87
N LEU G 67 29.14 -17.07 -4.01
CA LEU G 67 28.53 -16.70 -5.28
C LEU G 67 27.22 -17.45 -5.51
N GLU G 68 27.12 -18.70 -5.06
CA GLU G 68 25.86 -19.43 -5.12
C GLU G 68 24.76 -18.67 -4.40
N LEU G 69 24.99 -18.33 -3.12
CA LEU G 69 23.97 -17.62 -2.37
C LEU G 69 23.68 -16.24 -2.96
N ALA G 70 24.71 -15.51 -3.37
CA ALA G 70 24.47 -14.18 -3.92
C ALA G 70 23.67 -14.25 -5.21
N GLY G 71 23.96 -15.24 -6.06
CA GLY G 71 23.15 -15.47 -7.25
C GLY G 71 21.70 -15.77 -6.92
N ASN G 72 21.48 -16.65 -5.93
CA ASN G 72 20.11 -16.92 -5.48
C ASN G 72 19.41 -15.63 -5.06
N ALA G 73 20.07 -14.82 -4.23
CA ALA G 73 19.46 -13.57 -3.79
C ALA G 73 19.18 -12.64 -4.96
N ALA G 74 20.07 -12.61 -5.95
CA ALA G 74 19.86 -11.79 -7.13
C ALA G 74 18.63 -12.26 -7.91
N ARG G 75 18.46 -13.57 -8.05
CA ARG G 75 17.30 -14.07 -8.77
C ARG G 75 16.02 -13.79 -8.01
N ASP G 76 16.05 -13.90 -6.68
CA ASP G 76 14.90 -13.51 -5.87
C ASP G 76 14.56 -12.04 -6.06
N ASN G 77 15.56 -11.22 -6.37
CA ASN G 77 15.36 -9.79 -6.61
C ASN G 77 15.13 -9.48 -8.09
N LYS G 78 14.98 -10.52 -8.92
CA LYS G 78 14.79 -10.38 -10.36
C LYS G 78 15.93 -9.57 -10.98
N LYS G 79 17.13 -9.81 -10.46
CA LYS G 79 18.36 -9.22 -10.97
C LYS G 79 19.22 -10.32 -11.59
N THR G 80 19.83 -10.00 -12.74
CA THR G 80 20.73 -10.91 -13.41
C THR G 80 22.19 -10.67 -13.06
N ARG G 81 22.48 -9.53 -12.43
CA ARG G 81 23.85 -9.20 -12.00
C ARG G 81 23.87 -9.07 -10.48
N ILE G 82 24.82 -9.74 -9.84
CA ILE G 82 24.98 -9.62 -8.40
C ILE G 82 25.53 -8.24 -8.06
N ILE G 83 24.94 -7.60 -7.06
CA ILE G 83 25.37 -6.29 -6.58
C ILE G 83 25.81 -6.42 -5.13
N PRO G 84 26.48 -5.42 -4.56
CA PRO G 84 26.87 -5.51 -3.13
C PRO G 84 25.70 -5.82 -2.21
N ARG G 85 24.51 -5.28 -2.49
CA ARG G 85 23.35 -5.57 -1.67
C ARG G 85 23.10 -7.08 -1.58
N HIS G 86 23.19 -7.77 -2.73
CA HIS G 86 23.00 -9.22 -2.75
C HIS G 86 24.09 -9.94 -1.97
N LEU G 87 25.32 -9.42 -2.00
CA LEU G 87 26.39 -10.02 -1.21
C LEU G 87 26.10 -9.88 0.27
N GLN G 88 25.60 -8.72 0.69
CA GLN G 88 25.26 -8.52 2.09
C GLN G 88 24.12 -9.44 2.50
N LEU G 89 23.09 -9.56 1.67
CA LEU G 89 22.00 -10.49 1.96
C LEU G 89 22.52 -11.92 2.10
N ALA G 90 23.37 -12.35 1.17
CA ALA G 90 23.93 -13.70 1.22
C ALA G 90 24.71 -13.93 2.51
N ILE G 91 25.55 -12.96 2.88
CA ILE G 91 26.43 -13.20 4.07
C ILE G 91 25.59 -13.16 5.35
N ARG G 92 24.62 -12.25 5.43
CA ARG G 92 23.88 -12.09 6.68
C ARG G 92 22.76 -13.10 6.83
N ASN G 93 22.23 -13.64 5.74
CA ASN G 93 21.16 -14.63 5.82
C ASN G 93 21.68 -16.02 6.15
N ASP G 94 22.92 -16.33 5.75
CA ASP G 94 23.51 -17.62 6.07
C ASP G 94 24.19 -17.57 7.43
N GLU G 95 23.73 -18.45 8.33
CA GLU G 95 24.17 -18.46 9.73
C GLU G 95 25.68 -18.63 9.86
N GLU G 96 26.26 -19.53 9.06
CA GLU G 96 27.69 -19.84 9.21
C GLU G 96 28.55 -18.76 8.55
N LEU G 97 28.11 -18.24 7.41
CA LEU G 97 28.84 -17.14 6.79
C LEU G 97 28.79 -15.89 7.65
N ASN G 98 27.65 -15.57 8.25
CA ASN G 98 27.57 -14.41 9.12
C ASN G 98 28.51 -14.56 10.31
N LYS G 99 28.61 -15.77 10.87
CA LYS G 99 29.56 -16.04 11.94
C LYS G 99 30.99 -15.84 11.45
N LEU G 100 31.33 -16.43 10.29
CA LEU G 100 32.67 -16.30 9.74
C LEU G 100 33.04 -14.84 9.49
N LEU G 101 32.07 -14.03 9.06
CA LEU G 101 32.26 -12.62 8.77
C LEU G 101 31.56 -11.75 9.82
N GLY G 102 31.61 -12.17 11.08
CA GLY G 102 30.92 -11.44 12.14
C GLY G 102 31.42 -10.03 12.35
N ARG G 103 32.71 -9.81 12.14
CA ARG G 103 33.33 -8.50 12.33
C ARG G 103 33.74 -7.86 11.01
N VAL G 104 32.96 -8.08 9.95
CA VAL G 104 33.28 -7.57 8.62
C VAL G 104 32.14 -6.68 8.14
N THR G 105 32.50 -5.50 7.64
CA THR G 105 31.53 -4.58 7.04
C THR G 105 31.72 -4.55 5.53
N ILE G 106 30.67 -4.89 4.80
CA ILE G 106 30.66 -4.83 3.34
C ILE G 106 30.10 -3.48 2.93
N ALA G 107 30.88 -2.73 2.14
CA ALA G 107 30.44 -1.42 1.70
C ALA G 107 29.29 -1.54 0.71
N GLN G 108 28.38 -0.56 0.76
CA GLN G 108 27.15 -0.55 -0.05
C GLN G 108 26.33 -1.82 0.16
N GLY G 109 26.46 -2.43 1.33
CA GLY G 109 25.71 -3.64 1.63
C GLY G 109 24.37 -3.40 2.28
N GLY G 110 24.25 -2.29 3.02
CA GLY G 110 23.04 -2.05 3.79
C GLY G 110 22.91 -3.03 4.94
N VAL G 111 21.67 -3.19 5.40
CA VAL G 111 21.34 -4.09 6.50
C VAL G 111 20.17 -4.97 6.09
N LEU G 112 19.93 -6.01 6.88
CA LEU G 112 18.79 -6.88 6.65
C LEU G 112 17.49 -6.15 7.00
N PRO G 113 16.43 -6.32 6.21
CA PRO G 113 15.13 -5.75 6.58
C PRO G 113 14.54 -6.43 7.80
N ASN G 114 15.07 -6.12 8.98
CA ASN G 114 14.62 -6.72 10.24
C ASN G 114 13.95 -5.69 11.12
N ILE G 115 12.71 -5.98 11.53
CA ILE G 115 11.94 -5.09 12.40
C ILE G 115 11.57 -5.87 13.67
N GLN G 116 11.86 -5.26 14.82
CA GLN G 116 11.49 -5.87 16.08
C GLN G 116 9.98 -6.00 16.20
N ALA G 117 9.52 -7.08 16.82
CA ALA G 117 8.06 -7.34 16.87
C ALA G 117 7.36 -6.29 17.73
N VAL G 118 7.95 -5.89 18.86
CA VAL G 118 7.25 -5.00 19.76
C VAL G 118 6.99 -3.64 19.09
N LEU G 119 7.76 -3.31 18.05
CA LEU G 119 7.61 -2.02 17.39
C LEU G 119 6.51 -2.02 16.34
N LEU G 120 5.97 -3.18 15.99
CA LEU G 120 4.89 -3.23 15.01
C LEU G 120 3.59 -2.72 15.62
N PRO G 121 2.69 -2.18 14.81
CA PRO G 121 1.43 -1.66 15.35
C PRO G 121 0.57 -2.78 15.92
N LYS G 122 -0.42 -2.39 16.72
CA LYS G 122 -1.27 -3.35 17.42
C LYS G 122 -2.46 -3.77 16.56
N ARG H 35 51.07 0.65 -17.78
CA ARG H 35 51.55 -0.72 -17.84
C ARG H 35 52.04 -1.19 -16.47
N SER H 36 51.38 -0.73 -15.41
CA SER H 36 51.74 -1.11 -14.05
C SER H 36 50.94 -2.36 -13.68
N ARG H 37 51.62 -3.50 -13.72
CA ARG H 37 50.98 -4.77 -13.41
C ARG H 37 50.55 -4.83 -11.96
N LYS H 38 49.31 -5.30 -11.73
CA LYS H 38 48.73 -5.42 -10.41
C LYS H 38 48.45 -6.89 -10.11
N GLU H 39 47.72 -7.13 -9.01
CA GLU H 39 47.45 -8.49 -8.53
C GLU H 39 45.96 -8.56 -8.18
N SER H 40 45.21 -9.39 -8.92
CA SER H 40 43.81 -9.65 -8.63
C SER H 40 43.46 -11.07 -9.08
N TYR H 41 42.37 -11.61 -8.53
CA TYR H 41 41.92 -12.95 -8.87
C TYR H 41 40.75 -12.92 -9.85
N SER H 42 40.63 -11.82 -10.60
CA SER H 42 39.45 -11.56 -11.40
C SER H 42 39.09 -12.71 -12.35
N ILE H 43 40.08 -13.22 -13.08
CA ILE H 43 39.78 -14.26 -14.06
C ILE H 43 39.37 -15.56 -13.36
N TYR H 44 39.94 -15.83 -12.19
CA TYR H 44 39.60 -17.07 -11.49
C TYR H 44 38.23 -16.97 -10.82
N VAL H 45 37.92 -15.81 -10.24
CA VAL H 45 36.58 -15.60 -9.69
C VAL H 45 35.56 -15.72 -10.82
N TYR H 46 35.86 -15.18 -12.00
CA TYR H 46 34.90 -15.26 -13.08
C TYR H 46 34.71 -16.71 -13.53
N LYS H 47 35.80 -17.49 -13.61
CA LYS H 47 35.64 -18.90 -13.95
C LYS H 47 34.80 -19.66 -12.94
N VAL H 48 35.05 -19.46 -11.64
CA VAL H 48 34.23 -20.14 -10.63
C VAL H 48 32.77 -19.72 -10.75
N LEU H 49 32.51 -18.41 -10.91
CA LEU H 49 31.13 -17.94 -11.09
C LEU H 49 30.46 -18.61 -12.28
N LYS H 50 31.17 -18.70 -13.41
CA LYS H 50 30.63 -19.38 -14.59
C LYS H 50 30.41 -20.85 -14.33
N GLN H 51 31.24 -21.46 -13.46
CA GLN H 51 31.02 -22.84 -13.08
C GLN H 51 29.73 -22.99 -12.29
N VAL H 52 29.47 -22.09 -11.34
CA VAL H 52 28.33 -22.22 -10.44
C VAL H 52 27.10 -21.58 -11.08
N HIS H 53 27.28 -20.46 -11.76
CA HIS H 53 26.17 -19.74 -12.41
C HIS H 53 26.64 -19.12 -13.72
N PRO H 54 26.57 -19.85 -14.83
CA PRO H 54 27.05 -19.28 -16.10
C PRO H 54 26.02 -18.39 -16.77
N ASP H 55 25.35 -17.55 -15.98
CA ASP H 55 24.39 -16.59 -16.50
C ASP H 55 24.43 -15.26 -15.78
N THR H 56 25.28 -15.09 -14.78
CA THR H 56 25.30 -13.91 -13.93
C THR H 56 26.62 -13.16 -14.09
N GLY H 57 26.55 -11.84 -14.11
CA GLY H 57 27.73 -10.99 -14.16
C GLY H 57 28.08 -10.43 -12.81
N ILE H 58 28.95 -9.42 -12.81
CA ILE H 58 29.40 -8.81 -11.56
C ILE H 58 29.90 -7.39 -11.84
N SER H 59 29.52 -6.45 -10.99
CA SER H 59 29.91 -5.06 -11.13
C SER H 59 31.31 -4.81 -10.57
N SER H 60 31.84 -3.63 -10.86
CA SER H 60 33.18 -3.26 -10.37
C SER H 60 33.20 -3.18 -8.86
N LYS H 61 32.21 -2.55 -8.24
CA LYS H 61 32.16 -2.48 -6.78
C LYS H 61 32.08 -3.89 -6.19
N ALA H 62 31.24 -4.74 -6.79
CA ALA H 62 31.10 -6.11 -6.31
C ALA H 62 32.40 -6.89 -6.50
N MET H 63 33.10 -6.67 -7.62
CA MET H 63 34.37 -7.33 -7.83
C MET H 63 35.40 -6.87 -6.81
N GLY H 64 35.38 -5.58 -6.47
CA GLY H 64 36.24 -5.07 -5.42
C GLY H 64 35.95 -5.70 -4.07
N ILE H 65 34.66 -5.92 -3.78
CA ILE H 65 34.27 -6.55 -2.53
C ILE H 65 34.72 -8.01 -2.51
N MET H 66 34.61 -8.71 -3.64
CA MET H 66 35.07 -10.10 -3.70
C MET H 66 36.58 -10.18 -3.53
N ASN H 67 37.32 -9.25 -4.14
CA ASN H 67 38.77 -9.25 -3.98
C ASN H 67 39.19 -8.95 -2.55
N SER H 68 38.57 -7.93 -1.93
CA SER H 68 38.80 -7.67 -0.51
C SER H 68 38.51 -8.89 0.35
N PHE H 69 37.37 -9.55 0.11
CA PHE H 69 37.01 -10.73 0.88
C PHE H 69 38.05 -11.83 0.75
N VAL H 70 38.40 -12.20 -0.49
CA VAL H 70 39.36 -13.28 -0.69
C VAL H 70 40.71 -12.95 -0.08
N ASN H 71 41.21 -11.71 -0.28
CA ASN H 71 42.48 -11.34 0.34
C ASN H 71 42.41 -11.40 1.86
N ASP H 72 41.31 -10.93 2.45
CA ASP H 72 41.15 -10.99 3.90
C ASP H 72 41.20 -12.42 4.40
N ILE H 73 40.44 -13.30 3.76
CA ILE H 73 40.41 -14.72 4.20
C ILE H 73 41.83 -15.25 4.08
N PHE H 74 42.44 -15.06 2.92
CA PHE H 74 43.81 -15.53 2.71
C PHE H 74 44.72 -15.10 3.86
N GLU H 75 44.74 -13.81 4.17
CA GLU H 75 45.60 -13.32 5.23
C GLU H 75 45.28 -13.99 6.56
N ARG H 76 43.99 -14.11 6.89
CA ARG H 76 43.60 -14.76 8.14
C ARG H 76 44.09 -16.19 8.22
N ILE H 77 43.84 -16.97 7.17
CA ILE H 77 44.18 -18.39 7.20
C ILE H 77 45.70 -18.58 7.20
N ALA H 78 46.41 -17.84 6.34
CA ALA H 78 47.86 -17.95 6.27
C ALA H 78 48.49 -17.54 7.59
N GLY H 79 47.97 -16.49 8.23
CA GLY H 79 48.51 -16.04 9.50
C GLY H 79 48.30 -17.07 10.60
N GLU H 80 47.09 -17.62 10.69
CA GLU H 80 46.84 -18.65 11.69
C GLU H 80 47.70 -19.88 11.44
N ALA H 81 47.88 -20.29 10.18
CA ALA H 81 48.73 -21.44 9.89
C ALA H 81 50.19 -21.15 10.27
N SER H 82 50.66 -19.94 9.98
CA SER H 82 52.02 -19.54 10.35
C SER H 82 52.21 -19.61 11.86
N ARG H 83 51.26 -19.06 12.61
CA ARG H 83 51.36 -19.08 14.07
C ARG H 83 51.32 -20.52 14.59
N LEU H 84 50.40 -21.33 14.04
CA LEU H 84 50.34 -22.75 14.38
C LEU H 84 51.69 -23.43 14.20
N ALA H 85 52.32 -23.20 13.04
CA ALA H 85 53.62 -23.80 12.77
C ALA H 85 54.69 -23.33 13.74
N HIS H 86 54.73 -22.02 14.02
CA HIS H 86 55.72 -21.50 14.95
C HIS H 86 55.55 -22.10 16.34
N TYR H 87 54.31 -22.09 16.85
CA TYR H 87 54.03 -22.63 18.19
C TYR H 87 54.49 -24.08 18.33
N ASN H 88 54.48 -24.84 17.24
CA ASN H 88 54.82 -26.26 17.29
C ASN H 88 56.24 -26.52 16.82
N LYS H 89 57.08 -25.48 16.76
CA LYS H 89 58.48 -25.60 16.32
C LYS H 89 58.58 -26.20 14.92
N ARG H 90 57.67 -25.80 14.03
CA ARG H 90 57.71 -26.25 12.65
C ARG H 90 58.10 -25.09 11.75
N SER H 91 59.08 -25.34 10.87
CA SER H 91 59.62 -24.33 9.97
C SER H 91 59.06 -24.43 8.57
N THR H 92 58.23 -25.43 8.29
CA THR H 92 57.69 -25.65 6.95
C THR H 92 56.17 -25.52 7.00
N ILE H 93 55.61 -24.88 5.99
CA ILE H 93 54.16 -24.81 5.83
C ILE H 93 53.69 -26.05 5.08
N THR H 94 52.98 -26.93 5.78
CA THR H 94 52.44 -28.17 5.23
C THR H 94 50.92 -28.14 5.28
N SER H 95 50.32 -29.22 4.77
CA SER H 95 48.86 -29.29 4.65
C SER H 95 48.16 -29.53 5.99
N ARG H 96 48.84 -30.13 6.98
CA ARG H 96 48.18 -30.38 8.26
C ARG H 96 47.88 -29.08 9.03
N GLU H 97 48.83 -28.15 9.08
CA GLU H 97 48.54 -26.85 9.70
C GLU H 97 47.46 -26.09 8.94
N ILE H 98 47.49 -26.13 7.59
CA ILE H 98 46.43 -25.49 6.82
C ILE H 98 45.08 -26.09 7.20
N GLN H 99 45.02 -27.42 7.30
CA GLN H 99 43.76 -28.11 7.59
C GLN H 99 43.26 -27.74 8.98
N THR H 100 44.17 -27.73 9.97
CA THR H 100 43.78 -27.39 11.33
C THR H 100 43.32 -25.94 11.42
N ALA H 101 44.05 -25.02 10.77
CA ALA H 101 43.64 -23.63 10.71
C ALA H 101 42.26 -23.47 10.10
N VAL H 102 41.97 -24.19 9.02
CA VAL H 102 40.64 -24.16 8.41
C VAL H 102 39.59 -24.64 9.40
N ARG H 103 39.92 -25.68 10.16
CA ARG H 103 38.96 -26.20 11.14
C ARG H 103 38.71 -25.19 12.24
N LEU H 104 39.74 -24.46 12.64
CA LEU H 104 39.60 -23.40 13.66
C LEU H 104 38.79 -22.22 13.15
N LEU H 105 39.00 -21.80 11.90
CA LEU H 105 38.41 -20.56 11.41
C LEU H 105 37.02 -20.75 10.81
N LEU H 106 36.76 -21.89 10.19
CA LEU H 106 35.50 -22.07 9.48
C LEU H 106 34.45 -22.68 10.40
N PRO H 107 33.17 -22.33 10.22
CA PRO H 107 32.13 -22.92 11.05
C PRO H 107 31.94 -24.39 10.74
N GLY H 108 30.99 -25.02 11.45
CA GLY H 108 30.85 -26.47 11.39
C GLY H 108 30.74 -27.01 9.97
N GLU H 109 29.60 -26.77 9.31
CA GLU H 109 29.40 -27.37 7.99
C GLU H 109 30.42 -26.83 6.99
N LEU H 110 30.79 -25.56 7.12
CA LEU H 110 31.80 -25.00 6.22
C LEU H 110 33.14 -25.70 6.42
N ALA H 111 33.52 -25.95 7.67
CA ALA H 111 34.78 -26.65 7.94
C ALA H 111 34.75 -28.06 7.39
N LYS H 112 33.65 -28.79 7.62
CA LYS H 112 33.56 -30.17 7.15
C LYS H 112 33.62 -30.23 5.62
N HIS H 113 32.84 -29.38 4.95
CA HIS H 113 32.86 -29.42 3.50
C HIS H 113 34.21 -28.98 2.94
N ALA H 114 34.82 -27.93 3.52
CA ALA H 114 36.12 -27.49 3.06
C ALA H 114 37.19 -28.56 3.26
N VAL H 115 37.22 -29.22 4.42
CA VAL H 115 38.18 -30.29 4.63
C VAL H 115 37.97 -31.42 3.63
N SER H 116 36.71 -31.81 3.37
CA SER H 116 36.46 -32.87 2.40
C SER H 116 36.95 -32.49 1.00
N GLU H 117 36.62 -31.28 0.53
CA GLU H 117 37.08 -30.85 -0.79
C GLU H 117 38.59 -30.73 -0.85
N GLY H 118 39.21 -30.16 0.19
CA GLY H 118 40.66 -30.02 0.18
C GLY H 118 41.36 -31.37 0.15
N THR H 119 40.88 -32.31 0.96
CA THR H 119 41.52 -33.62 1.00
C THR H 119 41.37 -34.34 -0.33
N LYS H 120 40.16 -34.39 -0.89
CA LYS H 120 40.00 -35.02 -2.20
C LYS H 120 40.90 -34.37 -3.25
N ALA H 121 40.95 -33.03 -3.28
CA ALA H 121 41.76 -32.34 -4.29
C ALA H 121 43.25 -32.62 -4.11
N VAL H 122 43.74 -32.60 -2.86
CA VAL H 122 45.16 -32.84 -2.62
C VAL H 122 45.51 -34.29 -2.96
N THR H 123 44.60 -35.23 -2.67
CA THR H 123 44.87 -36.63 -2.98
C THR H 123 44.91 -36.85 -4.49
N LYS H 124 43.99 -36.20 -5.21
CA LYS H 124 44.00 -36.32 -6.66
C LYS H 124 45.26 -35.70 -7.25
N TYR H 125 45.68 -34.56 -6.72
CA TYR H 125 46.91 -33.96 -7.25
C TYR H 125 48.10 -34.87 -6.96
N THR H 126 48.17 -35.43 -5.74
CA THR H 126 49.33 -36.21 -5.35
C THR H 126 49.44 -37.45 -6.24
N SER H 127 48.30 -38.06 -6.55
CA SER H 127 48.28 -39.18 -7.49
C SER H 127 48.68 -38.71 -8.89
N ALA H 128 48.20 -37.54 -9.30
CA ALA H 128 48.54 -37.00 -10.61
C ALA H 128 49.98 -36.49 -10.68
N LYS H 129 50.58 -36.18 -9.54
CA LYS H 129 51.95 -35.67 -9.46
C LYS H 129 52.13 -34.37 -10.25
N SER K 96 -49.29 9.80 2.13
CA SER K 96 -49.90 9.98 3.44
C SER K 96 -48.79 10.15 4.46
N SER K 97 -49.09 10.84 5.56
CA SER K 97 -48.15 11.05 6.65
C SER K 97 -47.97 9.78 7.46
N SER K 98 -48.92 8.85 7.30
CA SER K 98 -48.93 7.65 8.13
C SER K 98 -49.32 6.41 7.34
N VAL K 99 -49.19 5.26 8.00
CA VAL K 99 -49.65 4.01 7.43
C VAL K 99 -50.61 3.34 8.41
N PRO K 100 -51.81 3.00 7.93
CA PRO K 100 -52.78 2.33 8.81
C PRO K 100 -52.24 0.97 9.26
N SER K 101 -52.44 0.63 10.53
CA SER K 101 -52.08 -0.68 11.03
C SER K 101 -52.87 -1.76 10.30
N GLN K 102 -52.25 -2.91 10.06
CA GLN K 102 -52.93 -4.02 9.39
C GLN K 102 -53.02 -5.26 10.29
N LYS K 103 -52.51 -5.14 11.50
CA LYS K 103 -52.59 -6.21 12.49
C LYS K 103 -54.00 -6.75 12.74
N THR K 104 -54.16 -8.06 12.59
CA THR K 104 -55.41 -8.70 12.91
C THR K 104 -55.72 -8.49 14.39
N TYR K 105 -56.95 -8.13 14.69
CA TYR K 105 -57.36 -7.86 16.06
C TYR K 105 -58.83 -8.23 16.15
N GLN K 106 -59.13 -9.40 16.70
CA GLN K 106 -60.51 -9.86 16.80
C GLN K 106 -61.26 -9.06 17.86
N GLY K 107 -60.54 -8.55 18.86
CA GLY K 107 -61.12 -7.69 19.86
C GLY K 107 -62.16 -8.36 20.76
N SER K 108 -62.89 -7.55 21.53
CA SER K 108 -63.86 -8.05 22.49
C SER K 108 -65.01 -8.81 21.87
N TYR K 109 -65.36 -8.46 20.64
CA TYR K 109 -66.53 -9.05 20.00
C TYR K 109 -66.22 -10.25 19.11
N GLY K 110 -64.94 -10.66 19.07
CA GLY K 110 -64.56 -11.83 18.31
C GLY K 110 -64.79 -11.64 16.82
N PHE K 111 -64.32 -10.51 16.31
CA PHE K 111 -64.57 -10.10 14.94
C PHE K 111 -63.69 -10.88 13.95
N ARG K 112 -64.34 -11.57 13.01
CA ARG K 112 -63.64 -12.32 11.95
C ARG K 112 -64.29 -12.03 10.61
N LEU K 113 -63.56 -12.28 9.52
CA LEU K 113 -64.15 -12.21 8.19
C LEU K 113 -64.45 -13.59 7.65
N GLY K 114 -65.44 -13.68 6.77
CA GLY K 114 -65.69 -14.91 6.04
C GLY K 114 -65.91 -14.59 4.56
N PHE K 115 -65.71 -15.56 3.69
CA PHE K 115 -65.86 -15.37 2.25
C PHE K 115 -66.58 -16.56 1.63
N LEU K 116 -67.26 -16.34 0.51
CA LEU K 116 -67.95 -17.42 -0.20
C LEU K 116 -66.97 -18.45 -0.80
N HIS K 117 -67.50 -19.61 -1.19
CA HIS K 117 -66.67 -20.72 -1.67
C HIS K 117 -66.50 -20.78 -3.18
N SER K 118 -66.75 -19.66 -3.86
CA SER K 118 -66.62 -19.60 -5.31
C SER K 118 -65.39 -20.35 -5.79
N GLY K 119 -65.54 -21.10 -6.89
CA GLY K 119 -64.42 -21.83 -7.46
C GLY K 119 -63.56 -20.95 -8.34
N THR K 120 -62.90 -21.55 -9.33
CA THR K 120 -61.92 -20.78 -10.14
C THR K 120 -62.16 -20.84 -11.65
N ALA K 121 -63.40 -20.78 -12.12
CA ALA K 121 -63.59 -20.67 -13.58
C ALA K 121 -62.92 -19.37 -13.97
N LYS K 122 -62.10 -19.35 -15.03
CA LYS K 122 -61.31 -18.12 -15.36
C LYS K 122 -62.23 -16.89 -15.32
N SER K 123 -63.49 -17.01 -15.71
CA SER K 123 -64.46 -15.89 -15.80
C SER K 123 -65.10 -15.48 -14.45
N VAL K 124 -64.90 -16.25 -13.38
CA VAL K 124 -65.59 -15.98 -12.08
C VAL K 124 -65.50 -14.48 -11.75
N THR K 125 -66.56 -13.91 -11.18
CA THR K 125 -66.60 -12.46 -10.89
C THR K 125 -65.84 -12.14 -9.59
N CYS K 126 -65.88 -13.04 -8.62
CA CYS K 126 -65.25 -12.85 -7.32
C CYS K 126 -64.96 -14.21 -6.69
N THR K 127 -63.69 -14.47 -6.42
CA THR K 127 -63.30 -15.73 -5.79
C THR K 127 -62.21 -15.48 -4.77
N TYR K 128 -62.31 -16.15 -3.63
CA TYR K 128 -61.39 -15.96 -2.51
C TYR K 128 -60.46 -17.16 -2.37
N SER K 129 -59.18 -16.90 -2.12
CA SER K 129 -58.20 -17.94 -1.91
C SER K 129 -57.78 -18.03 -0.44
N PRO K 130 -58.23 -19.08 0.27
CA PRO K 130 -57.81 -19.30 1.66
C PRO K 130 -56.30 -19.49 1.80
N ALA K 131 -55.67 -20.10 0.79
CA ALA K 131 -54.23 -20.33 0.82
C ALA K 131 -53.46 -19.02 0.87
N LEU K 132 -53.93 -18.05 0.09
CA LEU K 132 -53.26 -16.75 -0.02
C LEU K 132 -53.90 -15.66 0.86
N ASN K 133 -55.04 -15.96 1.49
CA ASN K 133 -55.89 -14.92 2.09
C ASN K 133 -56.05 -13.75 1.12
N LYS K 134 -56.50 -14.07 -0.09
CA LYS K 134 -56.51 -13.08 -1.18
C LYS K 134 -57.78 -13.19 -1.99
N MET K 135 -58.46 -12.07 -2.17
CA MET K 135 -59.65 -12.02 -3.02
C MET K 135 -59.21 -11.69 -4.44
N PHE K 136 -59.81 -12.39 -5.42
CA PHE K 136 -59.61 -12.09 -6.82
C PHE K 136 -60.96 -11.69 -7.38
N CYS K 137 -61.08 -10.51 -7.98
CA CYS K 137 -62.39 -10.03 -8.40
C CYS K 137 -62.31 -9.15 -9.64
N GLN K 138 -63.43 -9.03 -10.34
CA GLN K 138 -63.49 -8.16 -11.51
C GLN K 138 -63.92 -6.76 -11.12
N LEU K 139 -63.52 -5.80 -11.94
CA LEU K 139 -63.81 -4.38 -11.72
C LEU K 139 -65.30 -4.14 -11.66
N ALA K 140 -65.74 -3.42 -10.64
CA ALA K 140 -67.12 -3.03 -10.45
C ALA K 140 -68.08 -4.18 -10.12
N LYS K 141 -67.57 -5.40 -10.01
CA LYS K 141 -68.41 -6.54 -9.67
C LYS K 141 -68.59 -6.67 -8.16
N THR K 142 -69.67 -7.33 -7.76
CA THR K 142 -70.00 -7.52 -6.35
C THR K 142 -68.99 -8.42 -5.65
N CYS K 143 -68.44 -7.94 -4.54
CA CYS K 143 -67.52 -8.73 -3.73
C CYS K 143 -68.05 -8.88 -2.33
N PRO K 144 -68.70 -10.02 -2.03
CA PRO K 144 -69.30 -10.21 -0.71
C PRO K 144 -68.22 -10.49 0.32
N VAL K 145 -68.29 -9.78 1.43
CA VAL K 145 -67.43 -10.05 2.57
C VAL K 145 -68.32 -10.23 3.79
N GLN K 146 -68.13 -11.33 4.50
CA GLN K 146 -68.96 -11.64 5.66
C GLN K 146 -68.28 -11.13 6.92
N LEU K 147 -69.05 -10.46 7.77
CA LEU K 147 -68.57 -10.09 9.09
C LEU K 147 -69.11 -11.06 10.12
N TRP K 148 -68.22 -11.73 10.85
CA TRP K 148 -68.60 -12.67 11.89
C TRP K 148 -68.18 -12.09 13.25
N VAL K 149 -69.06 -12.18 14.24
CA VAL K 149 -68.71 -11.78 15.60
C VAL K 149 -69.22 -12.81 16.60
N ASP K 150 -68.50 -12.98 17.72
CA ASP K 150 -68.93 -13.90 18.76
C ASP K 150 -70.07 -13.28 19.56
N SER K 151 -70.02 -11.97 19.75
CA SER K 151 -71.13 -11.25 20.37
C SER K 151 -71.40 -9.91 19.69
N THR K 152 -72.63 -9.42 19.84
CA THR K 152 -73.09 -8.26 19.10
C THR K 152 -72.56 -6.94 19.65
N PRO K 153 -71.86 -6.17 18.80
CA PRO K 153 -71.35 -4.85 19.18
C PRO K 153 -72.50 -3.87 19.36
N PRO K 154 -72.28 -2.80 20.13
CA PRO K 154 -73.36 -1.84 20.43
C PRO K 154 -73.89 -1.12 19.20
N PRO K 155 -75.15 -0.68 19.25
CA PRO K 155 -75.71 0.19 18.21
C PRO K 155 -74.82 1.41 18.01
N GLY K 156 -74.61 1.81 16.77
CA GLY K 156 -73.72 2.91 16.47
C GLY K 156 -72.34 2.43 16.04
N THR K 157 -72.09 1.13 16.23
CA THR K 157 -70.88 0.51 15.68
C THR K 157 -70.86 0.63 14.16
N ARG K 158 -69.70 0.93 13.60
CA ARG K 158 -69.58 1.07 12.15
C ARG K 158 -68.51 0.15 11.58
N VAL K 159 -68.60 -0.09 10.28
CA VAL K 159 -67.66 -0.96 9.57
C VAL K 159 -67.00 -0.15 8.48
N ARG K 160 -65.67 -0.07 8.52
CA ARG K 160 -64.91 0.72 7.58
C ARG K 160 -63.98 -0.15 6.73
N ALA K 161 -63.86 0.21 5.45
CA ALA K 161 -62.93 -0.45 4.55
C ALA K 161 -61.98 0.56 3.96
N MET K 162 -60.70 0.20 3.92
CA MET K 162 -59.65 1.03 3.37
C MET K 162 -58.63 0.16 2.64
N ALA K 163 -58.12 0.64 1.52
CA ALA K 163 -57.04 -0.08 0.85
C ALA K 163 -55.70 0.56 1.15
N ILE K 164 -54.66 -0.27 1.22
CA ILE K 164 -53.28 0.23 1.22
C ILE K 164 -52.46 -0.67 0.32
N TYR K 165 -51.36 -0.13 -0.23
CA TYR K 165 -50.42 -0.97 -0.93
C TYR K 165 -49.76 -1.98 0.01
N LYS K 166 -49.60 -3.20 -0.45
CA LYS K 166 -49.02 -4.26 0.36
C LYS K 166 -47.49 -4.17 0.50
N GLN K 167 -46.81 -3.79 -0.58
CA GLN K 167 -45.35 -3.65 -0.55
C GLN K 167 -44.93 -2.47 0.29
N SER K 168 -43.98 -2.68 1.19
CA SER K 168 -43.61 -1.65 2.17
C SER K 168 -43.20 -0.31 1.55
N GLN K 169 -42.52 -0.34 0.41
CA GLN K 169 -42.08 0.93 -0.18
C GLN K 169 -43.22 1.75 -0.76
N HIS K 170 -44.38 1.12 -1.00
CA HIS K 170 -45.53 1.84 -1.53
C HIS K 170 -46.58 2.16 -0.45
N MET K 171 -46.33 1.70 0.77
CA MET K 171 -47.34 1.79 1.82
C MET K 171 -47.86 3.20 2.09
N THR K 172 -46.99 4.20 1.97
CA THR K 172 -47.37 5.59 2.25
C THR K 172 -48.13 6.24 1.10
N GLU K 173 -48.15 5.59 -0.05
CA GLU K 173 -48.89 6.16 -1.19
C GLU K 173 -50.36 5.83 -1.08
N VAL K 174 -51.20 6.86 -1.11
CA VAL K 174 -52.64 6.67 -1.02
C VAL K 174 -53.16 5.84 -2.20
N VAL K 175 -53.94 4.80 -1.91
CA VAL K 175 -54.57 4.03 -2.97
C VAL K 175 -55.76 4.80 -3.54
N ARG K 176 -55.76 5.04 -4.84
CA ARG K 176 -56.86 5.79 -5.46
C ARG K 176 -57.08 5.29 -6.90
N ARG K 177 -58.19 5.71 -7.50
CA ARG K 177 -58.49 5.32 -8.86
C ARG K 177 -57.52 5.98 -9.85
N CYS K 178 -57.32 5.34 -10.99
CA CYS K 178 -56.45 5.91 -12.02
C CYS K 178 -57.15 7.11 -12.68
N PRO K 179 -56.39 7.91 -13.44
CA PRO K 179 -56.95 9.12 -14.05
C PRO K 179 -58.10 8.78 -15.00
N HIS K 180 -58.00 7.68 -15.73
CA HIS K 180 -59.07 7.33 -16.65
C HIS K 180 -60.36 6.99 -15.92
N HIS K 181 -60.29 6.08 -14.95
CA HIS K 181 -61.52 5.64 -14.27
C HIS K 181 -62.08 6.74 -13.38
N GLU K 182 -61.20 7.61 -12.91
CA GLU K 182 -61.61 8.78 -12.14
C GLU K 182 -62.49 9.70 -12.99
N ARG K 183 -62.20 9.77 -14.28
CA ARG K 183 -62.86 10.71 -15.17
C ARG K 183 -64.09 10.13 -15.85
N CYS K 184 -64.13 8.81 -15.99
CA CYS K 184 -65.25 8.18 -16.68
C CYS K 184 -66.52 8.38 -15.85
N SER K 185 -67.66 8.18 -16.47
CA SER K 185 -68.93 8.56 -15.86
C SER K 185 -69.64 7.38 -15.21
N ASP K 186 -69.03 6.83 -14.16
CA ASP K 186 -69.57 5.62 -13.56
C ASP K 186 -69.96 5.75 -12.09
N SER K 187 -69.96 6.97 -11.57
CA SER K 187 -70.38 7.19 -10.19
C SER K 187 -71.82 6.74 -10.00
N ASP K 188 -72.08 6.16 -8.82
CA ASP K 188 -73.41 5.63 -8.51
C ASP K 188 -74.28 6.69 -7.83
N GLY K 189 -73.81 7.93 -7.84
CA GLY K 189 -74.55 9.02 -7.20
C GLY K 189 -74.16 9.18 -5.75
N LEU K 190 -73.48 8.18 -5.19
CA LEU K 190 -73.11 8.20 -3.78
C LEU K 190 -71.59 8.31 -3.60
N ALA K 191 -70.83 7.57 -4.41
CA ALA K 191 -69.39 7.49 -4.22
C ALA K 191 -68.64 8.55 -5.01
N PRO K 192 -67.68 9.22 -4.36
CA PRO K 192 -66.82 10.15 -5.09
C PRO K 192 -66.06 9.39 -6.19
N PRO K 193 -65.74 10.08 -7.30
CA PRO K 193 -65.16 9.44 -8.49
C PRO K 193 -63.79 8.82 -8.24
N GLN K 194 -63.05 9.35 -7.27
CA GLN K 194 -61.68 8.90 -7.06
C GLN K 194 -61.52 7.75 -6.06
N HIS K 195 -62.62 7.32 -5.44
CA HIS K 195 -62.55 6.26 -4.45
C HIS K 195 -62.47 4.89 -5.11
N LEU K 196 -61.45 4.12 -4.76
CA LEU K 196 -61.33 2.76 -5.26
C LEU K 196 -62.45 1.87 -4.79
N ILE K 197 -62.73 1.91 -3.48
CA ILE K 197 -63.66 0.95 -2.89
C ILE K 197 -65.03 1.57 -2.62
N ARG K 198 -66.07 0.92 -3.13
CA ARG K 198 -67.44 1.34 -2.89
C ARG K 198 -68.20 0.26 -2.15
N VAL K 199 -69.28 0.64 -1.50
CA VAL K 199 -70.22 -0.35 -0.97
C VAL K 199 -71.46 -0.26 -1.82
N GLU K 200 -71.96 -1.39 -2.29
CA GLU K 200 -73.18 -1.34 -3.08
C GLU K 200 -74.39 -1.73 -2.24
N GLY K 201 -75.52 -1.10 -2.54
CA GLY K 201 -76.78 -1.45 -1.91
C GLY K 201 -76.91 -1.00 -0.46
N ASN K 202 -76.38 0.17 -0.14
CA ASN K 202 -76.54 0.70 1.22
C ASN K 202 -76.66 2.21 1.23
N LEU K 203 -77.89 2.70 1.48
CA LEU K 203 -78.16 4.13 1.47
C LEU K 203 -77.42 4.90 2.55
N ARG K 204 -77.00 4.20 3.61
CA ARG K 204 -76.32 4.86 4.72
C ARG K 204 -74.80 4.85 4.59
N VAL K 205 -74.30 4.54 3.40
CA VAL K 205 -72.86 4.52 3.17
C VAL K 205 -72.31 5.95 3.28
N GLU K 206 -71.13 6.07 3.90
CA GLU K 206 -70.39 7.33 3.89
C GLU K 206 -69.01 7.13 3.29
N TYR K 207 -68.57 8.13 2.52
CA TYR K 207 -67.22 8.12 1.98
C TYR K 207 -66.37 9.20 2.63
N LEU K 208 -65.22 8.81 3.15
CA LEU K 208 -64.37 9.76 3.84
C LEU K 208 -63.06 9.99 3.11
N ASP K 209 -62.68 11.26 3.03
CA ASP K 209 -61.37 11.65 2.56
C ASP K 209 -60.68 12.31 3.75
N ASP K 210 -59.87 11.54 4.47
CA ASP K 210 -59.29 11.96 5.74
C ASP K 210 -58.41 13.19 5.57
N ARG K 211 -58.72 14.24 6.34
CA ARG K 211 -58.02 15.52 6.19
C ARG K 211 -56.57 15.46 6.65
N ASN K 212 -56.28 14.54 7.55
CA ASN K 212 -54.94 14.43 8.13
C ASN K 212 -54.07 13.39 7.44
N THR K 213 -54.66 12.25 7.09
CA THR K 213 -53.89 11.15 6.48
C THR K 213 -54.03 11.11 4.98
N PHE K 214 -55.08 11.75 4.46
CA PHE K 214 -55.37 11.80 3.02
C PHE K 214 -55.88 10.45 2.49
N ARG K 215 -56.15 9.51 3.39
CA ARG K 215 -56.66 8.20 3.01
C ARG K 215 -58.14 8.24 2.66
N HIS K 216 -58.54 7.44 1.68
CA HIS K 216 -59.95 7.27 1.37
C HIS K 216 -60.46 6.07 2.16
N SER K 217 -61.73 6.12 2.56
CA SER K 217 -62.37 4.95 3.13
C SER K 217 -63.87 5.03 2.95
N VAL K 218 -64.51 3.87 3.06
CA VAL K 218 -65.95 3.77 2.96
C VAL K 218 -66.47 3.06 4.20
N VAL K 219 -67.51 3.64 4.81
CA VAL K 219 -68.01 3.19 6.12
C VAL K 219 -69.53 3.04 6.07
N VAL K 220 -70.02 1.97 6.68
CA VAL K 220 -71.45 1.75 6.83
C VAL K 220 -71.73 1.37 8.29
N PRO K 221 -72.99 1.58 8.72
CA PRO K 221 -73.36 1.13 10.07
C PRO K 221 -73.30 -0.38 10.14
N TYR K 222 -72.81 -0.92 11.25
CA TYR K 222 -72.86 -2.37 11.46
C TYR K 222 -74.29 -2.78 11.76
N GLU K 223 -74.76 -3.85 11.13
CA GLU K 223 -76.08 -4.40 11.42
C GLU K 223 -75.92 -5.86 11.82
N PRO K 224 -76.48 -6.25 12.99
CA PRO K 224 -76.36 -7.66 13.37
C PRO K 224 -77.02 -8.51 12.28
N PRO K 225 -76.66 -9.79 12.17
CA PRO K 225 -77.21 -10.58 11.06
C PRO K 225 -78.74 -10.59 11.10
N GLU K 226 -79.35 -10.73 9.92
CA GLU K 226 -80.78 -10.94 9.84
C GLU K 226 -81.09 -12.18 10.67
N VAL K 227 -82.26 -12.22 11.34
CA VAL K 227 -82.63 -13.41 12.11
C VAL K 227 -82.58 -14.63 11.18
N GLY K 228 -81.91 -15.68 11.63
CA GLY K 228 -81.73 -16.87 10.81
C GLY K 228 -80.38 -16.88 10.10
N SER K 229 -79.64 -15.79 10.22
CA SER K 229 -78.30 -15.72 9.64
C SER K 229 -77.25 -15.65 10.75
N ASP K 230 -76.05 -16.10 10.44
CA ASP K 230 -74.97 -16.13 11.42
C ASP K 230 -73.97 -15.02 11.19
N CYS K 231 -74.11 -14.31 10.08
CA CYS K 231 -73.15 -13.28 9.76
C CYS K 231 -73.80 -12.15 9.00
N THR K 232 -73.10 -11.04 8.96
CA THR K 232 -73.56 -9.90 8.19
C THR K 232 -72.67 -9.78 6.96
N THR K 233 -73.30 -9.68 5.80
CA THR K 233 -72.55 -9.59 4.55
C THR K 233 -72.55 -8.16 4.04
N ILE K 234 -71.36 -7.67 3.70
CA ILE K 234 -71.24 -6.38 3.04
C ILE K 234 -70.77 -6.61 1.61
N HIS K 235 -71.30 -5.81 0.69
CA HIS K 235 -70.95 -5.97 -0.71
C HIS K 235 -70.11 -4.82 -1.21
N TYR K 236 -68.84 -5.12 -1.47
CA TYR K 236 -67.91 -4.11 -1.95
C TYR K 236 -67.78 -4.19 -3.45
N ASN K 237 -67.43 -3.07 -4.07
CA ASN K 237 -67.06 -3.02 -5.48
C ASN K 237 -65.68 -2.39 -5.52
N TYR K 238 -64.81 -2.93 -6.36
CA TYR K 238 -63.50 -2.30 -6.59
C TYR K 238 -63.48 -1.70 -8.00
N MET K 239 -63.15 -0.41 -8.10
CA MET K 239 -63.45 0.39 -9.27
C MET K 239 -62.25 0.65 -10.21
N CYS K 240 -61.13 -0.01 -9.96
CA CYS K 240 -60.02 -0.10 -10.91
C CYS K 240 -59.46 -1.52 -10.88
N ASN K 241 -58.80 -1.91 -11.97
CA ASN K 241 -58.01 -3.13 -11.99
C ASN K 241 -56.69 -2.88 -11.30
N SER K 242 -56.10 -3.92 -10.72
CA SER K 242 -54.80 -3.79 -10.07
C SER K 242 -53.77 -3.23 -11.06
N SER K 243 -53.99 -3.50 -12.35
CA SER K 243 -53.05 -3.12 -13.41
C SER K 243 -53.21 -1.69 -13.94
N CYS K 244 -54.18 -0.94 -13.46
CA CYS K 244 -54.49 0.35 -14.09
C CYS K 244 -53.26 1.27 -14.04
N MET K 245 -52.84 1.73 -15.21
CA MET K 245 -51.68 2.60 -15.27
C MET K 245 -52.06 3.99 -14.70
N GLY K 246 -51.15 4.58 -13.95
CA GLY K 246 -51.46 5.81 -13.22
C GLY K 246 -52.29 5.59 -11.97
N GLY K 247 -52.65 4.34 -11.69
CA GLY K 247 -53.41 4.01 -10.50
C GLY K 247 -52.62 3.01 -9.68
N MET K 248 -53.21 1.85 -9.40
CA MET K 248 -52.49 0.80 -8.67
C MET K 248 -51.28 0.30 -9.46
N ASN K 249 -51.32 0.43 -10.79
CA ASN K 249 -50.15 0.16 -11.63
C ASN K 249 -49.48 -1.18 -11.32
N ARG K 250 -50.28 -2.25 -11.22
CA ARG K 250 -49.76 -3.64 -11.00
C ARG K 250 -49.22 -3.86 -9.58
N ARG K 251 -49.47 -2.94 -8.64
CA ARG K 251 -49.06 -3.19 -7.26
C ARG K 251 -50.21 -3.82 -6.48
N PRO K 252 -49.92 -4.90 -5.75
CA PRO K 252 -50.92 -5.55 -4.90
C PRO K 252 -51.37 -4.63 -3.76
N ILE K 253 -52.62 -4.77 -3.34
CA ILE K 253 -53.15 -4.01 -2.22
C ILE K 253 -53.72 -4.92 -1.17
N LEU K 254 -53.88 -4.38 0.03
CA LEU K 254 -54.65 -5.04 1.07
C LEU K 254 -55.91 -4.23 1.29
N THR K 255 -57.00 -4.92 1.59
CA THR K 255 -58.16 -4.23 2.10
C THR K 255 -58.18 -4.44 3.60
N ILE K 256 -58.27 -3.35 4.35
CA ILE K 256 -58.35 -3.42 5.81
C ILE K 256 -59.80 -3.14 6.25
N ILE K 257 -60.41 -4.10 6.92
CA ILE K 257 -61.76 -3.93 7.43
C ILE K 257 -61.73 -3.67 8.93
N THR K 258 -62.21 -2.51 9.37
CA THR K 258 -62.20 -2.24 10.80
C THR K 258 -63.59 -2.09 11.40
N LEU K 259 -63.76 -2.68 12.57
CA LEU K 259 -64.94 -2.46 13.39
C LEU K 259 -64.60 -1.29 14.31
N GLU K 260 -65.39 -0.23 14.27
CA GLU K 260 -65.09 0.92 15.14
C GLU K 260 -66.34 1.42 15.85
N ASP K 261 -66.12 2.03 17.01
CA ASP K 261 -67.23 2.62 17.73
C ASP K 261 -67.62 3.97 17.11
N SER K 262 -68.59 4.62 17.72
CA SER K 262 -69.23 5.79 17.15
C SER K 262 -68.29 6.98 17.06
N SER K 263 -67.23 6.96 17.87
CA SER K 263 -66.16 7.97 17.81
C SER K 263 -65.04 7.61 16.84
N GLY K 264 -65.07 6.39 16.31
CA GLY K 264 -64.06 5.96 15.36
C GLY K 264 -62.98 5.14 16.04
N ASN K 265 -63.14 4.87 17.33
CA ASN K 265 -62.18 4.04 18.06
C ASN K 265 -62.23 2.58 17.60
N LEU K 266 -61.09 1.92 17.63
CA LEU K 266 -60.96 0.58 17.09
C LEU K 266 -61.61 -0.50 17.98
N LEU K 267 -62.48 -1.30 17.38
CA LEU K 267 -63.13 -2.42 18.09
C LEU K 267 -62.55 -3.74 17.59
N GLY K 268 -62.12 -3.75 16.32
CA GLY K 268 -61.62 -4.97 15.72
C GLY K 268 -61.04 -4.67 14.35
N ARG K 269 -60.19 -5.56 13.86
CA ARG K 269 -59.57 -5.34 12.56
C ARG K 269 -59.22 -6.66 11.90
N ASN K 270 -59.46 -6.72 10.60
CA ASN K 270 -59.04 -7.85 9.78
C ASN K 270 -58.64 -7.32 8.41
N SER K 271 -58.00 -8.15 7.61
CA SER K 271 -57.57 -7.69 6.29
C SER K 271 -57.42 -8.86 5.32
N PHE K 272 -57.43 -8.54 4.04
CA PHE K 272 -57.12 -9.53 3.02
C PHE K 272 -56.48 -8.86 1.83
N GLU K 273 -55.69 -9.62 1.07
CA GLU K 273 -55.10 -9.10 -0.15
C GLU K 273 -56.17 -9.10 -1.23
N VAL K 274 -56.03 -8.18 -2.19
CA VAL K 274 -56.95 -8.09 -3.30
C VAL K 274 -56.22 -7.95 -4.62
N ARG K 275 -56.64 -8.75 -5.60
CA ARG K 275 -56.27 -8.51 -6.99
C ARG K 275 -57.51 -8.24 -7.82
N VAL K 276 -57.59 -7.06 -8.42
CA VAL K 276 -58.72 -6.74 -9.29
C VAL K 276 -58.25 -6.95 -10.72
N CYS K 277 -58.90 -7.86 -11.44
CA CYS K 277 -58.38 -8.32 -12.72
C CYS K 277 -59.50 -8.84 -13.61
N ALA K 278 -59.19 -9.05 -14.88
CA ALA K 278 -60.17 -9.52 -15.86
C ALA K 278 -60.56 -10.98 -15.68
N CYS K 279 -59.61 -11.81 -15.27
CA CYS K 279 -59.86 -13.24 -15.15
C CYS K 279 -59.47 -13.77 -13.75
N PRO K 280 -60.36 -13.56 -12.76
CA PRO K 280 -60.06 -13.95 -11.38
C PRO K 280 -59.68 -15.42 -11.22
N GLY K 281 -60.45 -16.32 -11.83
CA GLY K 281 -60.19 -17.75 -11.72
C GLY K 281 -58.84 -18.14 -12.30
N ARG K 282 -58.53 -17.63 -13.48
CA ARG K 282 -57.23 -17.88 -14.08
C ARG K 282 -56.10 -17.41 -13.18
N ASP K 283 -56.21 -16.17 -12.70
CA ASP K 283 -55.14 -15.56 -11.94
C ASP K 283 -54.99 -16.18 -10.54
N ARG K 284 -56.11 -16.58 -9.95
CA ARG K 284 -56.04 -17.25 -8.65
C ARG K 284 -55.29 -18.58 -8.77
N ARG K 285 -55.61 -19.37 -9.81
CA ARG K 285 -54.95 -20.69 -9.97
C ARG K 285 -53.47 -20.44 -10.22
N THR K 286 -53.15 -19.45 -11.04
CA THR K 286 -51.74 -19.16 -11.32
C THR K 286 -50.94 -18.83 -10.05
N GLU K 287 -51.46 -17.95 -9.20
CA GLU K 287 -50.76 -17.59 -7.98
C GLU K 287 -50.71 -18.74 -6.96
N GLU K 288 -51.73 -19.56 -6.92
CA GLU K 288 -51.72 -20.73 -6.05
C GLU K 288 -50.68 -21.76 -6.53
N GLU K 289 -50.60 -21.97 -7.84
CA GLU K 289 -49.60 -22.87 -8.41
C GLU K 289 -48.20 -22.38 -8.10
N ASN K 290 -48.00 -21.08 -8.22
CA ASN K 290 -46.67 -20.48 -7.96
C ASN K 290 -46.22 -20.57 -6.52
N LEU K 291 -47.14 -20.96 -5.64
CA LEU K 291 -46.82 -21.16 -4.24
C LEU K 291 -45.88 -22.37 -4.11
N ARG K 292 -46.06 -23.32 -5.04
CA ARG K 292 -45.26 -24.54 -5.07
C ARG K 292 -43.93 -24.32 -5.77
N LYS K 293 -43.72 -23.10 -6.27
CA LYS K 293 -42.51 -22.76 -7.00
C LYS K 293 -41.64 -21.80 -6.20
N SER L 96 -66.17 16.48 -32.83
CA SER L 96 -65.97 17.58 -33.77
C SER L 96 -67.21 17.72 -34.65
N SER L 97 -67.43 18.93 -35.15
CA SER L 97 -68.55 19.20 -36.03
C SER L 97 -68.30 18.64 -37.42
N SER L 98 -67.02 18.35 -37.70
CA SER L 98 -66.61 17.93 -39.03
C SER L 98 -65.59 16.81 -39.02
N VAL L 99 -65.29 16.29 -40.20
CA VAL L 99 -64.22 15.31 -40.37
C VAL L 99 -63.28 15.79 -41.45
N PRO L 100 -61.99 15.89 -41.12
CA PRO L 100 -61.01 16.32 -42.11
C PRO L 100 -60.95 15.33 -43.27
N SER L 101 -60.87 15.84 -44.49
CA SER L 101 -60.67 14.99 -45.67
C SER L 101 -59.37 14.22 -45.54
N GLN L 102 -59.34 12.99 -46.05
CA GLN L 102 -58.13 12.19 -46.01
C GLN L 102 -57.64 11.86 -47.42
N LYS L 103 -58.36 12.35 -48.42
CA LYS L 103 -58.03 12.09 -49.82
C LYS L 103 -56.60 12.49 -50.18
N THR L 104 -55.86 11.54 -50.72
CA THR L 104 -54.53 11.85 -51.25
C THR L 104 -54.64 12.90 -52.35
N TYR L 105 -53.79 13.92 -52.28
CA TYR L 105 -53.79 15.01 -53.24
C TYR L 105 -52.36 15.50 -53.37
N GLN L 106 -51.68 15.08 -54.43
CA GLN L 106 -50.29 15.46 -54.63
C GLN L 106 -50.19 16.94 -55.01
N GLY L 107 -51.24 17.47 -55.63
CA GLY L 107 -51.30 18.89 -55.96
C GLY L 107 -50.26 19.36 -56.95
N SER L 108 -50.12 20.68 -57.08
CA SER L 108 -49.25 21.30 -58.08
C SER L 108 -47.79 20.97 -57.87
N TYR L 109 -47.40 20.75 -56.62
CA TYR L 109 -45.99 20.54 -56.29
C TYR L 109 -45.56 19.09 -56.23
N GLY L 110 -46.48 18.18 -56.55
CA GLY L 110 -46.18 16.76 -56.57
C GLY L 110 -45.77 16.24 -55.20
N PHE L 111 -46.59 16.57 -54.21
CA PHE L 111 -46.30 16.26 -52.80
C PHE L 111 -46.52 14.78 -52.51
N ARG L 112 -45.47 14.11 -52.03
CA ARG L 112 -45.53 12.71 -51.62
C ARG L 112 -44.85 12.52 -50.28
N LEU L 113 -45.17 11.43 -49.59
CA LEU L 113 -44.45 11.08 -48.37
C LEU L 113 -43.47 9.94 -48.64
N GLY L 114 -42.40 9.90 -47.88
CA GLY L 114 -41.49 8.76 -47.88
C GLY L 114 -41.18 8.33 -46.46
N PHE L 115 -40.72 7.09 -46.29
CA PHE L 115 -40.39 6.56 -44.98
C PHE L 115 -39.11 5.73 -45.03
N LEU L 116 -38.41 5.64 -43.90
CA LEU L 116 -37.18 4.83 -43.81
C LEU L 116 -37.46 3.35 -43.96
N HIS L 117 -36.41 2.56 -44.23
CA HIS L 117 -36.55 1.14 -44.51
C HIS L 117 -36.38 0.24 -43.29
N SER L 118 -36.51 0.84 -42.12
CA SER L 118 -36.32 0.13 -40.83
C SER L 118 -36.99 -1.24 -40.88
N GLY L 119 -36.32 -2.25 -40.35
CA GLY L 119 -36.87 -3.62 -40.43
C GLY L 119 -37.92 -3.89 -39.38
N THR L 120 -38.21 -5.16 -39.13
CA THR L 120 -39.29 -5.53 -38.17
C THR L 120 -38.73 -6.16 -36.88
N ALA L 121 -37.57 -5.72 -36.40
CA ALA L 121 -37.07 -6.19 -35.09
C ALA L 121 -38.18 -5.99 -34.06
N LYS L 122 -38.39 -6.97 -33.20
CA LYS L 122 -39.51 -6.92 -32.22
C LYS L 122 -39.76 -5.51 -31.71
N SER L 123 -38.74 -4.85 -31.15
CA SER L 123 -38.96 -3.53 -30.51
C SER L 123 -38.26 -2.40 -31.26
N VAL L 124 -38.30 -2.41 -32.59
CA VAL L 124 -37.74 -1.28 -33.37
C VAL L 124 -38.54 -0.04 -32.97
N THR L 125 -37.89 1.11 -32.82
CA THR L 125 -38.56 2.34 -32.35
C THR L 125 -39.61 2.82 -33.36
N CYS L 126 -39.36 2.65 -34.65
CA CYS L 126 -40.25 3.14 -35.69
C CYS L 126 -40.02 2.37 -36.98
N THR L 127 -41.07 1.73 -37.48
CA THR L 127 -40.97 0.98 -38.73
C THR L 127 -42.23 1.13 -39.54
N TYR L 128 -42.06 1.29 -40.84
CA TYR L 128 -43.15 1.56 -41.75
C TYR L 128 -43.46 0.35 -42.61
N SER L 129 -44.75 0.09 -42.82
CA SER L 129 -45.18 -1.02 -43.65
C SER L 129 -45.77 -0.52 -44.96
N PRO L 130 -45.05 -0.72 -46.08
CA PRO L 130 -45.57 -0.35 -47.40
C PRO L 130 -46.84 -1.13 -47.73
N ALA L 131 -46.92 -2.38 -47.28
CA ALA L 131 -48.07 -3.22 -47.61
C ALA L 131 -49.34 -2.63 -47.00
N LEU L 132 -49.22 -2.10 -45.78
CA LEU L 132 -50.36 -1.58 -45.04
C LEU L 132 -50.48 -0.06 -45.09
N ASN L 133 -49.49 0.62 -45.69
CA ASN L 133 -49.33 2.08 -45.53
C ASN L 133 -49.52 2.47 -44.06
N LYS L 134 -48.75 1.84 -43.19
CA LYS L 134 -48.95 1.97 -41.76
C LYS L 134 -47.63 2.12 -41.03
N MET L 135 -47.50 3.15 -40.21
CA MET L 135 -46.34 3.30 -39.36
C MET L 135 -46.59 2.60 -38.02
N PHE L 136 -45.59 1.86 -37.55
CA PHE L 136 -45.62 1.24 -36.24
C PHE L 136 -44.50 1.89 -35.45
N CYS L 137 -44.82 2.47 -34.29
CA CYS L 137 -43.80 3.19 -33.54
C CYS L 137 -44.02 3.12 -32.04
N GLN L 138 -42.98 3.42 -31.27
CA GLN L 138 -43.11 3.44 -29.81
C GLN L 138 -43.46 4.85 -29.33
N LEU L 139 -44.09 4.91 -28.15
CA LEU L 139 -44.51 6.16 -27.54
C LEU L 139 -43.33 7.09 -27.29
N ALA L 140 -43.45 8.33 -27.76
CA ALA L 140 -42.44 9.37 -27.56
C ALA L 140 -41.15 9.20 -28.35
N LYS L 141 -41.05 8.15 -29.16
CA LYS L 141 -39.87 7.92 -29.97
C LYS L 141 -39.95 8.69 -31.27
N THR L 142 -38.78 8.95 -31.85
CA THR L 142 -38.67 9.69 -33.11
C THR L 142 -39.30 8.92 -34.26
N CYS L 143 -40.20 9.58 -34.99
CA CYS L 143 -40.79 8.98 -36.19
C CYS L 143 -40.51 9.87 -37.40
N PRO L 144 -39.51 9.50 -38.21
CA PRO L 144 -39.15 10.34 -39.36
C PRO L 144 -40.16 10.18 -40.48
N VAL L 145 -40.64 11.29 -40.99
CA VAL L 145 -41.49 11.28 -42.17
C VAL L 145 -40.85 12.19 -43.21
N GLN L 146 -40.62 11.66 -44.41
CA GLN L 146 -40.01 12.45 -45.48
C GLN L 146 -41.06 13.14 -46.33
N LEU L 147 -40.84 14.42 -46.62
CA LEU L 147 -41.68 15.15 -47.55
C LEU L 147 -40.95 15.25 -48.90
N TRP L 148 -41.58 14.70 -49.93
CA TRP L 148 -41.04 14.78 -51.28
C TRP L 148 -41.93 15.68 -52.12
N VAL L 149 -41.30 16.54 -52.92
CA VAL L 149 -42.04 17.37 -53.88
C VAL L 149 -41.32 17.39 -55.21
N ASP L 150 -42.08 17.52 -56.30
CA ASP L 150 -41.50 17.62 -57.63
C ASP L 150 -40.91 19.02 -57.85
N SER L 151 -41.56 20.02 -57.30
CA SER L 151 -41.04 21.39 -57.33
C SER L 151 -41.28 22.10 -56.00
N THR L 152 -40.46 23.11 -55.74
CA THR L 152 -40.44 23.78 -54.44
C THR L 152 -41.60 24.74 -54.26
N PRO L 153 -42.40 24.54 -53.20
CA PRO L 153 -43.51 25.42 -52.84
C PRO L 153 -42.96 26.76 -52.38
N PRO L 154 -43.78 27.83 -52.44
CA PRO L 154 -43.33 29.17 -52.07
C PRO L 154 -42.93 29.28 -50.61
N PRO L 155 -42.04 30.22 -50.28
CA PRO L 155 -41.75 30.57 -48.88
C PRO L 155 -43.03 30.92 -48.15
N GLY L 156 -43.16 30.45 -46.91
CA GLY L 156 -44.38 30.66 -46.15
C GLY L 156 -45.25 29.43 -46.16
N THR L 157 -44.92 28.48 -47.03
CA THR L 157 -45.61 27.19 -47.06
C THR L 157 -45.39 26.46 -45.74
N ARG L 158 -46.45 25.87 -45.20
CA ARG L 158 -46.36 25.15 -43.94
C ARG L 158 -46.76 23.68 -44.07
N VAL L 159 -46.32 22.87 -43.12
CA VAL L 159 -46.65 21.45 -43.08
C VAL L 159 -47.39 21.14 -41.81
N ARG L 160 -48.62 20.62 -41.94
CA ARG L 160 -49.45 20.33 -40.79
C ARG L 160 -49.68 18.82 -40.63
N ALA L 161 -49.72 18.35 -39.38
CA ALA L 161 -50.08 16.97 -39.07
C ALA L 161 -51.26 16.92 -38.12
N MET L 162 -52.20 16.03 -38.40
CA MET L 162 -53.40 15.86 -37.62
C MET L 162 -53.76 14.37 -37.59
N ALA L 163 -54.19 13.88 -36.43
CA ALA L 163 -54.68 12.51 -36.34
C ALA L 163 -56.21 12.49 -36.38
N ILE L 164 -56.77 11.47 -37.02
CA ILE L 164 -58.19 11.16 -36.88
C ILE L 164 -58.34 9.65 -36.70
N TYR L 165 -59.42 9.23 -36.05
CA TYR L 165 -59.74 7.81 -35.99
C TYR L 165 -60.07 7.29 -37.40
N LYS L 166 -59.56 6.09 -37.70
CA LYS L 166 -59.73 5.49 -39.02
C LYS L 166 -61.15 4.91 -39.22
N GLN L 167 -61.69 4.26 -38.20
CA GLN L 167 -63.03 3.68 -38.27
C GLN L 167 -64.09 4.78 -38.38
N SER L 168 -64.99 4.65 -39.35
CA SER L 168 -65.98 5.68 -39.64
C SER L 168 -66.83 6.12 -38.44
N GLN L 169 -67.19 5.19 -37.56
CA GLN L 169 -68.02 5.56 -36.43
C GLN L 169 -67.29 6.40 -35.37
N HIS L 170 -65.96 6.39 -35.42
CA HIS L 170 -65.17 7.15 -34.45
C HIS L 170 -64.63 8.45 -35.06
N MET L 171 -64.86 8.64 -36.36
CA MET L 171 -64.21 9.73 -37.09
C MET L 171 -64.46 11.11 -36.51
N THR L 172 -65.64 11.33 -35.94
CA THR L 172 -65.98 12.64 -35.40
C THR L 172 -65.38 12.88 -34.01
N GLU L 173 -64.84 11.84 -33.39
CA GLU L 173 -64.22 12.00 -32.08
C GLU L 173 -62.81 12.55 -32.20
N VAL L 174 -62.55 13.66 -31.53
CA VAL L 174 -61.21 14.25 -31.54
C VAL L 174 -60.19 13.28 -30.95
N VAL L 175 -59.10 13.06 -31.68
CA VAL L 175 -58.00 12.24 -31.16
C VAL L 175 -57.20 13.07 -30.16
N ARG L 176 -57.08 12.60 -28.94
CA ARG L 176 -56.33 13.32 -27.92
C ARG L 176 -55.61 12.36 -26.99
N ARG L 177 -54.73 12.87 -26.16
CA ARG L 177 -54.03 12.02 -25.20
C ARG L 177 -54.94 11.53 -24.12
N CYS L 178 -54.62 10.40 -23.50
CA CYS L 178 -55.44 9.87 -22.42
C CYS L 178 -55.25 10.70 -21.16
N PRO L 179 -56.12 10.48 -20.16
CA PRO L 179 -56.08 11.27 -18.92
C PRO L 179 -54.77 11.09 -18.19
N HIS L 180 -54.22 9.89 -18.17
CA HIS L 180 -52.94 9.65 -17.50
C HIS L 180 -51.77 10.39 -18.15
N HIS L 181 -51.55 10.15 -19.43
CA HIS L 181 -50.45 10.82 -20.11
C HIS L 181 -50.61 12.35 -20.18
N GLU L 182 -51.86 12.81 -20.32
CA GLU L 182 -52.20 14.23 -20.27
C GLU L 182 -51.67 14.88 -18.98
N ARG L 183 -51.74 14.12 -17.89
CA ARG L 183 -51.41 14.65 -16.56
C ARG L 183 -49.94 14.47 -16.20
N CYS L 184 -49.30 13.47 -16.79
CA CYS L 184 -47.91 13.20 -16.45
C CYS L 184 -47.04 14.37 -16.92
N SER L 185 -45.83 14.47 -16.38
CA SER L 185 -45.02 15.66 -16.57
C SER L 185 -43.99 15.50 -17.68
N ASP L 186 -44.47 15.37 -18.91
CA ASP L 186 -43.57 15.07 -20.02
C ASP L 186 -43.55 16.11 -21.13
N SER L 187 -44.22 17.24 -20.91
CA SER L 187 -44.22 18.32 -21.90
C SER L 187 -42.80 18.80 -22.17
N ASP L 188 -42.52 19.09 -23.44
CA ASP L 188 -41.18 19.52 -23.85
C ASP L 188 -41.03 21.03 -23.77
N GLY L 189 -41.99 21.70 -23.13
CA GLY L 189 -41.96 23.14 -23.00
C GLY L 189 -42.64 23.84 -24.16
N LEU L 190 -42.89 23.09 -25.23
CA LEU L 190 -43.51 23.66 -26.43
C LEU L 190 -44.91 23.12 -26.66
N ALA L 191 -45.08 21.80 -26.50
CA ALA L 191 -46.35 21.15 -26.83
C ALA L 191 -47.33 21.15 -25.66
N PRO L 192 -48.59 21.50 -25.93
CA PRO L 192 -49.63 21.37 -24.90
C PRO L 192 -49.76 19.91 -24.49
N PRO L 193 -50.13 19.66 -23.22
CA PRO L 193 -50.10 18.31 -22.63
C PRO L 193 -51.07 17.33 -23.30
N GLN L 194 -52.14 17.86 -23.89
CA GLN L 194 -53.17 16.98 -24.44
C GLN L 194 -52.99 16.64 -25.92
N HIS L 195 -51.99 17.21 -26.57
CA HIS L 195 -51.73 16.91 -27.97
C HIS L 195 -51.06 15.55 -28.13
N LEU L 196 -51.66 14.70 -28.96
CA LEU L 196 -51.05 13.40 -29.29
C LEU L 196 -49.76 13.56 -30.05
N ILE L 197 -49.80 14.39 -31.08
CA ILE L 197 -48.68 14.48 -32.03
C ILE L 197 -47.81 15.70 -31.78
N ARG L 198 -46.53 15.46 -31.61
CA ARG L 198 -45.55 16.53 -31.43
C ARG L 198 -44.52 16.49 -32.56
N VAL L 199 -43.93 17.64 -32.86
CA VAL L 199 -42.75 17.66 -33.71
C VAL L 199 -41.54 17.85 -32.80
N GLU L 200 -40.50 17.05 -32.98
CA GLU L 200 -39.30 17.25 -32.18
C GLU L 200 -38.23 18.01 -32.95
N GLY L 201 -37.46 18.84 -32.24
CA GLY L 201 -36.34 19.53 -32.83
C GLY L 201 -36.69 20.64 -33.79
N ASN L 202 -37.74 21.38 -33.49
CA ASN L 202 -38.12 22.54 -34.30
C ASN L 202 -38.69 23.67 -33.47
N LEU L 203 -37.90 24.74 -33.31
CA LEU L 203 -38.28 25.88 -32.50
C LEU L 203 -39.48 26.64 -33.07
N ARG L 204 -39.73 26.48 -34.36
CA ARG L 204 -40.81 27.22 -35.01
C ARG L 204 -42.11 26.43 -35.07
N VAL L 205 -42.20 25.38 -34.27
CA VAL L 205 -43.39 24.55 -34.23
C VAL L 205 -44.55 25.33 -33.64
N GLU L 206 -45.74 25.18 -34.21
CA GLU L 206 -46.95 25.71 -33.60
C GLU L 206 -47.98 24.62 -33.33
N TYR L 207 -48.63 24.70 -32.18
CA TYR L 207 -49.70 23.77 -31.87
C TYR L 207 -51.05 24.47 -31.91
N LEU L 208 -51.97 23.92 -32.68
CA LEU L 208 -53.28 24.53 -32.82
C LEU L 208 -54.39 23.72 -32.19
N ASP L 209 -55.27 24.40 -31.50
CA ASP L 209 -56.51 23.80 -31.01
C ASP L 209 -57.64 24.54 -31.70
N ASP L 210 -58.13 23.97 -32.80
CA ASP L 210 -59.06 24.66 -33.69
C ASP L 210 -60.35 25.03 -32.96
N ARG L 211 -60.69 26.32 -33.00
CA ARG L 211 -61.84 26.82 -32.25
C ARG L 211 -63.17 26.32 -32.81
N ASN L 212 -63.20 25.97 -34.09
CA ASN L 212 -64.44 25.57 -34.74
C ASN L 212 -64.60 24.06 -34.81
N THR L 213 -63.52 23.34 -35.10
CA THR L 213 -63.57 21.89 -35.26
C THR L 213 -63.13 21.14 -34.00
N PHE L 214 -62.41 21.84 -33.12
CA PHE L 214 -61.89 21.26 -31.88
C PHE L 214 -60.73 20.30 -32.11
N ARG L 215 -60.24 20.25 -33.34
CA ARG L 215 -59.15 19.34 -33.69
C ARG L 215 -57.81 19.88 -33.22
N HIS L 216 -56.92 18.99 -32.79
CA HIS L 216 -55.54 19.39 -32.51
C HIS L 216 -54.73 19.21 -33.75
N SER L 217 -53.73 20.07 -33.96
CA SER L 217 -52.75 19.83 -35.02
C SER L 217 -51.43 20.51 -34.71
N VAL L 218 -50.39 20.04 -35.35
CA VAL L 218 -49.06 20.58 -35.16
C VAL L 218 -48.50 20.97 -36.54
N VAL L 219 -48.01 22.21 -36.63
CA VAL L 219 -47.57 22.79 -37.89
C VAL L 219 -46.16 23.36 -37.79
N VAL L 220 -45.37 23.14 -38.83
CA VAL L 220 -44.05 23.75 -38.94
C VAL L 220 -43.88 24.36 -40.32
N PRO L 221 -42.97 25.34 -40.46
CA PRO L 221 -42.69 25.90 -41.79
C PRO L 221 -42.05 24.83 -42.68
N TYR L 222 -42.48 24.76 -43.93
CA TYR L 222 -41.82 23.89 -44.89
C TYR L 222 -40.44 24.45 -45.24
N GLU L 223 -39.41 23.62 -45.13
CA GLU L 223 -38.02 24.02 -45.45
C GLU L 223 -37.55 23.23 -46.67
N PRO L 224 -37.23 23.90 -47.79
CA PRO L 224 -36.80 23.22 -48.99
C PRO L 224 -35.53 22.41 -48.72
N PRO L 225 -35.33 21.26 -49.39
CA PRO L 225 -34.11 20.49 -49.20
C PRO L 225 -32.90 21.29 -49.71
N GLU L 226 -31.73 21.09 -49.12
CA GLU L 226 -30.50 21.75 -49.62
C GLU L 226 -30.44 21.47 -51.11
N VAL L 227 -30.10 22.47 -51.94
CA VAL L 227 -30.16 22.24 -53.42
C VAL L 227 -29.41 20.96 -53.78
N GLY L 228 -28.48 20.51 -52.93
CA GLY L 228 -27.83 19.21 -53.15
C GLY L 228 -28.47 18.11 -52.33
N SER L 229 -29.81 18.03 -52.29
CA SER L 229 -30.53 17.00 -51.49
C SER L 229 -31.87 16.64 -52.15
N ASP L 230 -32.53 15.58 -51.67
CA ASP L 230 -33.76 15.08 -52.34
C ASP L 230 -35.05 15.33 -51.55
N CYS L 231 -35.01 15.36 -50.22
CA CYS L 231 -36.29 15.44 -49.46
C CYS L 231 -36.13 16.17 -48.12
N THR L 232 -37.25 16.58 -47.55
CA THR L 232 -37.23 17.19 -46.24
C THR L 232 -37.83 16.21 -45.22
N THR L 233 -37.11 15.99 -44.12
CA THR L 233 -37.58 15.07 -43.10
C THR L 233 -38.14 15.82 -41.90
N ILE L 234 -39.33 15.43 -41.46
CA ILE L 234 -39.90 15.95 -40.23
C ILE L 234 -39.97 14.82 -39.22
N HIS L 235 -39.70 15.13 -37.96
CA HIS L 235 -39.64 14.13 -36.92
C HIS L 235 -40.79 14.29 -35.95
N TYR L 236 -41.72 13.33 -36.00
CA TYR L 236 -42.89 13.37 -35.12
C TYR L 236 -42.68 12.47 -33.91
N ASN L 237 -43.37 12.81 -32.83
CA ASN L 237 -43.47 11.94 -31.66
C ASN L 237 -44.94 11.69 -31.37
N TYR L 238 -45.30 10.44 -31.08
CA TYR L 238 -46.67 10.14 -30.70
C TYR L 238 -46.70 9.84 -29.22
N MET L 239 -47.53 10.57 -28.47
CA MET L 239 -47.41 10.63 -27.03
C MET L 239 -48.38 9.76 -26.23
N CYS L 240 -49.13 8.89 -26.91
CA CYS L 240 -49.90 7.81 -26.25
C CYS L 240 -49.76 6.57 -27.11
N ASN L 241 -49.89 5.41 -26.47
CA ASN L 241 -50.06 4.16 -27.20
C ASN L 241 -51.45 4.08 -27.78
N SER L 242 -51.61 3.37 -28.89
CA SER L 242 -52.92 3.17 -29.48
C SER L 242 -53.88 2.55 -28.45
N SER L 243 -53.32 1.79 -27.51
CA SER L 243 -54.10 1.07 -26.51
C SER L 243 -54.49 1.87 -25.27
N CYS L 244 -54.04 3.12 -25.15
CA CYS L 244 -54.25 3.89 -23.92
C CYS L 244 -55.74 3.98 -23.60
N MET L 245 -56.12 3.48 -22.42
CA MET L 245 -57.52 3.52 -22.03
C MET L 245 -57.91 4.96 -21.71
N GLY L 246 -59.10 5.36 -22.11
CA GLY L 246 -59.53 6.74 -21.96
C GLY L 246 -58.98 7.64 -23.06
N GLY L 247 -58.15 7.06 -23.92
CA GLY L 247 -57.59 7.80 -25.04
C GLY L 247 -57.96 7.11 -26.34
N MET L 248 -56.95 6.75 -27.13
CA MET L 248 -57.25 6.03 -28.37
C MET L 248 -57.91 4.65 -28.11
N ASN L 249 -57.70 4.10 -26.92
CA ASN L 249 -58.44 2.91 -26.48
C ASN L 249 -58.48 1.82 -27.53
N ARG L 250 -57.33 1.55 -28.13
CA ARG L 250 -57.15 0.48 -29.10
C ARG L 250 -57.78 0.73 -30.47
N ARG L 251 -58.22 1.96 -30.72
CA ARG L 251 -58.73 2.31 -32.04
C ARG L 251 -57.60 2.81 -32.94
N PRO L 252 -57.51 2.27 -34.16
CA PRO L 252 -56.51 2.73 -35.14
C PRO L 252 -56.74 4.19 -35.53
N ILE L 253 -55.66 4.93 -35.80
CA ILE L 253 -55.76 6.28 -36.28
C ILE L 253 -55.05 6.45 -37.62
N LEU L 254 -55.39 7.53 -38.32
CA LEU L 254 -54.62 7.98 -39.46
C LEU L 254 -53.91 9.25 -39.06
N THR L 255 -52.71 9.44 -39.58
CA THR L 255 -52.09 10.75 -39.53
C THR L 255 -52.27 11.39 -40.90
N ILE L 256 -52.82 12.60 -40.91
CA ILE L 256 -53.00 13.34 -42.17
C ILE L 256 -51.96 14.45 -42.26
N ILE L 257 -51.11 14.40 -43.28
CA ILE L 257 -50.11 15.44 -43.47
C ILE L 257 -50.54 16.37 -44.59
N THR L 258 -50.72 17.65 -44.28
CA THR L 258 -51.11 18.61 -45.31
C THR L 258 -50.05 19.67 -45.61
N LEU L 259 -49.84 19.91 -46.90
CA LEU L 259 -48.99 21.01 -47.34
C LEU L 259 -49.92 22.19 -47.50
N GLU L 260 -49.62 23.29 -46.80
CA GLU L 260 -50.48 24.46 -46.84
C GLU L 260 -49.70 25.74 -47.16
N ASP L 261 -50.38 26.72 -47.72
CA ASP L 261 -49.75 28.03 -47.86
C ASP L 261 -49.83 28.76 -46.52
N SER L 262 -49.27 29.97 -46.50
CA SER L 262 -49.23 30.79 -45.29
C SER L 262 -50.57 30.90 -44.57
N SER L 263 -51.65 30.77 -45.33
CA SER L 263 -52.98 31.11 -44.84
C SER L 263 -53.78 29.91 -44.39
N GLY L 264 -53.28 28.72 -44.75
CA GLY L 264 -53.98 27.48 -44.44
C GLY L 264 -54.64 26.87 -45.66
N ASN L 265 -54.28 27.37 -46.85
CA ASN L 265 -54.86 26.86 -48.09
C ASN L 265 -54.20 25.56 -48.55
N LEU L 266 -55.05 24.62 -48.94
CA LEU L 266 -54.62 23.26 -49.27
C LEU L 266 -53.74 23.22 -50.51
N LEU L 267 -52.48 22.85 -50.32
CA LEU L 267 -51.56 22.70 -51.43
C LEU L 267 -51.37 21.22 -51.79
N GLY L 268 -51.49 20.36 -50.79
CA GLY L 268 -51.33 18.93 -50.98
C GLY L 268 -51.69 18.18 -49.72
N ARG L 269 -51.96 16.88 -49.86
CA ARG L 269 -52.34 16.05 -48.73
C ARG L 269 -51.93 14.61 -48.93
N ASN L 270 -51.45 13.99 -47.87
CA ASN L 270 -51.15 12.57 -47.84
C ASN L 270 -51.47 12.05 -46.44
N SER L 271 -51.50 10.73 -46.28
CA SER L 271 -51.86 10.16 -44.99
C SER L 271 -51.29 8.78 -44.83
N PHE L 272 -51.20 8.33 -43.59
CA PHE L 272 -50.82 6.97 -43.30
C PHE L 272 -51.45 6.53 -42.01
N GLU L 273 -51.64 5.23 -41.85
CA GLU L 273 -52.17 4.70 -40.60
C GLU L 273 -51.05 4.63 -39.58
N VAL L 274 -51.39 4.75 -38.30
CA VAL L 274 -50.40 4.66 -37.24
C VAL L 274 -50.87 3.74 -36.11
N ARG L 275 -49.96 2.87 -35.68
CA ARG L 275 -50.12 2.12 -34.46
C ARG L 275 -48.97 2.49 -33.51
N VAL L 276 -49.32 3.05 -32.36
CA VAL L 276 -48.28 3.34 -31.37
C VAL L 276 -48.35 2.21 -30.37
N CYS L 277 -47.25 1.52 -30.19
CA CYS L 277 -47.24 0.27 -29.43
C CYS L 277 -45.87 -0.03 -28.85
N ALA L 278 -45.80 -0.99 -27.92
CA ALA L 278 -44.55 -1.33 -27.26
C ALA L 278 -43.59 -2.10 -28.17
N CYS L 279 -44.14 -2.93 -29.06
CA CYS L 279 -43.30 -3.78 -29.91
C CYS L 279 -43.64 -3.62 -31.40
N PRO L 280 -43.17 -2.53 -32.02
CA PRO L 280 -43.53 -2.22 -33.42
C PRO L 280 -43.20 -3.36 -34.41
N GLY L 281 -42.02 -3.97 -34.29
CA GLY L 281 -41.63 -5.05 -35.18
C GLY L 281 -42.53 -6.28 -35.05
N ARG L 282 -42.78 -6.69 -33.82
CA ARG L 282 -43.70 -7.80 -33.57
C ARG L 282 -45.07 -7.50 -34.20
N ASP L 283 -45.60 -6.31 -33.89
CA ASP L 283 -46.96 -6.00 -34.31
C ASP L 283 -47.08 -5.80 -35.81
N ARG L 284 -46.05 -5.22 -36.42
CA ARG L 284 -46.04 -5.08 -37.88
C ARG L 284 -46.06 -6.44 -38.57
N ARG L 285 -45.23 -7.36 -38.10
CA ARG L 285 -45.21 -8.69 -38.72
C ARG L 285 -46.53 -9.42 -38.54
N THR L 286 -47.14 -9.28 -37.37
CA THR L 286 -48.45 -9.90 -37.12
C THR L 286 -49.51 -9.39 -38.08
N GLU L 287 -49.63 -8.07 -38.24
CA GLU L 287 -50.64 -7.52 -39.14
C GLU L 287 -50.36 -7.88 -40.60
N GLU L 288 -49.09 -7.93 -40.98
CA GLU L 288 -48.74 -8.31 -42.35
C GLU L 288 -49.07 -9.78 -42.63
N GLU L 289 -48.76 -10.66 -41.68
CA GLU L 289 -49.18 -12.05 -41.75
C GLU L 289 -50.69 -12.19 -41.90
N ASN L 290 -51.43 -11.42 -41.11
CA ASN L 290 -52.90 -11.52 -41.11
C ASN L 290 -53.54 -11.08 -42.42
N LEU L 291 -52.74 -10.43 -43.26
CA LEU L 291 -53.19 -9.99 -44.58
C LEU L 291 -53.47 -11.23 -45.42
N ARG L 292 -52.72 -12.28 -45.16
CA ARG L 292 -52.87 -13.55 -45.85
C ARG L 292 -54.02 -14.38 -45.27
N LYS L 293 -54.64 -13.88 -44.22
CA LYS L 293 -55.72 -14.60 -43.55
C LYS L 293 -57.07 -13.92 -43.78
N SER M 96 -31.12 25.59 -31.29
CA SER M 96 -30.83 26.68 -32.21
C SER M 96 -32.04 26.91 -33.11
N SER M 97 -32.17 28.13 -33.62
CA SER M 97 -33.26 28.48 -34.52
C SER M 97 -33.00 27.90 -35.91
N SER M 98 -31.75 27.54 -36.17
CA SER M 98 -31.35 27.10 -37.50
C SER M 98 -30.39 25.92 -37.46
N VAL M 99 -30.09 25.38 -38.64
CA VAL M 99 -29.09 24.34 -38.79
C VAL M 99 -28.09 24.77 -39.85
N PRO M 100 -26.80 24.79 -39.49
CA PRO M 100 -25.76 25.15 -40.46
C PRO M 100 -25.75 24.17 -41.62
N SER M 101 -25.62 24.68 -42.85
CA SER M 101 -25.46 23.82 -44.01
C SER M 101 -24.21 22.96 -43.87
N GLN M 102 -24.27 21.73 -44.38
CA GLN M 102 -23.11 20.85 -44.34
C GLN M 102 -22.64 20.48 -45.74
N LYS M 103 -23.29 21.04 -46.75
CA LYS M 103 -22.92 20.78 -48.14
C LYS M 103 -21.46 21.10 -48.47
N THR M 104 -20.76 20.11 -49.01
CA THR M 104 -19.42 20.32 -49.49
C THR M 104 -19.43 21.38 -50.58
N TYR M 105 -18.52 22.33 -50.47
CA TYR M 105 -18.42 23.44 -51.43
C TYR M 105 -16.96 23.83 -51.53
N GLN M 106 -16.29 23.37 -52.59
CA GLN M 106 -14.87 23.65 -52.75
C GLN M 106 -14.63 25.11 -53.12
N GLY M 107 -15.61 25.72 -53.78
CA GLY M 107 -15.59 27.14 -54.08
C GLY M 107 -14.49 27.56 -55.03
N SER M 108 -14.27 28.87 -55.14
CA SER M 108 -13.33 29.42 -56.11
C SER M 108 -11.89 28.99 -55.87
N TYR M 109 -11.56 28.72 -54.61
CA TYR M 109 -10.18 28.43 -54.25
C TYR M 109 -9.85 26.93 -54.20
N GLY M 110 -10.83 26.10 -54.55
CA GLY M 110 -10.64 24.66 -54.60
C GLY M 110 -10.30 24.08 -53.23
N PHE M 111 -11.13 24.43 -52.24
CA PHE M 111 -10.87 24.12 -50.85
C PHE M 111 -11.19 22.67 -50.57
N ARG M 112 -10.19 21.93 -50.04
CA ARG M 112 -10.36 20.53 -49.67
C ARG M 112 -9.73 20.29 -48.31
N LEU M 113 -10.14 19.21 -47.64
CA LEU M 113 -9.50 18.81 -46.40
C LEU M 113 -8.60 17.61 -46.64
N GLY M 114 -7.58 17.46 -45.82
CA GLY M 114 -6.73 16.28 -45.86
C GLY M 114 -6.46 15.81 -44.43
N PHE M 115 -6.06 14.56 -44.28
CA PHE M 115 -5.82 14.00 -42.95
C PHE M 115 -4.60 13.08 -42.97
N LEU M 116 -3.96 12.91 -41.82
CA LEU M 116 -2.79 12.05 -41.71
C LEU M 116 -3.16 10.57 -41.89
N HIS M 117 -2.17 9.73 -42.16
CA HIS M 117 -2.39 8.32 -42.46
C HIS M 117 -2.31 7.39 -41.25
N SER M 118 -2.44 7.94 -40.05
CA SER M 118 -2.37 7.15 -38.83
C SER M 118 -3.12 5.83 -38.98
N GLY M 119 -2.54 4.75 -38.46
CA GLY M 119 -3.17 3.45 -38.51
C GLY M 119 -4.24 3.27 -37.44
N THR M 120 -4.57 2.02 -37.11
CA THR M 120 -5.68 1.73 -36.20
C THR M 120 -5.23 0.97 -34.94
N ALA M 121 -4.14 1.40 -34.33
CA ALA M 121 -3.59 0.59 -33.22
C ALA M 121 -4.04 1.08 -31.85
N LYS M 122 -3.53 0.42 -30.82
CA LYS M 122 -3.81 0.89 -29.44
C LYS M 122 -2.77 1.97 -29.15
N SER M 123 -3.12 2.98 -28.37
CA SER M 123 -2.24 4.15 -28.11
C SER M 123 -2.33 5.12 -29.30
N VAL M 124 -3.33 4.95 -30.18
CA VAL M 124 -3.55 5.92 -31.30
C VAL M 124 -4.45 7.04 -30.77
N THR M 125 -3.98 8.28 -30.81
CA THR M 125 -4.75 9.40 -30.29
C THR M 125 -5.65 10.06 -31.33
N CYS M 126 -5.33 9.90 -32.62
CA CYS M 126 -6.14 10.47 -33.69
C CYS M 126 -5.93 9.71 -34.98
N THR M 127 -7.00 9.12 -35.51
CA THR M 127 -6.93 8.38 -36.75
C THR M 127 -8.17 8.64 -37.60
N TYR M 128 -7.96 8.81 -38.89
CA TYR M 128 -9.00 9.16 -39.83
C TYR M 128 -9.36 7.98 -40.72
N SER M 129 -10.66 7.79 -40.93
CA SER M 129 -11.15 6.73 -41.79
C SER M 129 -11.67 7.31 -43.12
N PRO M 130 -10.95 7.07 -44.23
CA PRO M 130 -11.41 7.51 -45.56
C PRO M 130 -12.74 6.82 -45.95
N ALA M 131 -12.91 5.57 -45.52
CA ALA M 131 -14.10 4.81 -45.87
C ALA M 131 -15.35 5.47 -45.29
N LEU M 132 -15.21 6.00 -44.08
CA LEU M 132 -16.34 6.58 -43.35
C LEU M 132 -16.33 8.11 -43.37
N ASN M 133 -15.28 8.71 -43.92
CA ASN M 133 -15.01 10.15 -43.75
C ASN M 133 -15.24 10.55 -42.30
N LYS M 134 -14.56 9.85 -41.39
CA LYS M 134 -14.78 10.01 -39.96
C LYS M 134 -13.46 10.02 -39.19
N MET M 135 -13.28 11.03 -38.36
CA MET M 135 -12.12 11.11 -37.50
C MET M 135 -12.44 10.42 -36.18
N PHE M 136 -11.49 9.64 -35.69
CA PHE M 136 -11.62 8.99 -34.38
C PHE M 136 -10.48 9.55 -33.55
N CYS M 137 -10.78 10.14 -32.40
CA CYS M 137 -9.74 10.80 -31.63
C CYS M 137 -9.99 10.73 -30.12
N GLN M 138 -8.93 10.93 -29.35
CA GLN M 138 -9.09 10.96 -27.90
C GLN M 138 -9.35 12.38 -27.40
N LEU M 139 -9.98 12.48 -26.24
CA LEU M 139 -10.34 13.75 -25.63
C LEU M 139 -9.09 14.58 -25.37
N ALA M 140 -9.13 15.84 -25.80
CA ALA M 140 -8.06 16.80 -25.56
C ALA M 140 -6.72 16.44 -26.23
N LYS M 141 -6.75 15.49 -27.15
CA LYS M 141 -5.56 15.17 -27.95
C LYS M 141 -5.55 15.97 -29.25
N THR M 142 -4.35 16.14 -29.81
CA THR M 142 -4.16 16.88 -31.05
C THR M 142 -4.81 16.18 -32.23
N CYS M 143 -5.65 16.90 -32.96
CA CYS M 143 -6.25 16.38 -34.18
C CYS M 143 -5.89 17.25 -35.37
N PRO M 144 -4.89 16.83 -36.14
CA PRO M 144 -4.44 17.63 -37.28
C PRO M 144 -5.43 17.54 -38.43
N VAL M 145 -5.85 18.68 -38.94
CA VAL M 145 -6.67 18.75 -40.13
C VAL M 145 -5.94 19.63 -41.14
N GLN M 146 -5.75 19.11 -42.35
CA GLN M 146 -5.04 19.85 -43.39
C GLN M 146 -6.02 20.60 -44.26
N LEU M 147 -5.72 21.87 -44.51
CA LEU M 147 -6.47 22.66 -45.47
C LEU M 147 -5.71 22.70 -46.79
N TRP M 148 -6.35 22.22 -47.86
CA TRP M 148 -5.77 22.27 -49.20
C TRP M 148 -6.56 23.24 -50.06
N VAL M 149 -5.86 24.07 -50.84
CA VAL M 149 -6.51 24.96 -51.79
C VAL M 149 -5.76 24.95 -53.13
N ASP M 150 -6.48 25.12 -54.22
CA ASP M 150 -5.86 25.20 -55.54
C ASP M 150 -5.19 26.55 -55.72
N SER M 151 -5.79 27.60 -55.16
CA SER M 151 -5.16 28.92 -55.17
C SER M 151 -5.38 29.66 -53.86
N THR M 152 -4.49 30.61 -53.57
CA THR M 152 -4.46 31.26 -52.27
C THR M 152 -5.55 32.31 -52.09
N PRO M 153 -6.38 32.13 -51.04
CA PRO M 153 -7.44 33.09 -50.70
C PRO M 153 -6.81 34.39 -50.20
N PRO M 154 -7.55 35.51 -50.30
CA PRO M 154 -7.02 36.82 -49.89
C PRO M 154 -6.66 36.88 -48.41
N PRO M 155 -5.72 37.76 -48.06
CA PRO M 155 -5.41 38.08 -46.66
C PRO M 155 -6.68 38.52 -45.94
N GLY M 156 -6.89 38.03 -44.72
CA GLY M 156 -8.10 38.33 -43.98
C GLY M 156 -9.05 37.16 -44.02
N THR M 157 -8.76 36.19 -44.88
CA THR M 157 -9.55 34.96 -44.94
C THR M 157 -9.43 34.21 -43.62
N ARG M 158 -10.54 33.68 -43.13
CA ARG M 158 -10.53 32.96 -41.87
C ARG M 158 -11.02 31.52 -42.02
N VAL M 159 -10.64 30.67 -41.07
CA VAL M 159 -11.06 29.27 -41.05
C VAL M 159 -11.84 28.99 -39.79
N ARG M 160 -13.09 28.56 -39.97
CA ARG M 160 -13.99 28.32 -38.83
C ARG M 160 -14.35 26.84 -38.72
N ALA M 161 -14.41 26.36 -37.48
CA ALA M 161 -14.87 25.01 -37.18
C ALA M 161 -16.07 25.05 -36.25
N MET M 162 -17.08 24.23 -36.57
CA MET M 162 -18.31 24.13 -35.80
C MET M 162 -18.76 22.67 -35.79
N ALA M 163 -19.29 22.20 -34.66
CA ALA M 163 -19.87 20.86 -34.58
C ALA M 163 -21.39 20.94 -34.64
N ILE M 164 -22.02 19.99 -35.33
CA ILE M 164 -23.45 19.75 -35.21
C ILE M 164 -23.72 18.26 -35.03
N TYR M 165 -24.86 17.92 -34.45
CA TYR M 165 -25.26 16.51 -34.39
C TYR M 165 -25.55 16.02 -35.81
N LYS M 166 -25.13 14.79 -36.10
CA LYS M 166 -25.32 14.21 -37.43
C LYS M 166 -26.77 13.77 -37.67
N GLN M 167 -27.38 13.15 -36.66
CA GLN M 167 -28.75 12.65 -36.79
C GLN M 167 -29.74 13.81 -36.91
N SER M 168 -30.61 13.76 -37.92
CA SER M 168 -31.50 14.87 -38.22
C SER M 168 -32.34 15.36 -37.04
N GLN M 169 -32.80 14.46 -36.18
CA GLN M 169 -33.66 14.88 -35.08
C GLN M 169 -32.89 15.65 -33.99
N HIS M 170 -31.56 15.56 -34.02
CA HIS M 170 -30.76 16.24 -33.02
C HIS M 170 -30.08 17.48 -33.60
N MET M 171 -30.25 17.70 -34.89
CA MET M 171 -29.53 18.76 -35.58
C MET M 171 -29.70 20.15 -34.97
N THR M 172 -30.87 20.44 -34.44
CA THR M 172 -31.14 21.77 -33.88
C THR M 172 -30.56 21.93 -32.47
N GLU M 173 -30.11 20.85 -31.86
CA GLU M 173 -29.52 20.95 -30.53
C GLU M 173 -28.06 21.39 -30.62
N VAL M 174 -27.73 22.48 -29.94
CA VAL M 174 -26.37 22.99 -29.94
C VAL M 174 -25.41 21.96 -29.33
N VAL M 175 -24.31 21.70 -30.02
CA VAL M 175 -23.30 20.78 -29.50
C VAL M 175 -22.46 21.55 -28.49
N ARG M 176 -22.40 21.04 -27.26
CA ARG M 176 -21.62 21.70 -26.21
C ARG M 176 -21.00 20.67 -25.27
N ARG M 177 -20.10 21.12 -24.40
CA ARG M 177 -19.49 20.22 -23.43
C ARG M 177 -20.53 19.79 -22.37
N CYS M 178 -20.35 18.58 -21.83
CA CYS M 178 -21.21 18.09 -20.75
C CYS M 178 -20.93 18.89 -19.47
N PRO M 179 -21.84 18.79 -18.49
CA PRO M 179 -21.75 19.57 -17.25
C PRO M 179 -20.47 19.30 -16.46
N HIS M 180 -19.99 18.06 -16.48
CA HIS M 180 -18.77 17.75 -15.77
C HIS M 180 -17.54 18.44 -16.38
N HIS M 181 -17.33 18.26 -17.68
CA HIS M 181 -16.15 18.85 -18.32
C HIS M 181 -16.24 20.37 -18.40
N GLU M 182 -17.45 20.87 -18.51
CA GLU M 182 -17.68 22.29 -18.46
C GLU M 182 -17.16 22.89 -17.15
N ARG M 183 -17.26 22.11 -16.07
CA ARG M 183 -16.92 22.60 -14.73
C ARG M 183 -15.48 22.33 -14.34
N CYS M 184 -14.89 21.28 -14.92
CA CYS M 184 -13.53 20.91 -14.55
C CYS M 184 -12.57 22.01 -14.98
N SER M 185 -11.37 22.02 -14.42
CA SER M 185 -10.48 23.14 -14.58
C SER M 185 -9.43 22.93 -15.67
N ASP M 186 -9.89 22.86 -16.91
CA ASP M 186 -8.99 22.50 -18.00
C ASP M 186 -8.88 23.55 -19.10
N SER M 187 -9.46 24.73 -18.87
CA SER M 187 -9.37 25.80 -19.85
C SER M 187 -7.91 26.18 -20.09
N ASP M 188 -7.58 26.48 -21.34
CA ASP M 188 -6.21 26.81 -21.72
C ASP M 188 -5.94 28.30 -21.61
N GLY M 189 -6.88 29.03 -21.01
CA GLY M 189 -6.76 30.46 -20.86
C GLY M 189 -7.36 31.21 -22.02
N LEU M 190 -7.63 30.49 -23.11
CA LEU M 190 -8.16 31.11 -24.32
C LEU M 190 -9.59 30.67 -24.61
N ALA M 191 -9.85 29.38 -24.46
CA ALA M 191 -11.16 28.82 -24.80
C ALA M 191 -12.16 28.89 -23.65
N PRO M 192 -13.40 29.31 -23.94
CA PRO M 192 -14.48 29.24 -22.94
C PRO M 192 -14.70 27.79 -22.54
N PRO M 193 -15.12 27.56 -21.28
CA PRO M 193 -15.20 26.20 -20.71
C PRO M 193 -16.23 25.32 -21.41
N GLN M 194 -17.24 25.90 -22.03
CA GLN M 194 -18.33 25.11 -22.63
C GLN M 194 -18.13 24.75 -24.10
N HIS M 195 -17.06 25.24 -24.71
CA HIS M 195 -16.80 24.96 -26.12
C HIS M 195 -16.22 23.57 -26.29
N LEU M 196 -16.85 22.77 -27.14
CA LEU M 196 -16.32 21.44 -27.45
C LEU M 196 -15.00 21.51 -28.21
N ILE M 197 -14.96 22.37 -29.22
CA ILE M 197 -13.82 22.38 -30.14
C ILE M 197 -12.87 23.55 -29.86
N ARG M 198 -11.61 23.21 -29.62
CA ARG M 198 -10.56 24.20 -29.43
C ARG M 198 -9.53 24.09 -30.55
N VAL M 199 -8.81 25.19 -30.79
CA VAL M 199 -7.64 25.13 -31.65
C VAL M 199 -6.42 25.27 -30.73
N GLU M 200 -5.46 24.37 -30.86
CA GLU M 200 -4.27 24.49 -30.04
C GLU M 200 -3.14 25.17 -30.78
N GLY M 201 -2.34 25.94 -30.05
CA GLY M 201 -1.15 26.55 -30.62
C GLY M 201 -1.41 27.70 -31.57
N ASN M 202 -2.42 28.51 -31.28
CA ASN M 202 -2.68 29.69 -32.09
C ASN M 202 -3.19 30.86 -31.27
N LEU M 203 -2.33 31.86 -31.07
CA LEU M 203 -2.65 33.03 -30.27
C LEU M 203 -3.77 33.87 -30.85
N ARG M 204 -4.02 33.74 -32.15
CA ARG M 204 -5.03 34.55 -32.81
C ARG M 204 -6.38 33.85 -32.92
N VAL M 205 -6.54 32.77 -32.14
CA VAL M 205 -7.80 32.04 -32.11
C VAL M 205 -8.92 32.90 -31.51
N GLU M 206 -10.10 32.83 -32.11
CA GLU M 206 -11.29 33.46 -31.54
C GLU M 206 -12.39 32.43 -31.30
N TYR M 207 -13.08 32.55 -30.19
CA TYR M 207 -14.21 31.69 -29.90
C TYR M 207 -15.49 32.49 -29.96
N LEU M 208 -16.44 32.02 -30.76
CA LEU M 208 -17.69 32.74 -30.92
C LEU M 208 -18.88 31.98 -30.32
N ASP M 209 -19.73 32.72 -29.63
CA ASP M 209 -21.01 32.20 -29.19
C ASP M 209 -22.08 33.03 -29.90
N ASP M 210 -22.56 32.51 -31.02
CA ASP M 210 -23.45 33.25 -31.91
C ASP M 210 -24.73 33.71 -31.22
N ARG M 211 -24.97 35.02 -31.23
CA ARG M 211 -26.10 35.59 -30.52
C ARG M 211 -27.45 35.19 -31.11
N ASN M 212 -27.46 34.87 -32.40
CA ASN M 212 -28.70 34.55 -33.10
C ASN M 212 -28.98 33.05 -33.18
N THR M 213 -27.93 32.26 -33.42
CA THR M 213 -28.08 30.83 -33.62
C THR M 213 -27.73 30.04 -32.36
N PHE M 214 -27.00 30.68 -31.46
CA PHE M 214 -26.56 30.07 -30.21
C PHE M 214 -25.45 29.01 -30.42
N ARG M 215 -24.94 28.92 -31.64
CA ARG M 215 -23.91 27.95 -31.98
C ARG M 215 -22.53 28.41 -31.48
N HIS M 216 -21.72 27.46 -31.02
CA HIS M 216 -20.33 27.75 -30.71
C HIS M 216 -19.48 27.52 -31.95
N SER M 217 -18.42 28.30 -32.11
CA SER M 217 -17.44 28.01 -33.16
C SER M 217 -16.08 28.60 -32.81
N VAL M 218 -15.06 28.08 -33.46
CA VAL M 218 -13.71 28.53 -33.23
C VAL M 218 -13.09 28.88 -34.57
N VAL M 219 -12.50 30.07 -34.62
CA VAL M 219 -12.01 30.64 -35.87
C VAL M 219 -10.56 31.10 -35.73
N VAL M 220 -9.76 30.83 -36.76
CA VAL M 220 -8.41 31.35 -36.84
C VAL M 220 -8.17 31.96 -38.21
N PRO M 221 -7.20 32.87 -38.32
CA PRO M 221 -6.84 33.42 -39.64
C PRO M 221 -6.25 32.33 -40.53
N TYR M 222 -6.66 32.30 -41.79
CA TYR M 222 -6.05 31.39 -42.74
C TYR M 222 -4.62 31.86 -43.04
N GLU M 223 -3.68 30.93 -43.03
CA GLU M 223 -2.30 31.22 -43.40
C GLU M 223 -1.89 30.31 -44.54
N PRO M 224 -1.38 30.78 -45.70
CA PRO M 224 -0.93 29.87 -46.75
C PRO M 224 0.06 28.81 -46.25
N PRO M 225 0.18 27.65 -46.93
CA PRO M 225 1.06 26.58 -46.46
C PRO M 225 2.52 27.00 -46.23
N GLU M 226 3.18 26.34 -45.29
CA GLU M 226 4.60 26.65 -45.00
C GLU M 226 5.51 26.14 -46.13
N VAL M 227 6.69 26.73 -46.26
CA VAL M 227 7.67 26.27 -47.28
C VAL M 227 7.92 24.76 -47.03
N GLY M 228 7.71 23.95 -48.05
CA GLY M 228 7.86 22.49 -47.91
C GLY M 228 6.54 21.74 -47.93
N SER M 229 5.41 22.45 -47.85
CA SER M 229 4.08 21.78 -47.78
C SER M 229 3.10 22.35 -48.79
N ASP M 230 2.17 21.53 -49.27
CA ASP M 230 1.10 22.00 -50.17
C ASP M 230 -0.20 22.18 -49.37
N CYS M 231 -0.11 22.11 -48.04
CA CYS M 231 -1.30 22.30 -47.21
C CYS M 231 -0.98 23.02 -45.89
N THR M 232 -1.98 23.75 -45.38
CA THR M 232 -1.92 24.36 -44.05
C THR M 232 -2.60 23.43 -43.05
N THR M 233 -1.92 23.15 -41.94
CA THR M 233 -2.45 22.26 -40.93
C THR M 233 -2.99 23.04 -39.74
N ILE M 234 -4.22 22.72 -39.34
CA ILE M 234 -4.78 23.27 -38.10
C ILE M 234 -4.93 22.14 -37.09
N HIS M 235 -4.66 22.45 -35.84
CA HIS M 235 -4.71 21.44 -34.80
C HIS M 235 -5.88 21.66 -33.86
N TYR M 236 -6.85 20.78 -33.94
CA TYR M 236 -8.04 20.87 -33.11
C TYR M 236 -7.92 19.95 -31.92
N ASN M 237 -8.61 20.30 -30.84
CA ASN M 237 -8.79 19.46 -29.67
C ASN M 237 -10.29 19.31 -29.44
N TYR M 238 -10.76 18.10 -29.15
CA TYR M 238 -12.16 17.89 -28.81
C TYR M 238 -12.24 17.58 -27.32
N MET M 239 -13.07 18.32 -26.59
CA MET M 239 -12.95 18.40 -25.14
C MET M 239 -14.02 17.61 -24.35
N CYS M 240 -14.77 16.76 -25.06
CA CYS M 240 -15.66 15.77 -24.46
C CYS M 240 -15.64 14.53 -25.31
N ASN M 241 -15.81 13.37 -24.68
CA ASN M 241 -16.03 12.13 -25.42
C ASN M 241 -17.43 12.16 -26.03
N SER M 242 -17.60 11.49 -27.17
CA SER M 242 -18.93 11.37 -27.77
C SER M 242 -19.94 10.83 -26.74
N SER M 243 -19.45 10.00 -25.82
CA SER M 243 -20.29 9.33 -24.83
C SER M 243 -20.65 10.15 -23.59
N CYS M 244 -20.08 11.34 -23.42
CA CYS M 244 -20.34 12.14 -22.22
C CYS M 244 -21.83 12.30 -21.92
N MET M 245 -22.26 11.85 -20.75
CA MET M 245 -23.66 11.96 -20.39
C MET M 245 -23.96 13.43 -20.08
N GLY M 246 -25.13 13.90 -20.50
CA GLY M 246 -25.44 15.31 -20.37
C GLY M 246 -24.81 16.18 -21.44
N GLY M 247 -24.02 15.55 -22.31
CA GLY M 247 -23.37 16.27 -23.40
C GLY M 247 -23.75 15.62 -24.72
N MET M 248 -22.77 15.17 -25.48
CA MET M 248 -23.09 14.49 -26.74
C MET M 248 -23.85 13.18 -26.50
N ASN M 249 -23.70 12.62 -25.31
CA ASN M 249 -24.51 11.48 -24.89
C ASN M 249 -24.61 10.37 -25.95
N ARG M 250 -23.46 10.05 -26.56
CA ARG M 250 -23.33 8.97 -27.52
C ARG M 250 -23.92 9.25 -28.90
N ARG M 251 -24.25 10.50 -29.18
CA ARG M 251 -24.72 10.88 -30.50
C ARG M 251 -23.54 11.35 -31.34
N PRO M 252 -23.45 10.83 -32.58
CA PRO M 252 -22.38 11.23 -33.51
C PRO M 252 -22.52 12.70 -33.89
N ILE M 253 -21.38 13.35 -34.12
CA ILE M 253 -21.37 14.72 -34.60
C ILE M 253 -20.61 14.86 -35.92
N LEU M 254 -20.84 15.97 -36.61
CA LEU M 254 -20.04 16.37 -37.75
C LEU M 254 -19.26 17.60 -37.36
N THR M 255 -18.03 17.69 -37.85
CA THR M 255 -17.33 18.94 -37.75
C THR M 255 -17.44 19.61 -39.12
N ILE M 256 -17.89 20.85 -39.13
CA ILE M 256 -17.98 21.61 -40.38
C ILE M 256 -16.87 22.67 -40.43
N ILE M 257 -15.98 22.54 -41.39
CA ILE M 257 -14.84 23.49 -41.54
C ILE M 257 -15.18 24.45 -42.67
N THR M 258 -15.33 25.74 -42.35
CA THR M 258 -15.71 26.75 -43.37
C THR M 258 -14.55 27.73 -43.64
N LEU M 259 -14.24 27.98 -44.91
CA LEU M 259 -13.27 29.03 -45.28
C LEU M 259 -14.12 30.28 -45.48
N GLU M 260 -13.90 31.32 -44.67
CA GLU M 260 -14.79 32.52 -44.74
C GLU M 260 -13.99 33.79 -44.96
N ASP M 261 -14.67 34.88 -45.31
CA ASP M 261 -13.98 36.19 -45.48
C ASP M 261 -14.03 36.95 -44.15
N SER M 262 -13.62 38.22 -44.16
CA SER M 262 -13.69 39.05 -42.93
C SER M 262 -15.15 39.21 -42.48
N SER M 263 -16.06 39.42 -43.43
CA SER M 263 -17.50 39.60 -43.11
C SER M 263 -18.20 38.24 -42.98
N GLY M 264 -17.43 37.17 -42.73
CA GLY M 264 -18.02 35.83 -42.54
C GLY M 264 -18.74 35.29 -43.77
N ASN M 265 -18.52 35.89 -44.93
CA ASN M 265 -19.13 35.38 -46.19
C ASN M 265 -18.49 34.04 -46.57
N LEU M 266 -19.22 33.19 -47.28
CA LEU M 266 -18.74 31.81 -47.55
C LEU M 266 -17.81 31.70 -48.77
N LEU M 267 -16.61 31.16 -48.56
CA LEU M 267 -15.66 30.94 -49.68
C LEU M 267 -15.54 29.43 -49.90
N GLY M 268 -15.79 28.60 -48.87
CA GLY M 268 -15.73 27.17 -49.09
C GLY M 268 -16.19 26.41 -47.85
N ARG M 269 -16.55 25.15 -48.02
CA ARG M 269 -17.02 24.34 -46.90
C ARG M 269 -16.70 22.87 -47.10
N ASN M 270 -16.27 22.23 -46.03
CA ASN M 270 -16.06 20.79 -46.01
C ASN M 270 -16.48 20.27 -44.62
N SER M 271 -16.61 18.96 -44.47
CA SER M 271 -17.01 18.42 -43.18
C SER M 271 -16.55 16.98 -43.03
N PHE M 272 -16.52 16.51 -41.79
CA PHE M 272 -16.21 15.12 -41.51
C PHE M 272 -16.91 14.70 -40.23
N GLU M 273 -17.20 13.41 -40.11
CA GLU M 273 -17.78 12.90 -38.87
C GLU M 273 -16.69 12.77 -37.82
N VAL M 274 -17.07 12.91 -36.56
CA VAL M 274 -16.14 12.74 -35.45
C VAL M 274 -16.67 11.82 -34.36
N ARG M 275 -15.83 10.90 -33.92
CA ARG M 275 -16.07 10.16 -32.69
C ARG M 275 -14.94 10.44 -31.71
N VAL M 276 -15.26 11.04 -30.57
CA VAL M 276 -14.26 11.24 -29.55
C VAL M 276 -14.42 10.10 -28.56
N CYS M 277 -13.35 9.35 -28.33
CA CYS M 277 -13.45 8.10 -27.58
C CYS M 277 -12.11 7.69 -26.99
N ALA M 278 -12.14 6.69 -26.12
CA ALA M 278 -10.95 6.25 -25.41
C ALA M 278 -10.02 5.42 -26.29
N CYS M 279 -10.60 4.64 -27.19
CA CYS M 279 -9.81 3.76 -28.06
C CYS M 279 -10.12 3.97 -29.56
N PRO M 280 -9.58 5.04 -30.16
CA PRO M 280 -9.84 5.37 -31.57
C PRO M 280 -9.55 4.24 -32.57
N GLY M 281 -8.41 3.57 -32.44
CA GLY M 281 -8.09 2.44 -33.31
C GLY M 281 -9.06 1.29 -33.21
N ARG M 282 -9.38 0.88 -31.98
CA ARG M 282 -10.39 -0.16 -31.77
C ARG M 282 -11.70 0.24 -32.44
N ASP M 283 -12.16 1.45 -32.15
CA ASP M 283 -13.49 1.85 -32.57
C ASP M 283 -13.54 2.07 -34.11
N ARG M 284 -12.45 2.57 -34.67
CA ARG M 284 -12.41 2.74 -36.13
C ARG M 284 -12.52 1.39 -36.84
N ARG M 285 -11.76 0.40 -36.36
CA ARG M 285 -11.82 -0.91 -36.99
C ARG M 285 -13.18 -1.56 -36.85
N THR M 286 -13.81 -1.36 -35.70
CA THR M 286 -15.15 -1.89 -35.48
C THR M 286 -16.14 -1.32 -36.50
N GLU M 287 -16.18 0.01 -36.63
CA GLU M 287 -17.15 0.63 -37.52
C GLU M 287 -16.84 0.31 -39.00
N GLU M 288 -15.57 0.18 -39.33
CA GLU M 288 -15.21 -0.24 -40.69
C GLU M 288 -15.65 -1.68 -40.99
N GLU M 289 -15.46 -2.58 -40.02
CA GLU M 289 -15.95 -3.95 -40.15
C GLU M 289 -17.47 -3.99 -40.32
N ASN M 290 -18.18 -3.19 -39.53
CA ASN M 290 -19.64 -3.19 -39.57
C ASN M 290 -20.20 -2.70 -40.90
N LEU M 291 -19.34 -2.08 -41.70
CA LEU M 291 -19.74 -1.61 -43.01
C LEU M 291 -20.08 -2.81 -43.90
N ARG M 292 -19.42 -3.93 -43.62
CA ARG M 292 -19.65 -5.18 -44.33
C ARG M 292 -20.85 -5.95 -43.78
N LYS M 293 -21.46 -5.42 -42.73
CA LYS M 293 -22.62 -6.06 -42.09
C LYS M 293 -23.90 -5.29 -42.33
N SER N 96 -14.91 18.64 3.99
CA SER N 96 -15.50 18.83 5.31
C SER N 96 -14.39 19.01 6.34
N SER N 97 -14.70 19.71 7.41
CA SER N 97 -13.74 19.94 8.48
C SER N 97 -13.54 18.68 9.30
N SER N 98 -14.49 17.75 9.19
CA SER N 98 -14.47 16.54 10.00
C SER N 98 -14.86 15.29 9.23
N VAL N 99 -14.74 14.15 9.90
CA VAL N 99 -15.20 12.89 9.36
C VAL N 99 -16.15 12.22 10.34
N PRO N 100 -17.35 11.86 9.86
CA PRO N 100 -18.30 11.20 10.77
C PRO N 100 -17.75 9.85 11.22
N SER N 101 -17.92 9.53 12.50
CA SER N 101 -17.55 8.20 12.99
C SER N 101 -18.35 7.12 12.25
N GLN N 102 -17.72 5.97 12.02
CA GLN N 102 -18.40 4.86 11.37
C GLN N 102 -18.50 3.64 12.29
N LYS N 103 -17.96 3.77 13.49
CA LYS N 103 -18.02 2.70 14.48
C LYS N 103 -19.43 2.15 14.76
N THR N 104 -19.59 0.84 14.59
CA THR N 104 -20.82 0.19 14.97
C THR N 104 -21.09 0.38 16.45
N TYR N 105 -22.32 0.75 16.77
CA TYR N 105 -22.72 1.03 18.15
C TYR N 105 -24.19 0.66 18.28
N GLN N 106 -24.46 -0.51 18.82
CA GLN N 106 -25.84 -0.96 18.96
C GLN N 106 -26.58 -0.15 20.02
N GLY N 107 -25.83 0.37 20.99
CA GLY N 107 -26.40 1.21 22.02
C GLY N 107 -27.44 0.55 22.93
N SER N 108 -28.15 1.36 23.70
CA SER N 108 -29.10 0.86 24.69
C SER N 108 -30.25 0.07 24.09
N TYR N 109 -30.63 0.42 22.87
CA TYR N 109 -31.81 -0.19 22.25
C TYR N 109 -31.49 -1.38 21.36
N GLY N 110 -30.23 -1.79 21.32
CA GLY N 110 -29.82 -2.95 20.55
C GLY N 110 -30.09 -2.75 19.06
N PHE N 111 -29.64 -1.62 18.55
CA PHE N 111 -29.95 -1.22 17.17
C PHE N 111 -29.08 -2.00 16.18
N ARG N 112 -29.73 -2.72 15.26
CA ARG N 112 -29.04 -3.47 14.19
C ARG N 112 -29.72 -3.20 12.86
N LEU N 113 -29.00 -3.42 11.76
CA LEU N 113 -29.60 -3.36 10.43
C LEU N 113 -29.89 -4.77 9.92
N GLY N 114 -30.89 -4.89 9.06
CA GLY N 114 -31.14 -6.12 8.32
C GLY N 114 -31.39 -5.80 6.86
N PHE N 115 -31.22 -6.81 5.99
CA PHE N 115 -31.41 -6.61 4.55
C PHE N 115 -32.14 -7.81 3.94
N LEU N 116 -32.84 -7.59 2.83
CA LEU N 116 -33.54 -8.67 2.14
C LEU N 116 -32.58 -9.70 1.51
N HIS N 117 -33.11 -10.87 1.16
CA HIS N 117 -32.28 -11.97 0.67
C HIS N 117 -32.13 -12.03 -0.86
N SER N 118 -32.39 -10.92 -1.53
CA SER N 118 -32.31 -10.88 -3.00
C SER N 118 -31.07 -11.63 -3.48
N GLY N 119 -31.24 -12.42 -4.54
CA GLY N 119 -30.12 -13.13 -5.13
C GLY N 119 -29.26 -12.23 -6.01
N THR N 120 -28.50 -12.84 -6.91
CA THR N 120 -27.59 -12.08 -7.73
C THR N 120 -27.88 -12.23 -9.22
N ALA N 121 -29.16 -12.25 -9.59
CA ALA N 121 -29.51 -12.14 -11.01
C ALA N 121 -28.85 -10.88 -11.51
N LYS N 122 -28.37 -10.93 -12.75
CA LYS N 122 -27.56 -9.89 -13.36
C LYS N 122 -27.98 -8.47 -13.00
N SER N 123 -29.27 -8.18 -13.14
CA SER N 123 -29.79 -6.82 -12.94
C SER N 123 -30.82 -6.72 -11.81
N VAL N 124 -30.69 -7.56 -10.79
CA VAL N 124 -31.53 -7.41 -9.61
C VAL N 124 -31.39 -5.95 -9.17
N THR N 125 -32.50 -5.32 -8.79
CA THR N 125 -32.52 -3.88 -8.49
C THR N 125 -31.69 -3.51 -7.25
N CYS N 126 -31.70 -4.38 -6.27
CA CYS N 126 -30.98 -4.13 -5.01
C CYS N 126 -30.67 -5.48 -4.36
N THR N 127 -29.39 -5.71 -4.10
CA THR N 127 -28.98 -6.96 -3.49
C THR N 127 -27.85 -6.72 -2.51
N TYR N 128 -27.95 -7.40 -1.38
CA TYR N 128 -27.01 -7.20 -0.29
C TYR N 128 -26.07 -8.39 -0.14
N SER N 129 -24.80 -8.11 0.11
CA SER N 129 -23.80 -9.13 0.30
C SER N 129 -23.36 -9.22 1.77
N PRO N 130 -23.77 -10.29 2.47
CA PRO N 130 -23.33 -10.49 3.85
C PRO N 130 -21.82 -10.65 3.94
N ALA N 131 -21.21 -11.25 2.92
CA ALA N 131 -19.78 -11.50 2.95
C ALA N 131 -19.01 -10.18 2.98
N LEU N 132 -19.50 -9.22 2.20
CA LEU N 132 -18.84 -7.92 2.04
C LEU N 132 -19.46 -6.82 2.91
N ASN N 133 -20.57 -7.11 3.59
CA ASN N 133 -21.42 -6.06 4.18
C ASN N 133 -21.60 -4.89 3.21
N LYS N 134 -22.06 -5.21 2.01
CA LYS N 134 -22.14 -4.24 0.92
C LYS N 134 -23.44 -4.39 0.15
N MET N 135 -24.13 -3.28 -0.03
CA MET N 135 -25.31 -3.24 -0.84
C MET N 135 -24.93 -2.90 -2.28
N PHE N 136 -25.53 -3.61 -3.23
CA PHE N 136 -25.35 -3.34 -4.66
C PHE N 136 -26.72 -2.96 -5.18
N CYS N 137 -26.86 -1.78 -5.78
CA CYS N 137 -28.19 -1.32 -6.18
C CYS N 137 -28.14 -0.43 -7.43
N GLN N 138 -29.27 -0.33 -8.12
CA GLN N 138 -29.35 0.53 -9.29
C GLN N 138 -29.76 1.96 -8.91
N LEU N 139 -29.37 2.90 -9.75
CA LEU N 139 -29.65 4.32 -9.53
C LEU N 139 -31.15 4.57 -9.43
N ALA N 140 -31.56 5.28 -8.38
CA ALA N 140 -32.94 5.69 -8.19
C ALA N 140 -33.90 4.55 -7.83
N LYS N 141 -33.40 3.32 -7.71
CA LYS N 141 -34.26 2.19 -7.37
C LYS N 141 -34.40 2.05 -5.85
N THR N 142 -35.46 1.36 -5.44
CA THR N 142 -35.75 1.19 -4.02
C THR N 142 -34.71 0.31 -3.35
N CYS N 143 -34.15 0.78 -2.24
CA CYS N 143 -33.21 0.00 -1.46
C CYS N 143 -33.71 -0.14 -0.04
N PRO N 144 -34.34 -1.28 0.28
CA PRO N 144 -34.91 -1.47 1.61
C PRO N 144 -33.82 -1.74 2.63
N VAL N 145 -33.88 -1.03 3.75
CA VAL N 145 -32.98 -1.28 4.87
C VAL N 145 -33.86 -1.47 6.11
N GLN N 146 -33.65 -2.58 6.80
CA GLN N 146 -34.46 -2.88 7.98
C GLN N 146 -33.79 -2.36 9.22
N LEU N 147 -34.56 -1.73 10.09
CA LEU N 147 -34.06 -1.31 11.39
C LEU N 147 -34.57 -2.30 12.44
N TRP N 148 -33.64 -2.93 13.15
CA TRP N 148 -34.00 -3.85 14.23
C TRP N 148 -33.56 -3.26 15.54
N VAL N 149 -34.42 -3.35 16.55
CA VAL N 149 -34.04 -2.95 17.90
C VAL N 149 -34.54 -3.97 18.93
N ASP N 150 -33.78 -4.14 20.00
CA ASP N 150 -34.18 -5.04 21.08
C ASP N 150 -35.31 -4.42 21.90
N SER N 151 -35.28 -3.11 22.08
CA SER N 151 -36.38 -2.40 22.71
C SER N 151 -36.67 -1.07 22.02
N THR N 152 -37.90 -0.60 22.17
CA THR N 152 -38.38 0.57 21.44
C THR N 152 -37.87 1.90 21.98
N PRO N 153 -37.17 2.67 21.13
CA PRO N 153 -36.66 4.01 21.49
C PRO N 153 -37.82 4.98 21.68
N PRO N 154 -37.60 6.05 22.45
CA PRO N 154 -38.68 6.99 22.74
C PRO N 154 -39.24 7.66 21.49
N PRO N 155 -40.51 8.09 21.55
CA PRO N 155 -41.10 8.97 20.54
C PRO N 155 -40.25 10.23 20.32
N GLY N 156 -40.07 10.63 19.06
CA GLY N 156 -39.18 11.73 18.74
C GLY N 156 -37.84 11.23 18.25
N THR N 157 -37.58 9.93 18.42
CA THR N 157 -36.34 9.32 17.91
C THR N 157 -36.31 9.43 16.38
N ARG N 158 -35.14 9.72 15.82
CA ARG N 158 -35.04 9.87 14.38
C ARG N 158 -34.01 8.91 13.78
N VAL N 159 -34.14 8.66 12.48
CA VAL N 159 -33.18 7.83 11.77
C VAL N 159 -32.52 8.62 10.67
N ARG N 160 -31.20 8.73 10.71
CA ARG N 160 -30.45 9.54 9.75
C ARG N 160 -29.54 8.66 8.88
N ALA N 161 -29.45 9.01 7.60
CA ALA N 161 -28.52 8.36 6.69
C ALA N 161 -27.55 9.38 6.09
N MET N 162 -26.29 9.01 6.02
CA MET N 162 -25.23 9.84 5.47
C MET N 162 -24.24 8.96 4.73
N ALA N 163 -23.77 9.40 3.57
CA ALA N 163 -22.69 8.72 2.87
C ALA N 163 -21.35 9.39 3.12
N ILE N 164 -20.29 8.58 3.21
CA ILE N 164 -18.93 9.08 3.18
C ILE N 164 -18.11 8.19 2.28
N TYR N 165 -17.00 8.71 1.75
CA TYR N 165 -16.07 7.88 1.00
C TYR N 165 -15.36 6.89 1.93
N LYS N 166 -15.20 5.66 1.47
CA LYS N 166 -14.64 4.60 2.29
C LYS N 166 -13.11 4.71 2.40
N GLN N 167 -12.46 5.07 1.29
CA GLN N 167 -11.00 5.23 1.27
C GLN N 167 -10.57 6.43 2.11
N SER N 168 -9.61 6.20 3.01
CA SER N 168 -9.22 7.24 3.97
C SER N 168 -8.82 8.58 3.34
N GLN N 169 -8.17 8.54 2.18
CA GLN N 169 -7.74 9.80 1.59
C GLN N 169 -8.89 10.63 1.01
N HIS N 170 -10.05 10.00 0.81
CA HIS N 170 -11.21 10.71 0.29
C HIS N 170 -12.22 11.06 1.38
N MET N 171 -11.97 10.57 2.59
CA MET N 171 -12.96 10.68 3.67
C MET N 171 -13.46 12.10 3.94
N THR N 172 -12.59 13.09 3.79
CA THR N 172 -12.97 14.47 4.07
C THR N 172 -13.77 15.11 2.93
N GLU N 173 -13.83 14.46 1.77
CA GLU N 173 -14.60 14.99 0.66
C GLU N 173 -16.08 14.66 0.80
N VAL N 174 -16.92 15.69 0.76
CA VAL N 174 -18.35 15.50 0.88
C VAL N 174 -18.87 14.67 -0.30
N VAL N 175 -19.64 13.64 0.01
CA VAL N 175 -20.27 12.84 -1.04
C VAL N 175 -21.49 13.60 -1.56
N ARG N 176 -21.52 13.85 -2.86
CA ARG N 176 -22.63 14.57 -3.46
C ARG N 176 -22.90 14.06 -4.88
N ARG N 177 -24.02 14.48 -5.47
CA ARG N 177 -24.34 14.08 -6.83
C ARG N 177 -23.40 14.73 -7.82
N CYS N 178 -23.22 14.07 -8.98
CA CYS N 178 -22.42 14.61 -10.06
C CYS N 178 -23.10 15.81 -10.73
N PRO N 179 -22.33 16.62 -11.46
CA PRO N 179 -22.89 17.84 -12.08
C PRO N 179 -24.04 17.52 -13.03
N HIS N 180 -23.96 16.40 -13.73
CA HIS N 180 -25.03 16.04 -14.64
C HIS N 180 -26.33 15.70 -13.93
N HIS N 181 -26.28 14.82 -12.94
CA HIS N 181 -27.51 14.40 -12.27
C HIS N 181 -28.05 15.51 -11.38
N GLU N 182 -27.15 16.32 -10.83
CA GLU N 182 -27.53 17.50 -10.07
C GLU N 182 -28.43 18.41 -10.91
N ARG N 183 -28.15 18.48 -12.21
CA ARG N 183 -28.84 19.41 -13.09
C ARG N 183 -30.08 18.82 -13.74
N CYS N 184 -30.11 17.50 -13.88
CA CYS N 184 -31.24 16.85 -14.53
C CYS N 184 -32.49 17.04 -13.68
N SER N 185 -33.65 16.85 -14.30
CA SER N 185 -34.91 17.23 -13.66
C SER N 185 -35.60 16.06 -12.99
N ASP N 186 -34.99 15.52 -11.93
CA ASP N 186 -35.50 14.29 -11.33
C ASP N 186 -35.87 14.43 -9.85
N SER N 187 -35.86 15.66 -9.34
CA SER N 187 -36.24 15.90 -7.95
C SER N 187 -37.68 15.46 -7.71
N ASP N 188 -37.93 14.85 -6.55
CA ASP N 188 -39.25 14.33 -6.22
C ASP N 188 -40.10 15.38 -5.52
N GLY N 189 -39.63 16.62 -5.54
CA GLY N 189 -40.35 17.72 -4.90
C GLY N 189 -39.95 17.90 -3.45
N LEU N 190 -39.27 16.89 -2.90
CA LEU N 190 -38.86 16.91 -1.51
C LEU N 190 -37.35 17.01 -1.36
N ALA N 191 -36.62 16.29 -2.19
CA ALA N 191 -35.17 16.23 -2.04
C ALA N 191 -34.44 17.32 -2.82
N PRO N 192 -33.42 17.92 -2.19
CA PRO N 192 -32.58 18.87 -2.95
C PRO N 192 -31.84 18.12 -4.05
N PRO N 193 -31.55 18.81 -5.17
CA PRO N 193 -31.00 18.17 -6.36
C PRO N 193 -29.61 17.59 -6.14
N GLN N 194 -28.87 18.09 -5.17
CA GLN N 194 -27.49 17.64 -4.99
C GLN N 194 -27.31 16.50 -3.99
N HIS N 195 -28.38 16.10 -3.33
CA HIS N 195 -28.31 15.03 -2.34
C HIS N 195 -28.23 13.67 -3.01
N LEU N 196 -27.21 12.89 -2.67
CA LEU N 196 -27.10 11.52 -3.17
C LEU N 196 -28.20 10.62 -2.64
N ILE N 197 -28.43 10.67 -1.35
CA ILE N 197 -29.37 9.73 -0.73
C ILE N 197 -30.73 10.33 -0.44
N ARG N 198 -31.77 9.71 -0.97
CA ARG N 198 -33.14 10.11 -0.69
C ARG N 198 -33.86 9.01 0.08
N VAL N 199 -34.90 9.39 0.79
CA VAL N 199 -35.85 8.40 1.31
C VAL N 199 -37.09 8.50 0.44
N GLU N 200 -37.60 7.35 0.00
CA GLU N 200 -38.85 7.40 -0.77
C GLU N 200 -40.04 7.04 0.10
N GLY N 201 -41.18 7.67 -0.20
CA GLY N 201 -42.44 7.34 0.46
C GLY N 201 -42.54 7.78 1.91
N ASN N 202 -41.99 8.95 2.21
CA ASN N 202 -42.12 9.49 3.57
C ASN N 202 -42.28 11.00 3.58
N LEU N 203 -43.48 11.47 3.87
CA LEU N 203 -43.78 12.89 3.86
C LEU N 203 -43.02 13.66 4.93
N ARG N 204 -42.55 12.97 5.96
CA ARG N 204 -41.89 13.65 7.07
C ARG N 204 -40.36 13.67 6.91
N VAL N 205 -39.89 13.38 5.71
CA VAL N 205 -38.46 13.35 5.44
C VAL N 205 -37.88 14.75 5.56
N GLU N 206 -36.70 14.85 6.15
CA GLU N 206 -35.97 16.11 6.14
C GLU N 206 -34.59 15.95 5.53
N TYR N 207 -34.18 16.93 4.74
CA TYR N 207 -32.85 16.91 4.15
C TYR N 207 -31.98 17.99 4.77
N LEU N 208 -30.83 17.59 5.30
CA LEU N 208 -29.98 18.54 5.97
C LEU N 208 -28.68 18.78 5.23
N ASP N 209 -28.31 20.05 5.14
CA ASP N 209 -27.01 20.45 4.63
C ASP N 209 -26.28 21.11 5.80
N ASP N 210 -25.45 20.35 6.49
CA ASP N 210 -24.88 20.78 7.76
C ASP N 210 -24.00 22.02 7.58
N ARG N 211 -24.30 23.07 8.34
CA ARG N 211 -23.62 24.35 8.18
C ARG N 211 -22.17 24.29 8.61
N ASN N 212 -21.85 23.38 9.50
CA ASN N 212 -20.50 23.28 10.05
C ASN N 212 -19.63 22.24 9.35
N THR N 213 -20.21 21.08 9.06
CA THR N 213 -19.48 19.99 8.42
C THR N 213 -19.64 19.94 6.90
N PHE N 214 -20.69 20.58 6.40
CA PHE N 214 -21.01 20.62 4.98
C PHE N 214 -21.54 19.27 4.46
N ARG N 215 -21.80 18.34 5.39
CA ARG N 215 -22.29 17.02 5.03
C ARG N 215 -23.79 17.04 4.71
N HIS N 216 -24.19 16.25 3.72
CA HIS N 216 -25.62 16.07 3.42
C HIS N 216 -26.12 14.89 4.25
N SER N 217 -27.36 14.96 4.69
CA SER N 217 -27.98 13.78 5.26
C SER N 217 -29.48 13.84 5.11
N VAL N 218 -30.11 12.69 5.26
CA VAL N 218 -31.56 12.59 5.14
C VAL N 218 -32.05 11.88 6.39
N VAL N 219 -33.07 12.46 7.02
CA VAL N 219 -33.56 11.99 8.31
C VAL N 219 -35.07 11.85 8.29
N VAL N 220 -35.56 10.79 8.91
CA VAL N 220 -36.99 10.56 9.08
C VAL N 220 -37.26 10.16 10.53
N PRO N 221 -38.51 10.34 11.00
CA PRO N 221 -38.86 9.90 12.35
C PRO N 221 -38.79 8.39 12.43
N TYR N 222 -38.29 7.85 13.53
CA TYR N 222 -38.33 6.42 13.73
C TYR N 222 -39.76 6.02 14.06
N GLU N 223 -40.24 4.95 13.44
CA GLU N 223 -41.55 4.38 13.78
C GLU N 223 -41.40 2.92 14.18
N PRO N 224 -41.89 2.55 15.38
CA PRO N 224 -41.76 1.14 15.78
C PRO N 224 -42.55 0.27 14.82
N PRO N 225 -42.31 -1.04 14.78
CA PRO N 225 -43.22 -1.90 14.01
C PRO N 225 -44.51 -2.16 14.83
N GLU N 226 -45.52 -2.72 14.21
CA GLU N 226 -46.72 -3.13 14.99
C GLU N 226 -46.30 -4.28 15.91
N VAL N 227 -46.94 -4.45 17.06
CA VAL N 227 -46.50 -5.45 18.08
C VAL N 227 -46.25 -6.83 17.46
N GLY N 228 -46.98 -7.20 16.42
CA GLY N 228 -46.64 -8.47 15.75
C GLY N 228 -45.31 -8.39 15.02
N SER N 229 -45.13 -7.41 14.13
CA SER N 229 -43.93 -7.28 13.26
C SER N 229 -42.63 -7.14 14.06
N ASP N 230 -41.49 -7.41 13.43
CA ASP N 230 -40.22 -7.44 14.22
C ASP N 230 -39.22 -6.35 13.79
N CYS N 231 -39.50 -5.60 12.74
CA CYS N 231 -38.55 -4.58 12.29
C CYS N 231 -39.24 -3.49 11.47
N THR N 232 -38.60 -2.32 11.39
CA THR N 232 -39.07 -1.19 10.59
C THR N 232 -38.19 -1.09 9.34
N THR N 233 -38.83 -0.94 8.19
CA THR N 233 -38.09 -0.81 6.93
C THR N 233 -38.08 0.61 6.41
N ILE N 234 -36.90 1.11 6.07
CA ILE N 234 -36.79 2.39 5.41
C ILE N 234 -36.33 2.15 3.97
N HIS N 235 -36.83 2.94 3.05
CA HIS N 235 -36.53 2.76 1.64
C HIS N 235 -35.70 3.91 1.11
N TYR N 236 -34.43 3.62 0.81
CA TYR N 236 -33.53 4.65 0.29
C TYR N 236 -33.42 4.57 -1.22
N ASN N 237 -33.12 5.71 -1.84
CA ASN N 237 -32.81 5.76 -3.25
C ASN N 237 -31.42 6.40 -3.38
N TYR N 238 -30.54 5.81 -4.16
CA TYR N 238 -29.25 6.44 -4.41
C TYR N 238 -29.26 7.06 -5.81
N MET N 239 -28.92 8.34 -5.91
CA MET N 239 -29.25 9.12 -7.12
C MET N 239 -28.10 9.39 -8.09
N CYS N 240 -26.97 8.71 -7.89
CA CYS N 240 -25.87 8.64 -8.86
C CYS N 240 -25.33 7.22 -8.84
N ASN N 241 -24.70 6.80 -9.93
CA ASN N 241 -23.89 5.60 -9.93
C ASN N 241 -22.56 5.87 -9.26
N SER N 242 -21.97 4.84 -8.66
CA SER N 242 -20.64 4.97 -8.06
C SER N 242 -19.65 5.53 -9.09
N SER N 243 -19.90 5.22 -10.36
CA SER N 243 -18.99 5.61 -11.45
C SER N 243 -19.15 7.02 -12.01
N CYS N 244 -20.20 7.75 -11.60
CA CYS N 244 -20.46 9.08 -12.18
C CYS N 244 -19.23 9.99 -12.12
N MET N 245 -18.79 10.47 -13.28
CA MET N 245 -17.62 11.33 -13.34
C MET N 245 -17.99 12.71 -12.78
N GLY N 246 -17.10 13.30 -12.01
CA GLY N 246 -17.38 14.56 -11.33
C GLY N 246 -18.18 14.36 -10.05
N GLY N 247 -18.53 13.11 -9.77
CA GLY N 247 -19.24 12.76 -8.55
C GLY N 247 -18.44 11.74 -7.77
N MET N 248 -19.04 10.59 -7.49
CA MET N 248 -18.32 9.56 -6.75
C MET N 248 -17.12 9.03 -7.56
N ASN N 249 -17.18 9.20 -8.88
CA ASN N 249 -16.03 8.92 -9.76
C ASN N 249 -15.36 7.58 -9.46
N ARG N 250 -16.18 6.55 -9.28
CA ARG N 250 -15.72 5.18 -9.05
C ARG N 250 -15.13 4.90 -7.67
N ARG N 251 -15.32 5.83 -6.74
CA ARG N 251 -14.85 5.62 -5.37
C ARG N 251 -15.97 4.99 -4.54
N PRO N 252 -15.65 3.91 -3.81
CA PRO N 252 -16.63 3.26 -2.94
C PRO N 252 -17.07 4.17 -1.80
N ILE N 253 -18.32 4.04 -1.38
CA ILE N 253 -18.83 4.80 -0.25
C ILE N 253 -19.39 3.90 0.83
N LEU N 254 -19.54 4.46 2.02
CA LEU N 254 -20.25 3.80 3.09
C LEU N 254 -21.51 4.60 3.34
N THR N 255 -22.59 3.91 3.65
CA THR N 255 -23.75 4.59 4.18
C THR N 255 -23.72 4.38 5.68
N ILE N 256 -23.81 5.48 6.44
CA ILE N 256 -23.87 5.42 7.89
C ILE N 256 -25.29 5.71 8.36
N ILE N 257 -25.89 4.76 9.07
CA ILE N 257 -27.25 4.93 9.58
C ILE N 257 -27.18 5.20 11.07
N THR N 258 -27.68 6.32 11.53
CA THR N 258 -27.66 6.60 12.96
C THR N 258 -29.07 6.75 13.54
N LEU N 259 -29.27 6.21 14.74
CA LEU N 259 -30.51 6.43 15.47
C LEU N 259 -30.28 7.60 16.44
N GLU N 260 -31.12 8.63 16.38
CA GLU N 260 -30.89 9.82 17.20
C GLU N 260 -32.12 10.14 18.02
N ASP N 261 -31.92 10.82 19.14
CA ASP N 261 -33.06 11.35 19.90
C ASP N 261 -33.53 12.64 19.23
N SER N 262 -34.53 13.27 19.82
CA SER N 262 -35.14 14.44 19.19
C SER N 262 -34.20 15.65 19.13
N SER N 263 -33.14 15.65 19.94
CA SER N 263 -32.14 16.71 19.85
C SER N 263 -31.03 16.39 18.85
N GLY N 264 -31.01 15.17 18.34
CA GLY N 264 -29.97 14.73 17.42
C GLY N 264 -28.80 14.07 18.11
N ASN N 265 -28.95 13.73 19.39
CA ASN N 265 -27.91 13.01 20.14
C ASN N 265 -27.88 11.55 19.74
N LEU N 266 -26.71 10.93 19.82
CA LEU N 266 -26.48 9.59 19.29
C LEU N 266 -27.11 8.49 20.14
N LEU N 267 -27.89 7.62 19.52
CA LEU N 267 -28.50 6.49 20.23
C LEU N 267 -27.91 5.16 19.74
N GLY N 268 -27.50 5.13 18.49
CA GLY N 268 -26.97 3.92 17.89
C GLY N 268 -26.46 4.22 16.51
N ARG N 269 -25.60 3.34 15.99
CA ARG N 269 -25.01 3.56 14.66
C ARG N 269 -24.65 2.23 14.01
N ASN N 270 -24.90 2.15 12.71
CA ASN N 270 -24.50 1.02 11.91
C ASN N 270 -24.09 1.53 10.53
N SER N 271 -23.47 0.69 9.73
CA SER N 271 -23.06 1.14 8.40
C SER N 271 -22.92 -0.03 7.44
N PHE N 272 -22.90 0.28 6.15
CA PHE N 272 -22.66 -0.72 5.14
C PHE N 272 -22.04 -0.04 3.92
N GLU N 273 -21.29 -0.79 3.14
CA GLU N 273 -20.72 -0.26 1.92
C GLU N 273 -21.81 -0.26 0.85
N VAL N 274 -21.68 0.65 -0.11
CA VAL N 274 -22.65 0.72 -1.20
C VAL N 274 -21.95 0.85 -2.54
N ARG N 275 -22.41 0.07 -3.52
CA ARG N 275 -22.05 0.28 -4.92
C ARG N 275 -23.32 0.54 -5.71
N VAL N 276 -23.41 1.73 -6.31
CA VAL N 276 -24.54 2.01 -7.17
C VAL N 276 -24.09 1.76 -8.60
N CYS N 277 -24.78 0.88 -9.31
CA CYS N 277 -24.28 0.40 -10.60
C CYS N 277 -25.42 -0.13 -11.45
N ALA N 278 -25.15 -0.35 -12.72
CA ALA N 278 -26.16 -0.82 -13.66
C ALA N 278 -26.53 -2.28 -13.45
N CYS N 279 -25.57 -3.11 -13.05
CA CYS N 279 -25.79 -4.55 -12.95
C CYS N 279 -25.38 -5.08 -11.57
N PRO N 280 -26.22 -4.85 -10.56
CA PRO N 280 -25.88 -5.22 -9.17
C PRO N 280 -25.51 -6.70 -9.00
N GLY N 281 -26.29 -7.62 -9.59
CA GLY N 281 -26.01 -9.04 -9.48
C GLY N 281 -24.66 -9.43 -10.08
N ARG N 282 -24.39 -8.95 -11.30
CA ARG N 282 -23.09 -9.19 -11.93
C ARG N 282 -21.96 -8.68 -11.04
N ASP N 283 -22.09 -7.45 -10.58
CA ASP N 283 -21.00 -6.81 -9.86
C ASP N 283 -20.81 -7.42 -8.47
N ARG N 284 -21.90 -7.83 -7.83
CA ARG N 284 -21.80 -8.49 -6.53
C ARG N 284 -21.05 -9.81 -6.66
N ARG N 285 -21.40 -10.61 -7.66
CA ARG N 285 -20.72 -11.89 -7.84
C ARG N 285 -19.23 -11.70 -8.18
N THR N 286 -18.94 -10.68 -8.97
CA THR N 286 -17.54 -10.39 -9.29
C THR N 286 -16.72 -10.05 -8.03
N GLU N 287 -17.22 -9.17 -7.19
CA GLU N 287 -16.48 -8.80 -5.98
C GLU N 287 -16.38 -9.96 -4.96
N GLU N 288 -17.44 -10.76 -4.86
CA GLU N 288 -17.39 -11.95 -3.98
C GLU N 288 -16.37 -12.99 -4.50
N GLU N 289 -16.32 -13.19 -5.81
CA GLU N 289 -15.34 -14.08 -6.40
C GLU N 289 -13.92 -13.61 -6.11
N ASN N 290 -13.70 -12.31 -6.28
CA ASN N 290 -12.38 -11.70 -6.03
C ASN N 290 -11.90 -11.79 -4.58
N LEU N 291 -12.81 -12.16 -3.69
CA LEU N 291 -12.46 -12.34 -2.28
C LEU N 291 -11.53 -13.55 -2.16
N ARG N 292 -11.73 -14.51 -3.07
CA ARG N 292 -10.94 -15.73 -3.10
C ARG N 292 -9.61 -15.50 -3.85
N LYS N 293 -9.42 -14.28 -4.35
CA LYS N 293 -8.21 -13.95 -5.10
C LYS N 293 -7.33 -12.98 -4.32
#